data_1EJ5
#
_entry.id   1EJ5
#
_cell.length_a   1.000
_cell.length_b   1.000
_cell.length_c   1.000
_cell.angle_alpha   90.00
_cell.angle_beta   90.00
_cell.angle_gamma   90.00
#
_symmetry.space_group_name_H-M   'P 1'
#
_entity_poly.entity_id   1
_entity_poly.type   'polypeptide(L)'
_entity_poly.pdbx_seq_one_letter_code
;SGFKHVSHVGWDPQNGFDVNNLDPDLRSLFSRAGISEAQLTDAETSKLIYDFIEDQGGLEAVRQEMRRQGGSGGSQSSEG
LVGALMHVMQKRSRAIHSSDEGEDQAG
;
_entity_poly.pdbx_strand_id   A
#
# COMPACT_ATOMS: atom_id res chain seq x y z
N SER A 1 -10.10 25.82 -10.75
CA SER A 1 -10.26 25.52 -9.31
C SER A 1 -11.21 24.35 -9.09
N GLY A 2 -10.87 23.48 -8.15
CA GLY A 2 -11.71 22.33 -7.86
C GLY A 2 -11.52 21.21 -8.87
N PHE A 3 -10.32 21.10 -9.40
CA PHE A 3 -10.00 20.06 -10.39
C PHE A 3 -9.57 18.78 -9.70
N LYS A 4 -10.00 17.64 -10.26
CA LYS A 4 -9.65 16.34 -9.70
C LYS A 4 -8.31 15.85 -10.25
N HIS A 5 -7.63 15.02 -9.48
CA HIS A 5 -6.34 14.47 -9.90
C HIS A 5 -6.33 12.95 -9.76
N VAL A 6 -6.04 12.27 -10.86
CA VAL A 6 -6.02 10.81 -10.87
C VAL A 6 -4.57 10.29 -10.92
N SER A 7 -4.27 9.35 -10.03
CA SER A 7 -2.94 8.77 -9.96
C SER A 7 -2.84 7.54 -10.87
N HIS A 8 -1.80 7.51 -11.70
CA HIS A 8 -1.60 6.41 -12.62
C HIS A 8 -1.10 5.16 -11.90
N VAL A 9 -2.04 4.46 -11.25
CA VAL A 9 -1.71 3.23 -10.53
C VAL A 9 -2.08 2.00 -11.37
N GLY A 10 -3.30 2.01 -11.90
CA GLY A 10 -3.75 0.91 -12.73
C GLY A 10 -3.99 -0.36 -11.94
N TRP A 11 -4.49 -0.23 -10.71
CA TRP A 11 -4.76 -1.39 -9.87
C TRP A 11 -6.19 -1.89 -10.12
N ASP A 12 -6.41 -3.18 -9.89
CA ASP A 12 -7.73 -3.77 -10.09
C ASP A 12 -8.57 -3.67 -8.82
N PRO A 13 -9.86 -3.32 -8.95
CA PRO A 13 -10.76 -3.19 -7.79
C PRO A 13 -11.30 -4.55 -7.32
N GLN A 14 -11.36 -5.50 -8.25
CA GLN A 14 -11.85 -6.84 -7.93
C GLN A 14 -10.71 -7.78 -7.61
N ASN A 15 -9.63 -7.68 -8.38
CA ASN A 15 -8.45 -8.52 -8.17
C ASN A 15 -7.49 -7.87 -7.19
N GLY A 16 -7.54 -6.54 -7.11
CA GLY A 16 -6.65 -5.82 -6.22
C GLY A 16 -5.43 -5.27 -6.92
N PHE A 17 -4.32 -5.18 -6.20
CA PHE A 17 -3.08 -4.68 -6.76
C PHE A 17 -2.34 -5.77 -7.53
N ASP A 18 -1.65 -5.38 -8.58
CA ASP A 18 -0.92 -6.34 -9.41
C ASP A 18 0.43 -6.67 -8.78
N VAL A 19 0.41 -7.15 -7.54
CA VAL A 19 1.63 -7.51 -6.83
C VAL A 19 2.55 -8.36 -7.70
N ASN A 20 1.96 -9.07 -8.66
CA ASN A 20 2.72 -9.93 -9.56
C ASN A 20 3.52 -9.10 -10.55
N ASN A 21 3.09 -7.86 -10.78
CA ASN A 21 3.77 -6.98 -11.72
C ASN A 21 4.04 -5.61 -11.10
N LEU A 22 4.04 -5.55 -9.77
CA LEU A 22 4.30 -4.29 -9.07
C LEU A 22 5.76 -3.88 -9.22
N ASP A 23 6.03 -2.60 -9.00
CA ASP A 23 7.38 -2.06 -9.12
C ASP A 23 8.16 -2.30 -7.82
N PRO A 24 9.46 -2.66 -7.93
CA PRO A 24 10.30 -2.92 -6.77
C PRO A 24 10.36 -1.74 -5.81
N ASP A 25 9.99 -0.56 -6.30
CA ASP A 25 10.00 0.64 -5.48
C ASP A 25 8.76 0.71 -4.60
N LEU A 26 7.59 0.72 -5.23
CA LEU A 26 6.33 0.79 -4.51
C LEU A 26 6.04 -0.52 -3.78
N ARG A 27 6.35 -1.63 -4.43
CA ARG A 27 6.12 -2.94 -3.82
C ARG A 27 6.93 -3.10 -2.54
N SER A 28 8.13 -2.54 -2.54
CA SER A 28 9.00 -2.59 -1.37
C SER A 28 8.36 -1.84 -0.21
N LEU A 29 7.67 -0.75 -0.51
CA LEU A 29 7.01 0.06 0.50
C LEU A 29 6.03 -0.80 1.31
N PHE A 30 5.07 -1.39 0.61
CA PHE A 30 4.07 -2.23 1.25
C PHE A 30 4.74 -3.27 2.16
N SER A 31 5.83 -3.85 1.67
CA SER A 31 6.58 -4.83 2.45
C SER A 31 7.11 -4.21 3.74
N ARG A 32 7.75 -3.05 3.59
CA ARG A 32 8.30 -2.35 4.75
C ARG A 32 7.20 -2.03 5.76
N ALA A 33 5.99 -1.79 5.26
CA ALA A 33 4.85 -1.50 6.12
C ALA A 33 4.21 -2.77 6.68
N GLY A 34 4.83 -3.92 6.41
CA GLY A 34 4.29 -5.17 6.90
C GLY A 34 3.03 -5.61 6.17
N ILE A 35 2.80 -5.03 5.00
CA ILE A 35 1.62 -5.37 4.19
C ILE A 35 1.90 -6.56 3.30
N SER A 36 1.13 -7.63 3.48
CA SER A 36 1.29 -8.85 2.70
C SER A 36 0.50 -8.77 1.39
N GLU A 37 0.92 -9.56 0.40
CA GLU A 37 0.25 -9.57 -0.89
C GLU A 37 -1.25 -9.82 -0.72
N ALA A 38 -1.60 -10.63 0.28
CA ALA A 38 -3.00 -10.94 0.55
C ALA A 38 -3.81 -9.66 0.71
N GLN A 39 -3.21 -8.65 1.31
CA GLN A 39 -3.86 -7.37 1.51
C GLN A 39 -3.86 -6.56 0.22
N LEU A 40 -2.77 -6.68 -0.54
CA LEU A 40 -2.65 -5.98 -1.81
C LEU A 40 -3.61 -6.55 -2.84
N THR A 41 -3.99 -7.81 -2.65
CA THR A 41 -4.91 -8.47 -3.58
C THR A 41 -6.35 -8.41 -3.07
N ASP A 42 -6.54 -7.93 -1.84
CA ASP A 42 -7.87 -7.82 -1.27
C ASP A 42 -8.56 -6.56 -1.76
N ALA A 43 -9.73 -6.72 -2.36
CA ALA A 43 -10.49 -5.58 -2.89
C ALA A 43 -10.67 -4.48 -1.84
N GLU A 44 -10.86 -4.89 -0.59
CA GLU A 44 -11.06 -3.93 0.49
C GLU A 44 -9.77 -3.20 0.85
N THR A 45 -8.75 -3.96 1.25
CA THR A 45 -7.47 -3.38 1.63
C THR A 45 -6.78 -2.76 0.43
N SER A 46 -7.03 -3.31 -0.75
CA SER A 46 -6.45 -2.79 -1.98
C SER A 46 -6.85 -1.34 -2.19
N LYS A 47 -8.13 -1.06 -1.96
CA LYS A 47 -8.67 0.30 -2.12
C LYS A 47 -7.97 1.29 -1.21
N LEU A 48 -7.92 0.98 0.08
CA LEU A 48 -7.31 1.89 1.05
C LEU A 48 -5.80 2.02 0.82
N ILE A 49 -5.17 0.95 0.36
CA ILE A 49 -3.74 0.96 0.12
C ILE A 49 -3.35 1.87 -1.06
N TYR A 50 -3.81 1.52 -2.26
CA TYR A 50 -3.47 2.31 -3.44
C TYR A 50 -3.80 3.78 -3.22
N ASP A 51 -4.90 4.04 -2.51
CA ASP A 51 -5.31 5.40 -2.20
C ASP A 51 -4.20 6.15 -1.48
N PHE A 52 -3.41 5.42 -0.70
CA PHE A 52 -2.30 6.02 0.02
C PHE A 52 -1.25 6.52 -0.97
N ILE A 53 -0.99 5.73 -2.01
CA ILE A 53 -0.04 6.12 -3.05
C ILE A 53 -0.41 7.47 -3.63
N GLU A 54 -1.71 7.79 -3.58
CA GLU A 54 -2.20 9.06 -4.10
C GLU A 54 -1.80 10.20 -3.16
N ASP A 55 -1.80 9.93 -1.87
CA ASP A 55 -1.43 10.93 -0.88
C ASP A 55 0.08 11.18 -0.90
N GLN A 56 0.82 10.18 -1.35
CA GLN A 56 2.28 10.28 -1.44
C GLN A 56 2.72 10.93 -2.75
N GLY A 57 1.75 11.47 -3.50
CA GLY A 57 2.07 12.10 -4.78
C GLY A 57 1.84 11.19 -5.96
N GLY A 58 1.08 10.11 -5.73
CA GLY A 58 0.79 9.18 -6.81
C GLY A 58 1.89 8.16 -7.02
N LEU A 59 1.61 7.17 -7.86
CA LEU A 59 2.57 6.11 -8.16
C LEU A 59 3.94 6.71 -8.53
N GLU A 60 3.92 7.78 -9.31
CA GLU A 60 5.16 8.42 -9.75
C GLU A 60 5.92 8.99 -8.56
N ALA A 61 5.18 9.47 -7.56
CA ALA A 61 5.80 10.05 -6.37
C ALA A 61 6.39 8.96 -5.47
N VAL A 62 5.78 7.79 -5.47
CA VAL A 62 6.25 6.68 -4.65
C VAL A 62 7.62 6.20 -5.15
N ARG A 63 7.65 5.69 -6.37
CA ARG A 63 8.92 5.26 -6.96
C ARG A 63 9.94 6.38 -6.89
N GLN A 64 9.47 7.61 -7.12
CA GLN A 64 10.32 8.79 -7.08
C GLN A 64 10.89 9.04 -5.68
N GLU A 65 10.01 9.09 -4.69
CA GLU A 65 10.43 9.36 -3.31
C GLU A 65 11.25 8.20 -2.75
N MET A 66 10.96 6.99 -3.19
CA MET A 66 11.69 5.81 -2.75
C MET A 66 13.17 5.98 -3.06
N ARG A 67 13.45 6.65 -4.18
CA ARG A 67 14.81 6.92 -4.60
C ARG A 67 15.42 8.06 -3.78
N ARG A 68 14.61 9.08 -3.54
CA ARG A 68 15.05 10.25 -2.77
C ARG A 68 15.19 9.92 -1.29
N GLN A 69 14.43 8.91 -0.85
CA GLN A 69 14.47 8.49 0.55
C GLN A 69 15.52 7.41 0.78
N GLY A 70 16.45 7.28 -0.16
CA GLY A 70 17.50 6.28 -0.02
C GLY A 70 18.88 6.90 0.10
N GLY A 71 18.92 8.18 0.45
CA GLY A 71 20.19 8.87 0.60
C GLY A 71 20.27 9.69 1.87
N SER A 72 19.28 10.56 2.08
CA SER A 72 19.22 11.39 3.28
C SER A 72 18.98 10.55 4.52
N GLY A 73 19.82 10.73 5.53
CA GLY A 73 19.67 9.97 6.76
C GLY A 73 19.87 8.48 6.54
N GLY A 74 20.78 7.89 7.28
CA GLY A 74 21.05 6.47 7.14
C GLY A 74 21.42 6.10 5.72
N SER A 75 20.50 5.40 5.04
CA SER A 75 20.72 4.99 3.66
C SER A 75 19.53 4.20 3.15
N GLN A 76 18.94 3.39 4.02
CA GLN A 76 17.80 2.57 3.67
C GLN A 76 16.52 3.41 3.54
N SER A 77 15.77 3.16 2.47
CA SER A 77 14.52 3.88 2.25
C SER A 77 13.36 3.16 2.93
N SER A 78 12.67 3.87 3.82
CA SER A 78 11.54 3.30 4.56
C SER A 78 11.10 4.21 5.69
N GLU A 79 12.06 4.81 6.40
CA GLU A 79 11.76 5.68 7.52
C GLU A 79 11.15 6.99 7.02
N GLY A 80 9.85 6.96 6.79
CA GLY A 80 9.14 8.13 6.31
C GLY A 80 7.73 7.79 5.84
N LEU A 81 7.58 7.64 4.54
CA LEU A 81 6.28 7.30 3.96
C LEU A 81 5.75 5.98 4.52
N VAL A 82 6.66 5.06 4.82
CA VAL A 82 6.27 3.76 5.37
C VAL A 82 5.56 3.94 6.70
N GLY A 83 5.92 5.00 7.43
CA GLY A 83 5.28 5.27 8.70
C GLY A 83 3.84 5.69 8.51
N ALA A 84 3.60 6.49 7.48
CA ALA A 84 2.25 6.95 7.17
C ALA A 84 1.37 5.78 6.74
N LEU A 85 1.82 5.04 5.73
CA LEU A 85 1.09 3.89 5.23
C LEU A 85 0.77 2.93 6.37
N MET A 86 1.72 2.77 7.29
CA MET A 86 1.52 1.89 8.44
C MET A 86 0.25 2.27 9.18
N HIS A 87 -0.06 3.56 9.19
CA HIS A 87 -1.25 4.06 9.84
C HIS A 87 -2.47 3.80 8.97
N VAL A 88 -2.35 4.07 7.67
CA VAL A 88 -3.42 3.84 6.72
C VAL A 88 -3.91 2.40 6.82
N MET A 89 -2.98 1.48 7.02
CA MET A 89 -3.32 0.06 7.15
C MET A 89 -4.20 -0.16 8.38
N GLN A 90 -4.02 0.70 9.38
CA GLN A 90 -4.80 0.62 10.60
C GLN A 90 -6.21 1.19 10.40
N LYS A 91 -6.47 1.75 9.22
CA LYS A 91 -7.79 2.31 8.92
C LYS A 91 -8.83 1.21 8.76
N ARG A 92 -8.38 -0.04 8.67
CA ARG A 92 -9.29 -1.18 8.55
C ARG A 92 -9.96 -1.47 9.87
N SER A 93 -9.31 -1.08 10.97
CA SER A 93 -9.83 -1.28 12.32
C SER A 93 -9.56 -2.69 12.85
N ARG A 94 -9.71 -3.69 12.00
CA ARG A 94 -9.52 -5.07 12.42
C ARG A 94 -9.06 -5.96 11.27
N ALA A 95 -8.51 -5.34 10.22
CA ALA A 95 -8.04 -6.11 9.08
C ALA A 95 -6.80 -6.91 9.41
N ILE A 96 -6.94 -8.22 9.39
CA ILE A 96 -5.83 -9.12 9.65
C ILE A 96 -5.78 -10.20 8.58
N HIS A 97 -4.74 -10.17 7.76
CA HIS A 97 -4.59 -11.16 6.72
C HIS A 97 -4.33 -12.53 7.31
N SER A 98 -5.36 -13.11 7.92
CA SER A 98 -5.25 -14.40 8.57
C SER A 98 -6.29 -15.37 7.98
N SER A 99 -6.18 -16.65 8.36
CA SER A 99 -7.10 -17.67 7.88
C SER A 99 -7.79 -18.36 9.04
N ASP A 100 -9.12 -18.41 8.99
CA ASP A 100 -9.91 -19.06 10.03
C ASP A 100 -10.04 -20.55 9.77
N GLU A 101 -9.22 -21.34 10.45
CA GLU A 101 -9.23 -22.78 10.29
C GLU A 101 -10.13 -23.44 11.34
N GLY A 102 -10.38 -22.73 12.43
CA GLY A 102 -11.23 -23.27 13.48
C GLY A 102 -11.25 -22.38 14.71
N GLU A 103 -11.46 -21.08 14.49
CA GLU A 103 -11.52 -20.12 15.59
C GLU A 103 -12.94 -19.65 15.83
N ASP A 104 -13.14 -18.89 16.90
CA ASP A 104 -14.46 -18.38 17.24
C ASP A 104 -14.37 -17.31 18.33
N GLN A 105 -14.53 -16.06 17.93
CA GLN A 105 -14.47 -14.95 18.86
C GLN A 105 -15.53 -15.07 19.95
N ALA A 106 -16.72 -15.50 19.55
CA ALA A 106 -17.83 -15.67 20.49
C ALA A 106 -17.71 -17.00 21.24
N GLY A 107 -18.05 -16.99 22.53
CA GLY A 107 -17.97 -18.20 23.32
C GLY A 107 -18.95 -18.18 24.49
N SER A 1 -1.11 21.80 -0.06
CA SER A 1 -2.31 21.65 0.80
C SER A 1 -3.38 22.68 0.43
N GLY A 2 -4.65 22.29 0.55
CA GLY A 2 -5.74 23.18 0.24
C GLY A 2 -6.44 22.81 -1.05
N PHE A 3 -5.73 22.07 -1.91
CA PHE A 3 -6.30 21.65 -3.19
C PHE A 3 -6.38 20.12 -3.27
N LYS A 4 -7.53 19.61 -3.70
CA LYS A 4 -7.73 18.17 -3.81
C LYS A 4 -7.25 17.67 -5.17
N HIS A 5 -6.32 16.74 -5.15
CA HIS A 5 -5.78 16.16 -6.39
C HIS A 5 -6.00 14.66 -6.43
N VAL A 6 -6.99 14.24 -7.22
CA VAL A 6 -7.32 12.83 -7.36
C VAL A 6 -6.36 12.13 -8.31
N SER A 7 -5.60 11.18 -7.78
CA SER A 7 -4.65 10.42 -8.58
C SER A 7 -5.30 9.14 -9.12
N HIS A 8 -4.81 8.67 -10.27
CA HIS A 8 -5.35 7.48 -10.88
C HIS A 8 -4.42 6.28 -10.71
N VAL A 9 -4.64 5.50 -9.66
CA VAL A 9 -3.83 4.33 -9.38
C VAL A 9 -4.05 3.26 -10.44
N GLY A 10 -5.31 2.94 -10.68
CA GLY A 10 -5.66 1.95 -11.69
C GLY A 10 -5.49 0.53 -11.19
N TRP A 11 -5.73 0.32 -9.90
CA TRP A 11 -5.61 -1.02 -9.31
C TRP A 11 -6.94 -1.77 -9.43
N ASP A 12 -6.88 -3.10 -9.46
CA ASP A 12 -8.08 -3.91 -9.58
C ASP A 12 -8.63 -4.24 -8.19
N PRO A 13 -9.96 -4.18 -8.04
CA PRO A 13 -10.61 -4.46 -6.75
C PRO A 13 -10.72 -5.95 -6.48
N GLN A 14 -11.10 -6.72 -7.50
CA GLN A 14 -11.24 -8.16 -7.37
C GLN A 14 -9.88 -8.86 -7.51
N ASN A 15 -9.07 -8.36 -8.43
CA ASN A 15 -7.76 -8.95 -8.66
C ASN A 15 -6.71 -8.32 -7.75
N GLY A 16 -6.91 -7.05 -7.41
CA GLY A 16 -5.99 -6.36 -6.53
C GLY A 16 -5.06 -5.43 -7.28
N PHE A 17 -3.85 -5.26 -6.76
CA PHE A 17 -2.86 -4.38 -7.39
C PHE A 17 -2.13 -5.10 -8.52
N ASP A 18 -1.96 -4.40 -9.63
CA ASP A 18 -1.27 -4.98 -10.79
C ASP A 18 0.23 -4.99 -10.59
N VAL A 19 0.69 -5.78 -9.62
CA VAL A 19 2.11 -5.89 -9.32
C VAL A 19 2.91 -6.20 -10.58
N ASN A 20 2.25 -6.78 -11.57
CA ASN A 20 2.91 -7.13 -12.83
C ASN A 20 3.20 -5.88 -13.66
N ASN A 21 2.45 -4.81 -13.39
CA ASN A 21 2.64 -3.56 -14.13
C ASN A 21 2.79 -2.37 -13.18
N LEU A 22 3.13 -2.65 -11.92
CA LEU A 22 3.32 -1.60 -10.92
C LEU A 22 4.58 -0.79 -11.21
N ASP A 23 4.63 0.42 -10.66
CA ASP A 23 5.77 1.30 -10.86
C ASP A 23 6.90 0.95 -9.90
N PRO A 24 8.16 0.96 -10.37
CA PRO A 24 9.33 0.64 -9.54
C PRO A 24 9.41 1.52 -8.29
N ASP A 25 8.71 2.64 -8.30
CA ASP A 25 8.72 3.55 -7.18
C ASP A 25 7.76 3.10 -6.08
N LEU A 26 6.49 2.95 -6.42
CA LEU A 26 5.48 2.52 -5.46
C LEU A 26 5.67 1.06 -5.08
N ARG A 27 5.95 0.22 -6.08
CA ARG A 27 6.15 -1.21 -5.84
C ARG A 27 7.23 -1.41 -4.78
N SER A 28 8.27 -0.59 -4.84
CA SER A 28 9.37 -0.66 -3.86
C SER A 28 8.87 -0.34 -2.46
N LEU A 29 7.96 0.63 -2.37
CA LEU A 29 7.41 1.04 -1.08
C LEU A 29 6.80 -0.16 -0.35
N PHE A 30 5.88 -0.83 -1.01
CA PHE A 30 5.22 -2.00 -0.43
C PHE A 30 6.26 -2.97 0.11
N SER A 31 7.27 -3.26 -0.70
CA SER A 31 8.35 -4.16 -0.30
C SER A 31 9.10 -3.59 0.91
N ARG A 32 9.53 -2.34 0.78
CA ARG A 32 10.25 -1.67 1.87
C ARG A 32 9.44 -1.73 3.15
N ALA A 33 8.12 -1.72 3.02
CA ALA A 33 7.23 -1.79 4.17
C ALA A 33 7.06 -3.22 4.64
N GLY A 34 7.35 -4.18 3.77
CA GLY A 34 7.23 -5.59 4.12
C GLY A 34 5.99 -6.24 3.54
N ILE A 35 5.32 -5.54 2.62
CA ILE A 35 4.11 -6.08 1.99
C ILE A 35 4.45 -6.93 0.78
N SER A 36 4.05 -8.20 0.82
CA SER A 36 4.30 -9.11 -0.28
C SER A 36 3.19 -9.02 -1.33
N GLU A 37 3.48 -9.48 -2.54
CA GLU A 37 2.49 -9.45 -3.60
C GLU A 37 1.18 -10.10 -3.16
N ALA A 38 1.28 -11.00 -2.19
CA ALA A 38 0.10 -11.68 -1.66
C ALA A 38 -0.94 -10.68 -1.19
N GLN A 39 -0.48 -9.66 -0.46
CA GLN A 39 -1.37 -8.62 0.06
C GLN A 39 -1.72 -7.62 -1.04
N LEU A 40 -0.81 -7.45 -1.99
CA LEU A 40 -1.03 -6.53 -3.11
C LEU A 40 -2.10 -7.07 -4.05
N THR A 41 -2.24 -8.40 -4.07
CA THR A 41 -3.22 -9.05 -4.92
C THR A 41 -4.49 -9.38 -4.14
N ASP A 42 -4.50 -9.11 -2.83
CA ASP A 42 -5.66 -9.37 -2.01
C ASP A 42 -6.67 -8.23 -2.11
N ALA A 43 -7.90 -8.58 -2.47
CA ALA A 43 -8.96 -7.58 -2.61
C ALA A 43 -9.08 -6.71 -1.37
N GLU A 44 -8.95 -7.32 -0.20
CA GLU A 44 -9.05 -6.61 1.06
C GLU A 44 -7.84 -5.72 1.32
N THR A 45 -6.66 -6.34 1.37
CA THR A 45 -5.43 -5.61 1.63
C THR A 45 -5.09 -4.65 0.50
N SER A 46 -5.43 -5.02 -0.72
CA SER A 46 -5.17 -4.16 -1.87
C SER A 46 -5.86 -2.82 -1.69
N LYS A 47 -7.08 -2.85 -1.16
CA LYS A 47 -7.86 -1.64 -0.93
C LYS A 47 -7.17 -0.70 0.05
N LEU A 48 -6.85 -1.22 1.23
CA LEU A 48 -6.22 -0.40 2.26
C LEU A 48 -4.84 0.09 1.80
N ILE A 49 -4.17 -0.70 0.98
CA ILE A 49 -2.85 -0.33 0.46
C ILE A 49 -2.94 0.83 -0.52
N TYR A 50 -3.61 0.62 -1.66
CA TYR A 50 -3.72 1.66 -2.66
C TYR A 50 -4.28 2.95 -2.03
N ASP A 51 -5.26 2.78 -1.15
CA ASP A 51 -5.87 3.92 -0.46
C ASP A 51 -4.80 4.74 0.27
N PHE A 52 -3.77 4.06 0.76
CA PHE A 52 -2.69 4.74 1.47
C PHE A 52 -1.94 5.67 0.50
N ILE A 53 -1.89 5.26 -0.76
CA ILE A 53 -1.25 6.07 -1.78
C ILE A 53 -1.96 7.42 -1.92
N GLU A 54 -3.26 7.42 -1.63
CA GLU A 54 -4.04 8.63 -1.69
C GLU A 54 -3.63 9.59 -0.57
N ASP A 55 -3.39 9.04 0.61
CA ASP A 55 -2.95 9.84 1.75
C ASP A 55 -1.57 10.43 1.50
N GLN A 56 -0.79 9.75 0.66
CA GLN A 56 0.55 10.19 0.32
C GLN A 56 0.54 11.17 -0.84
N GLY A 57 -0.65 11.65 -1.22
CA GLY A 57 -0.76 12.59 -2.32
C GLY A 57 -1.08 11.91 -3.63
N GLY A 58 -1.60 10.68 -3.55
CA GLY A 58 -1.96 9.95 -4.74
C GLY A 58 -0.77 9.27 -5.39
N LEU A 59 -1.04 8.38 -6.33
CA LEU A 59 0.02 7.66 -7.04
C LEU A 59 1.09 8.62 -7.54
N GLU A 60 0.68 9.80 -8.00
CA GLU A 60 1.61 10.79 -8.52
C GLU A 60 2.54 11.28 -7.43
N ALA A 61 2.02 11.40 -6.22
CA ALA A 61 2.80 11.88 -5.08
C ALA A 61 3.80 10.83 -4.61
N VAL A 62 3.41 9.56 -4.70
CA VAL A 62 4.30 8.47 -4.28
C VAL A 62 5.53 8.39 -5.17
N ARG A 63 5.30 8.34 -6.48
CA ARG A 63 6.41 8.31 -7.43
C ARG A 63 7.35 9.50 -7.17
N GLN A 64 6.74 10.67 -6.97
CA GLN A 64 7.51 11.89 -6.71
C GLN A 64 8.31 11.78 -5.42
N GLU A 65 7.65 11.40 -4.33
CA GLU A 65 8.31 11.29 -3.04
C GLU A 65 9.31 10.15 -3.02
N MET A 66 9.03 9.10 -3.80
CA MET A 66 9.93 7.96 -3.89
C MET A 66 11.22 8.35 -4.60
N ARG A 67 11.13 9.34 -5.46
CA ARG A 67 12.30 9.82 -6.20
C ARG A 67 13.18 10.69 -5.32
N ARG A 68 12.55 11.59 -4.56
CA ARG A 68 13.28 12.48 -3.67
C ARG A 68 13.86 11.72 -2.48
N GLN A 69 13.16 10.68 -2.05
CA GLN A 69 13.61 9.87 -0.93
C GLN A 69 14.56 8.76 -1.40
N GLY A 70 14.48 8.42 -2.67
CA GLY A 70 15.34 7.38 -3.23
C GLY A 70 15.88 7.76 -4.59
N GLY A 71 16.74 8.76 -4.63
CA GLY A 71 17.33 9.20 -5.89
C GLY A 71 18.56 8.40 -6.27
N SER A 72 19.71 8.80 -5.71
CA SER A 72 20.97 8.13 -5.99
C SER A 72 20.85 6.63 -5.76
N GLY A 73 21.84 5.88 -6.25
CA GLY A 73 21.82 4.44 -6.09
C GLY A 73 22.57 3.98 -4.86
N GLY A 74 21.84 3.47 -3.88
CA GLY A 74 22.45 3.00 -2.65
C GLY A 74 21.94 3.74 -1.42
N SER A 75 21.81 5.06 -1.53
CA SER A 75 21.33 5.87 -0.43
C SER A 75 19.81 5.90 -0.41
N GLN A 76 19.20 4.74 -0.24
CA GLN A 76 17.74 4.63 -0.19
C GLN A 76 17.21 5.16 1.13
N SER A 77 16.03 5.78 1.08
CA SER A 77 15.41 6.33 2.28
C SER A 77 14.02 5.73 2.50
N SER A 78 13.97 4.63 3.24
CA SER A 78 12.70 3.98 3.56
C SER A 78 12.09 4.55 4.83
N GLU A 79 12.92 5.23 5.63
CA GLU A 79 12.44 5.81 6.88
C GLU A 79 11.59 7.04 6.63
N GLY A 80 10.28 6.84 6.60
CA GLY A 80 9.35 7.92 6.34
C GLY A 80 8.05 7.43 5.76
N LEU A 81 7.96 7.45 4.43
CA LEU A 81 6.76 6.99 3.73
C LEU A 81 6.53 5.50 3.99
N VAL A 82 7.60 4.72 3.96
CA VAL A 82 7.51 3.28 4.17
C VAL A 82 7.02 2.96 5.58
N GLY A 83 7.37 3.83 6.53
CA GLY A 83 6.97 3.62 7.91
C GLY A 83 5.48 3.81 8.12
N ALA A 84 4.91 4.80 7.45
CA ALA A 84 3.48 5.08 7.57
C ALA A 84 2.65 3.92 7.05
N LEU A 85 2.96 3.49 5.82
CA LEU A 85 2.25 2.37 5.21
C LEU A 85 2.23 1.16 6.13
N MET A 86 3.39 0.84 6.69
CA MET A 86 3.52 -0.29 7.61
C MET A 86 2.48 -0.17 8.72
N HIS A 87 2.32 1.05 9.25
CA HIS A 87 1.34 1.29 10.29
C HIS A 87 -0.07 1.00 9.79
N VAL A 88 -0.29 1.23 8.50
CA VAL A 88 -1.58 0.96 7.88
C VAL A 88 -1.80 -0.53 7.73
N MET A 89 -0.74 -1.25 7.40
CA MET A 89 -0.80 -2.70 7.23
C MET A 89 -1.17 -3.36 8.55
N GLN A 90 -0.72 -2.76 9.65
CA GLN A 90 -0.97 -3.29 10.98
C GLN A 90 -2.47 -3.42 11.25
N LYS A 91 -3.29 -2.74 10.45
CA LYS A 91 -4.73 -2.77 10.64
C LYS A 91 -5.30 -4.14 10.29
N ARG A 92 -4.68 -4.80 9.32
CA ARG A 92 -5.12 -6.13 8.90
C ARG A 92 -4.78 -7.19 9.96
N SER A 93 -3.83 -6.85 10.83
CA SER A 93 -3.41 -7.76 11.89
C SER A 93 -4.44 -7.81 13.01
N ARG A 94 -5.12 -6.69 13.22
CA ARG A 94 -6.12 -6.60 14.28
C ARG A 94 -7.39 -5.95 13.78
N ALA A 95 -7.65 -6.10 12.49
CA ALA A 95 -8.84 -5.53 11.87
C ALA A 95 -10.09 -6.28 12.25
N ILE A 96 -11.23 -5.76 11.84
CA ILE A 96 -12.50 -6.38 12.13
C ILE A 96 -12.71 -7.58 11.22
N HIS A 97 -12.59 -8.77 11.78
CA HIS A 97 -12.79 -9.99 11.03
C HIS A 97 -14.07 -9.93 10.20
N SER A 98 -15.11 -9.33 10.78
CA SER A 98 -16.38 -9.15 10.07
C SER A 98 -16.79 -10.41 9.31
N SER A 99 -16.53 -11.56 9.93
CA SER A 99 -16.86 -12.85 9.33
C SER A 99 -16.69 -13.97 10.34
N ASP A 100 -17.79 -14.35 10.99
CA ASP A 100 -17.77 -15.42 11.98
C ASP A 100 -16.88 -15.04 13.16
N GLU A 101 -16.74 -15.97 14.10
CA GLU A 101 -15.90 -15.74 15.28
C GLU A 101 -15.19 -17.01 15.71
N GLY A 102 -15.92 -18.13 15.71
CA GLY A 102 -15.34 -19.41 16.09
C GLY A 102 -14.82 -19.39 17.52
N GLU A 103 -15.56 -20.01 18.42
CA GLU A 103 -15.17 -20.09 19.82
C GLU A 103 -14.00 -21.05 20.01
N ASP A 104 -12.91 -20.57 20.59
CA ASP A 104 -11.72 -21.39 20.82
C ASP A 104 -11.43 -22.30 19.64
N GLN A 105 -10.54 -21.84 18.74
CA GLN A 105 -10.18 -22.61 17.56
C GLN A 105 -9.88 -24.06 17.91
N ALA A 106 -10.77 -24.95 17.51
CA ALA A 106 -10.60 -26.38 17.79
C ALA A 106 -9.67 -27.02 16.77
N GLY A 107 -8.63 -27.68 17.26
CA GLY A 107 -7.68 -28.33 16.37
C GLY A 107 -7.00 -27.35 15.43
N SER A 1 -24.44 -18.12 1.02
CA SER A 1 -23.76 -16.89 1.50
C SER A 1 -24.51 -15.64 1.06
N GLY A 2 -24.73 -15.52 -0.25
CA GLY A 2 -25.43 -14.36 -0.77
C GLY A 2 -24.49 -13.25 -1.21
N PHE A 3 -23.28 -13.27 -0.67
CA PHE A 3 -22.28 -12.24 -1.01
C PHE A 3 -21.05 -12.89 -1.65
N LYS A 4 -20.46 -12.20 -2.62
CA LYS A 4 -19.28 -12.70 -3.31
C LYS A 4 -18.00 -12.29 -2.56
N HIS A 5 -16.95 -13.09 -2.72
CA HIS A 5 -15.68 -12.82 -2.08
C HIS A 5 -14.81 -11.92 -2.95
N VAL A 6 -15.21 -10.66 -3.08
CA VAL A 6 -14.47 -9.69 -3.88
C VAL A 6 -13.83 -8.62 -3.01
N SER A 7 -12.61 -8.23 -3.36
CA SER A 7 -11.89 -7.21 -2.61
C SER A 7 -12.17 -5.83 -3.18
N HIS A 8 -12.31 -4.84 -2.31
CA HIS A 8 -12.59 -3.48 -2.74
C HIS A 8 -11.71 -2.47 -2.02
N VAL A 9 -10.61 -2.08 -2.66
CA VAL A 9 -9.71 -1.10 -2.08
C VAL A 9 -10.39 0.27 -1.97
N GLY A 10 -11.17 0.60 -2.99
CA GLY A 10 -11.89 1.86 -3.00
C GLY A 10 -10.98 3.06 -3.13
N TRP A 11 -9.84 2.89 -3.80
CA TRP A 11 -8.90 3.99 -3.98
C TRP A 11 -9.22 4.75 -5.27
N ASP A 12 -8.86 6.03 -5.30
CA ASP A 12 -9.11 6.85 -6.49
C ASP A 12 -7.93 6.77 -7.45
N PRO A 13 -8.20 6.72 -8.76
CA PRO A 13 -7.17 6.63 -9.79
C PRO A 13 -6.53 7.98 -10.09
N GLN A 14 -7.26 9.06 -9.82
CA GLN A 14 -6.77 10.41 -10.06
C GLN A 14 -6.32 11.07 -8.76
N ASN A 15 -7.08 10.85 -7.70
CA ASN A 15 -6.76 11.43 -6.40
C ASN A 15 -5.82 10.52 -5.62
N GLY A 16 -5.79 9.24 -5.97
CA GLY A 16 -4.94 8.30 -5.28
C GLY A 16 -5.67 7.55 -4.19
N PHE A 17 -4.99 7.29 -3.08
CA PHE A 17 -5.60 6.58 -1.96
C PHE A 17 -6.42 7.53 -1.11
N ASP A 18 -6.93 7.01 0.01
CA ASP A 18 -7.71 7.81 0.93
C ASP A 18 -7.08 7.80 2.32
N VAL A 19 -5.82 8.23 2.38
CA VAL A 19 -5.07 8.26 3.64
C VAL A 19 -5.90 8.90 4.75
N ASN A 20 -6.82 9.76 4.38
CA ASN A 20 -7.67 10.43 5.34
C ASN A 20 -8.67 9.45 5.97
N ASN A 21 -8.93 8.34 5.28
CA ASN A 21 -9.87 7.34 5.77
C ASN A 21 -9.31 5.93 5.61
N LEU A 22 -7.99 5.81 5.54
CA LEU A 22 -7.34 4.51 5.40
C LEU A 22 -7.48 3.69 6.68
N ASP A 23 -7.31 2.38 6.55
CA ASP A 23 -7.42 1.48 7.70
C ASP A 23 -6.12 1.45 8.48
N PRO A 24 -6.19 1.44 9.82
CA PRO A 24 -5.01 1.41 10.69
C PRO A 24 -4.09 0.23 10.39
N ASP A 25 -4.63 -0.77 9.70
CA ASP A 25 -3.86 -1.95 9.35
C ASP A 25 -2.98 -1.70 8.14
N LEU A 26 -3.60 -1.33 7.03
CA LEU A 26 -2.86 -1.07 5.79
C LEU A 26 -2.06 0.23 5.89
N ARG A 27 -2.66 1.26 6.48
CA ARG A 27 -1.98 2.54 6.63
C ARG A 27 -0.61 2.35 7.27
N SER A 28 -0.55 1.48 8.26
CA SER A 28 0.71 1.19 8.96
C SER A 28 1.71 0.53 8.02
N LEU A 29 1.20 -0.33 7.13
CA LEU A 29 2.04 -1.03 6.18
C LEU A 29 2.84 -0.05 5.32
N PHE A 30 2.12 0.84 4.64
CA PHE A 30 2.75 1.83 3.79
C PHE A 30 3.84 2.60 4.56
N SER A 31 3.53 2.94 5.81
CA SER A 31 4.47 3.67 6.64
C SER A 31 5.74 2.86 6.85
N ARG A 32 5.59 1.63 7.33
CA ARG A 32 6.72 0.76 7.57
C ARG A 32 7.59 0.63 6.33
N ALA A 33 6.96 0.69 5.17
CA ALA A 33 7.67 0.58 3.90
C ALA A 33 8.28 1.93 3.47
N GLY A 34 8.21 2.93 4.34
CA GLY A 34 8.77 4.23 4.02
C GLY A 34 7.90 5.02 3.05
N ILE A 35 6.69 4.52 2.79
CA ILE A 35 5.78 5.20 1.88
C ILE A 35 4.95 6.25 2.60
N SER A 36 5.19 7.52 2.28
CA SER A 36 4.47 8.61 2.90
C SER A 36 3.17 8.91 2.16
N GLU A 37 2.29 9.69 2.79
CA GLU A 37 1.01 10.03 2.18
C GLU A 37 1.22 10.63 0.80
N ALA A 38 2.36 11.28 0.59
CA ALA A 38 2.67 11.88 -0.70
C ALA A 38 2.58 10.85 -1.81
N GLN A 39 3.11 9.66 -1.54
CA GLN A 39 3.09 8.57 -2.51
C GLN A 39 1.71 7.92 -2.55
N LEU A 40 1.02 7.94 -1.42
CA LEU A 40 -0.31 7.37 -1.32
C LEU A 40 -1.33 8.20 -2.09
N THR A 41 -1.03 9.48 -2.26
CA THR A 41 -1.92 10.39 -2.98
C THR A 41 -1.50 10.56 -4.44
N ASP A 42 -0.36 9.97 -4.81
CA ASP A 42 0.13 10.07 -6.19
C ASP A 42 -0.55 9.03 -7.08
N ALA A 43 -1.26 9.50 -8.09
CA ALA A 43 -1.96 8.61 -9.02
C ALA A 43 -1.05 7.52 -9.54
N GLU A 44 0.22 7.86 -9.74
CA GLU A 44 1.20 6.89 -10.25
C GLU A 44 1.55 5.85 -9.21
N THR A 45 2.06 6.30 -8.07
CA THR A 45 2.44 5.40 -6.99
C THR A 45 1.21 4.70 -6.41
N SER A 46 0.08 5.38 -6.44
CA SER A 46 -1.16 4.82 -5.93
C SER A 46 -1.51 3.53 -6.67
N LYS A 47 -1.36 3.56 -7.99
CA LYS A 47 -1.66 2.41 -8.84
C LYS A 47 -0.80 1.20 -8.47
N LEU A 48 0.51 1.41 -8.42
CA LEU A 48 1.44 0.32 -8.11
C LEU A 48 1.26 -0.15 -6.67
N ILE A 49 0.95 0.78 -5.77
CA ILE A 49 0.78 0.44 -4.36
C ILE A 49 -0.46 -0.41 -4.12
N TYR A 50 -1.65 0.13 -4.39
CA TYR A 50 -2.89 -0.61 -4.15
C TYR A 50 -2.83 -1.96 -4.86
N ASP A 51 -2.20 -1.98 -6.04
CA ASP A 51 -2.05 -3.21 -6.80
C ASP A 51 -1.42 -4.29 -5.94
N PHE A 52 -0.52 -3.87 -5.05
CA PHE A 52 0.14 -4.81 -4.15
C PHE A 52 -0.88 -5.42 -3.19
N ILE A 53 -1.77 -4.57 -2.67
CA ILE A 53 -2.82 -5.02 -1.78
C ILE A 53 -3.62 -6.16 -2.43
N GLU A 54 -3.62 -6.18 -3.76
CA GLU A 54 -4.33 -7.21 -4.51
C GLU A 54 -3.55 -8.52 -4.50
N ASP A 55 -2.23 -8.42 -4.54
CA ASP A 55 -1.38 -9.61 -4.54
C ASP A 55 -1.38 -10.27 -3.15
N GLN A 56 -1.64 -9.46 -2.13
CA GLN A 56 -1.67 -9.95 -0.76
C GLN A 56 -3.04 -10.52 -0.39
N GLY A 57 -3.90 -10.71 -1.40
CA GLY A 57 -5.22 -11.24 -1.14
C GLY A 57 -6.28 -10.15 -1.03
N GLY A 58 -5.96 -8.97 -1.56
CA GLY A 58 -6.89 -7.85 -1.51
C GLY A 58 -6.88 -7.14 -0.18
N LEU A 59 -7.51 -5.96 -0.14
CA LEU A 59 -7.58 -5.17 1.08
C LEU A 59 -8.00 -6.03 2.28
N GLU A 60 -8.91 -6.96 2.03
CA GLU A 60 -9.41 -7.83 3.09
C GLU A 60 -8.31 -8.73 3.63
N ALA A 61 -7.43 -9.19 2.74
CA ALA A 61 -6.34 -10.07 3.13
C ALA A 61 -5.26 -9.32 3.89
N VAL A 62 -5.05 -8.05 3.55
CA VAL A 62 -4.05 -7.23 4.22
C VAL A 62 -4.43 -7.01 5.68
N ARG A 63 -5.65 -6.53 5.89
CA ARG A 63 -6.15 -6.33 7.25
C ARG A 63 -6.01 -7.62 8.06
N GLN A 64 -6.39 -8.73 7.44
CA GLN A 64 -6.32 -10.04 8.07
C GLN A 64 -4.89 -10.44 8.40
N GLU A 65 -3.99 -10.29 7.43
CA GLU A 65 -2.60 -10.68 7.62
C GLU A 65 -1.88 -9.75 8.62
N MET A 66 -2.15 -8.46 8.50
CA MET A 66 -1.54 -7.48 9.39
C MET A 66 -1.96 -7.74 10.83
N ARG A 67 -3.15 -8.27 11.01
CA ARG A 67 -3.69 -8.57 12.34
C ARG A 67 -3.06 -9.84 12.92
N ARG A 68 -2.92 -10.86 12.07
CA ARG A 68 -2.37 -12.13 12.50
C ARG A 68 -0.89 -12.01 12.83
N GLN A 69 -0.21 -11.11 12.12
CA GLN A 69 1.21 -10.90 12.33
C GLN A 69 1.49 -10.19 13.66
N GLY A 70 0.43 -9.77 14.35
CA GLY A 70 0.62 -9.10 15.63
C GLY A 70 0.63 -10.08 16.80
N GLY A 71 1.78 -10.69 17.04
CA GLY A 71 1.90 -11.64 18.13
C GLY A 71 3.25 -11.59 18.81
N SER A 72 3.96 -10.48 18.62
CA SER A 72 5.28 -10.30 19.23
C SER A 72 6.18 -11.49 18.94
N GLY A 73 7.43 -11.40 19.39
CA GLY A 73 8.38 -12.48 19.18
C GLY A 73 8.85 -12.57 17.75
N GLY A 74 9.37 -13.74 17.36
CA GLY A 74 9.86 -13.93 16.00
C GLY A 74 8.79 -13.67 14.96
N SER A 75 9.21 -13.25 13.77
CA SER A 75 8.29 -12.97 12.68
C SER A 75 7.21 -12.00 13.13
N GLN A 76 7.62 -10.91 13.76
CA GLN A 76 6.69 -9.89 14.24
C GLN A 76 6.16 -9.05 13.08
N SER A 77 5.06 -8.36 13.32
CA SER A 77 4.45 -7.51 12.30
C SER A 77 5.49 -6.60 11.65
N SER A 78 5.14 -6.05 10.48
CA SER A 78 6.04 -5.17 9.75
C SER A 78 7.11 -5.96 9.01
N GLU A 79 7.87 -6.75 9.76
CA GLU A 79 8.94 -7.56 9.18
C GLU A 79 8.36 -8.76 8.42
N GLY A 80 8.05 -8.54 7.15
CA GLY A 80 7.50 -9.59 6.33
C GLY A 80 6.74 -9.06 5.12
N LEU A 81 5.45 -8.82 5.29
CA LEU A 81 4.62 -8.29 4.22
C LEU A 81 5.13 -6.94 3.75
N VAL A 82 5.55 -6.12 4.70
CA VAL A 82 6.08 -4.80 4.39
C VAL A 82 7.33 -4.90 3.52
N GLY A 83 8.02 -6.02 3.63
CA GLY A 83 9.22 -6.22 2.84
C GLY A 83 8.91 -6.37 1.37
N ALA A 84 7.82 -7.08 1.07
CA ALA A 84 7.40 -7.27 -0.31
C ALA A 84 6.99 -5.93 -0.94
N LEU A 85 6.13 -5.21 -0.23
CA LEU A 85 5.66 -3.91 -0.69
C LEU A 85 6.85 -2.98 -0.98
N MET A 86 7.80 -2.95 -0.05
CA MET A 86 8.99 -2.13 -0.21
C MET A 86 9.66 -2.42 -1.54
N HIS A 87 9.67 -3.71 -1.91
CA HIS A 87 10.24 -4.12 -3.19
C HIS A 87 9.45 -3.51 -4.34
N VAL A 88 8.13 -3.51 -4.19
CA VAL A 88 7.25 -2.93 -5.19
C VAL A 88 7.60 -1.46 -5.43
N MET A 89 7.97 -0.78 -4.35
CA MET A 89 8.35 0.62 -4.42
C MET A 89 9.63 0.79 -5.25
N GLN A 90 10.45 -0.26 -5.27
CA GLN A 90 11.70 -0.24 -6.01
C GLN A 90 11.47 -0.24 -7.52
N LYS A 91 10.23 -0.52 -7.93
CA LYS A 91 9.90 -0.55 -9.36
C LYS A 91 9.93 0.85 -9.95
N ARG A 92 9.50 1.84 -9.17
CA ARG A 92 9.52 3.22 -9.61
C ARG A 92 10.93 3.78 -9.59
N SER A 93 11.81 3.16 -8.80
CA SER A 93 13.19 3.59 -8.69
C SER A 93 13.99 3.19 -9.92
N ARG A 94 13.61 2.06 -10.51
CA ARG A 94 14.29 1.56 -11.70
C ARG A 94 13.62 2.05 -12.99
N ALA A 95 12.49 2.74 -12.85
CA ALA A 95 11.77 3.25 -14.00
C ALA A 95 12.48 4.46 -14.59
N ILE A 96 11.96 4.93 -15.72
CA ILE A 96 12.52 6.08 -16.37
C ILE A 96 12.24 7.34 -15.56
N HIS A 97 13.29 7.87 -14.94
CA HIS A 97 13.16 9.09 -14.16
C HIS A 97 12.86 10.27 -15.09
N SER A 98 11.67 10.23 -15.69
CA SER A 98 11.25 11.25 -16.62
C SER A 98 10.39 12.31 -15.95
N SER A 99 10.46 13.54 -16.46
CA SER A 99 9.69 14.63 -15.91
C SER A 99 10.09 14.90 -14.47
N ASP A 100 9.51 14.14 -13.55
CA ASP A 100 9.80 14.29 -12.13
C ASP A 100 9.55 12.98 -11.38
N GLU A 101 10.61 12.42 -10.82
CA GLU A 101 10.51 11.17 -10.07
C GLU A 101 9.61 11.33 -8.86
N GLY A 102 9.44 12.57 -8.40
CA GLY A 102 8.60 12.83 -7.25
C GLY A 102 9.01 14.07 -6.49
N GLU A 103 8.09 15.01 -6.35
CA GLU A 103 8.36 16.25 -5.64
C GLU A 103 7.90 16.17 -4.20
N ASP A 104 8.74 16.63 -3.28
CA ASP A 104 8.42 16.60 -1.86
C ASP A 104 9.40 17.45 -1.06
N GLN A 105 8.88 18.28 -0.18
CA GLN A 105 9.72 19.14 0.65
C GLN A 105 9.86 18.57 2.05
N ALA A 106 10.89 19.03 2.77
CA ALA A 106 11.15 18.56 4.13
C ALA A 106 10.25 19.28 5.14
N GLY A 107 9.64 18.51 6.02
CA GLY A 107 8.76 19.08 7.03
C GLY A 107 8.68 18.24 8.28
N SER A 1 -16.35 4.74 -22.42
CA SER A 1 -16.54 3.29 -22.69
C SER A 1 -15.21 2.62 -23.03
N GLY A 2 -15.03 1.40 -22.54
CA GLY A 2 -13.80 0.67 -22.81
C GLY A 2 -12.80 0.80 -21.68
N PHE A 3 -13.29 1.14 -20.49
CA PHE A 3 -12.42 1.30 -19.32
C PHE A 3 -12.88 0.39 -18.18
N LYS A 4 -11.96 -0.40 -17.66
CA LYS A 4 -12.27 -1.32 -16.56
C LYS A 4 -12.14 -0.64 -15.21
N HIS A 5 -12.68 -1.26 -14.18
CA HIS A 5 -12.63 -0.72 -12.83
C HIS A 5 -12.47 -1.83 -11.79
N VAL A 6 -11.31 -2.48 -11.81
CA VAL A 6 -11.03 -3.57 -10.88
C VAL A 6 -10.73 -3.04 -9.49
N SER A 7 -11.15 -3.79 -8.47
CA SER A 7 -10.93 -3.40 -7.08
C SER A 7 -11.58 -2.06 -6.79
N HIS A 8 -11.51 -1.63 -5.53
CA HIS A 8 -12.11 -0.37 -5.12
C HIS A 8 -11.27 0.31 -4.04
N VAL A 9 -10.03 0.67 -4.39
CA VAL A 9 -9.14 1.34 -3.44
C VAL A 9 -9.59 2.78 -3.22
N GLY A 10 -9.88 3.47 -4.32
CA GLY A 10 -10.35 4.84 -4.25
C GLY A 10 -9.56 5.69 -3.27
N TRP A 11 -8.26 5.77 -3.46
CA TRP A 11 -7.41 6.58 -2.57
C TRP A 11 -7.32 8.02 -3.09
N ASP A 12 -7.09 8.96 -2.19
CA ASP A 12 -6.98 10.36 -2.56
C ASP A 12 -5.52 10.73 -2.84
N PRO A 13 -5.26 11.45 -3.95
CA PRO A 13 -3.89 11.86 -4.31
C PRO A 13 -3.28 12.82 -3.29
N GLN A 14 -4.13 13.61 -2.64
CA GLN A 14 -3.65 14.60 -1.67
C GLN A 14 -3.93 14.15 -0.24
N ASN A 15 -5.09 13.56 -0.02
CA ASN A 15 -5.48 13.11 1.32
C ASN A 15 -4.93 11.71 1.63
N GLY A 16 -4.39 11.04 0.62
CA GLY A 16 -3.85 9.72 0.82
C GLY A 16 -4.92 8.64 0.80
N PHE A 17 -4.81 7.67 1.69
CA PHE A 17 -5.79 6.59 1.77
C PHE A 17 -7.03 7.03 2.52
N ASP A 18 -7.89 6.06 2.84
CA ASP A 18 -9.11 6.34 3.58
C ASP A 18 -9.11 5.61 4.91
N VAL A 19 -8.03 5.81 5.68
CA VAL A 19 -7.88 5.15 6.98
C VAL A 19 -9.16 5.27 7.81
N ASN A 20 -9.95 6.31 7.55
CA ASN A 20 -11.19 6.53 8.28
C ASN A 20 -12.24 5.48 7.89
N ASN A 21 -12.09 4.89 6.70
CA ASN A 21 -13.03 3.90 6.23
C ASN A 21 -12.31 2.68 5.63
N LEU A 22 -11.08 2.44 6.08
CA LEU A 22 -10.31 1.30 5.59
C LEU A 22 -10.89 -0.02 6.09
N ASP A 23 -10.56 -1.10 5.40
CA ASP A 23 -11.04 -2.41 5.78
C ASP A 23 -10.17 -3.03 6.87
N PRO A 24 -10.78 -3.70 7.85
CA PRO A 24 -10.05 -4.32 8.96
C PRO A 24 -8.97 -5.30 8.47
N ASP A 25 -9.09 -5.73 7.22
CA ASP A 25 -8.14 -6.67 6.65
C ASP A 25 -6.89 -5.94 6.16
N LEU A 26 -7.07 -4.98 5.27
CA LEU A 26 -5.94 -4.22 4.73
C LEU A 26 -5.35 -3.29 5.78
N ARG A 27 -6.22 -2.64 6.55
CA ARG A 27 -5.76 -1.74 7.60
C ARG A 27 -4.84 -2.46 8.57
N SER A 28 -5.17 -3.71 8.86
CA SER A 28 -4.37 -4.53 9.76
C SER A 28 -2.97 -4.74 9.20
N LEU A 29 -2.89 -4.90 7.88
CA LEU A 29 -1.61 -5.11 7.21
C LEU A 29 -0.65 -3.97 7.52
N PHE A 30 -1.09 -2.74 7.27
CA PHE A 30 -0.28 -1.56 7.52
C PHE A 30 0.25 -1.58 8.95
N SER A 31 -0.62 -1.94 9.89
CA SER A 31 -0.23 -2.01 11.30
C SER A 31 0.86 -3.05 11.51
N ARG A 32 0.61 -4.27 11.03
CA ARG A 32 1.58 -5.35 11.17
C ARG A 32 2.90 -4.97 10.51
N ALA A 33 2.82 -4.16 9.46
CA ALA A 33 4.02 -3.73 8.74
C ALA A 33 4.70 -2.56 9.45
N GLY A 34 3.93 -1.84 10.26
CA GLY A 34 4.48 -0.71 10.98
C GLY A 34 4.16 0.62 10.33
N ILE A 35 3.23 0.61 9.38
CA ILE A 35 2.83 1.82 8.68
C ILE A 35 1.75 2.57 9.43
N SER A 36 2.05 3.80 9.85
CA SER A 36 1.09 4.62 10.58
C SER A 36 0.21 5.40 9.62
N GLU A 37 -0.92 5.90 10.13
CA GLU A 37 -1.85 6.67 9.31
C GLU A 37 -1.14 7.81 8.61
N ALA A 38 -0.09 8.32 9.23
CA ALA A 38 0.68 9.42 8.66
C ALA A 38 1.17 9.08 7.25
N GLN A 39 1.61 7.83 7.08
CA GLN A 39 2.08 7.37 5.78
C GLN A 39 0.91 7.05 4.86
N LEU A 40 -0.21 6.63 5.45
CA LEU A 40 -1.40 6.30 4.69
C LEU A 40 -2.05 7.56 4.13
N THR A 41 -1.86 8.68 4.83
CA THR A 41 -2.42 9.95 4.42
C THR A 41 -1.39 10.80 3.64
N ASP A 42 -0.17 10.28 3.49
CA ASP A 42 0.88 11.00 2.78
C ASP A 42 0.74 10.80 1.27
N ALA A 43 0.65 11.89 0.53
CA ALA A 43 0.51 11.84 -0.92
C ALA A 43 1.58 10.95 -1.54
N GLU A 44 2.81 11.07 -1.05
CA GLU A 44 3.93 10.29 -1.59
C GLU A 44 3.83 8.82 -1.20
N THR A 45 3.79 8.56 0.11
CA THR A 45 3.73 7.20 0.62
C THR A 45 2.42 6.52 0.25
N SER A 46 1.32 7.28 0.28
CA SER A 46 0.02 6.74 -0.05
C SER A 46 0.05 6.13 -1.45
N LYS A 47 0.76 6.78 -2.36
CA LYS A 47 0.88 6.32 -3.73
C LYS A 47 1.55 4.95 -3.80
N LEU A 48 2.76 4.86 -3.23
CA LEU A 48 3.51 3.61 -3.25
C LEU A 48 2.80 2.53 -2.43
N ILE A 49 2.10 2.94 -1.38
CA ILE A 49 1.41 1.99 -0.51
C ILE A 49 0.24 1.31 -1.23
N TYR A 50 -0.77 2.08 -1.62
CA TYR A 50 -1.93 1.50 -2.28
C TYR A 50 -1.50 0.67 -3.49
N ASP A 51 -0.51 1.19 -4.23
CA ASP A 51 0.00 0.51 -5.41
C ASP A 51 0.45 -0.91 -5.06
N PHE A 52 0.96 -1.08 -3.84
CA PHE A 52 1.40 -2.38 -3.37
C PHE A 52 0.22 -3.34 -3.30
N ILE A 53 -0.93 -2.83 -2.89
CA ILE A 53 -2.15 -3.61 -2.84
C ILE A 53 -2.49 -4.15 -4.22
N GLU A 54 -2.08 -3.43 -5.25
CA GLU A 54 -2.32 -3.85 -6.62
C GLU A 54 -1.51 -5.08 -6.97
N ASP A 55 -0.27 -5.13 -6.46
CA ASP A 55 0.60 -6.27 -6.70
C ASP A 55 0.04 -7.53 -6.04
N GLN A 56 -0.75 -7.34 -5.00
CA GLN A 56 -1.38 -8.46 -4.30
C GLN A 56 -2.66 -8.89 -4.99
N GLY A 57 -3.11 -8.12 -5.97
CA GLY A 57 -4.33 -8.43 -6.68
C GLY A 57 -5.42 -7.42 -6.41
N GLY A 58 -5.02 -6.22 -5.99
CA GLY A 58 -5.97 -5.17 -5.70
C GLY A 58 -6.56 -5.27 -4.31
N LEU A 59 -7.31 -4.25 -3.93
CA LEU A 59 -7.95 -4.21 -2.61
C LEU A 59 -8.68 -5.52 -2.31
N GLU A 60 -9.34 -6.06 -3.33
CA GLU A 60 -10.11 -7.30 -3.16
C GLU A 60 -9.18 -8.48 -2.86
N ALA A 61 -8.00 -8.47 -3.45
CA ALA A 61 -7.04 -9.56 -3.25
C ALA A 61 -6.43 -9.52 -1.85
N VAL A 62 -6.21 -8.32 -1.33
CA VAL A 62 -5.61 -8.16 -0.01
C VAL A 62 -6.53 -8.73 1.07
N ARG A 63 -7.72 -8.16 1.20
CA ARG A 63 -8.69 -8.66 2.16
C ARG A 63 -8.87 -10.17 2.00
N GLN A 64 -8.82 -10.61 0.74
CA GLN A 64 -8.95 -12.03 0.40
C GLN A 64 -7.79 -12.85 0.95
N GLU A 65 -6.56 -12.42 0.66
CA GLU A 65 -5.38 -13.17 1.09
C GLU A 65 -5.21 -13.12 2.60
N MET A 66 -5.47 -11.96 3.19
CA MET A 66 -5.36 -11.80 4.63
C MET A 66 -6.25 -12.81 5.35
N ARG A 67 -7.32 -13.22 4.69
CA ARG A 67 -8.27 -14.17 5.25
C ARG A 67 -7.74 -15.59 5.18
N ARG A 68 -7.15 -15.96 4.04
CA ARG A 68 -6.62 -17.31 3.86
C ARG A 68 -5.41 -17.54 4.77
N GLN A 69 -4.73 -16.45 5.12
CA GLN A 69 -3.56 -16.53 6.00
C GLN A 69 -3.97 -16.59 7.47
N GLY A 70 -5.27 -16.51 7.73
CA GLY A 70 -5.75 -16.57 9.10
C GLY A 70 -5.25 -17.79 9.85
N GLY A 71 -4.16 -17.61 10.61
CA GLY A 71 -3.61 -18.72 11.36
C GLY A 71 -3.86 -18.60 12.85
N SER A 72 -3.37 -19.57 13.62
CA SER A 72 -3.55 -19.57 15.06
C SER A 72 -2.20 -19.56 15.77
N GLY A 73 -1.27 -20.36 15.27
CA GLY A 73 0.04 -20.43 15.87
C GLY A 73 1.16 -20.50 14.84
N GLY A 74 2.30 -19.92 15.17
CA GLY A 74 3.44 -19.92 14.27
C GLY A 74 3.13 -19.24 12.94
N SER A 75 2.50 -19.98 12.04
CA SER A 75 2.14 -19.44 10.72
C SER A 75 0.90 -18.56 10.82
N GLN A 76 0.97 -17.53 11.67
CA GLN A 76 -0.16 -16.62 11.85
C GLN A 76 -0.29 -15.66 10.67
N SER A 77 -1.45 -15.02 10.55
CA SER A 77 -1.70 -14.08 9.46
C SER A 77 -0.85 -12.83 9.62
N SER A 78 0.30 -12.79 8.95
CA SER A 78 1.20 -11.65 9.01
C SER A 78 2.56 -12.00 8.42
N GLU A 79 3.05 -13.19 8.74
CA GLU A 79 4.34 -13.65 8.24
C GLU A 79 4.26 -14.01 6.76
N GLY A 80 4.30 -12.99 5.90
CA GLY A 80 4.21 -13.21 4.48
C GLY A 80 3.99 -11.92 3.71
N LEU A 81 2.72 -11.58 3.49
CA LEU A 81 2.38 -10.35 2.78
C LEU A 81 2.87 -9.12 3.53
N VAL A 82 2.77 -9.16 4.85
CA VAL A 82 3.22 -8.04 5.69
C VAL A 82 4.71 -7.80 5.52
N GLY A 83 5.45 -8.86 5.19
CA GLY A 83 6.87 -8.74 5.01
C GLY A 83 7.24 -7.96 3.76
N ALA A 84 6.48 -8.16 2.69
CA ALA A 84 6.72 -7.46 1.43
C ALA A 84 6.51 -5.96 1.59
N LEU A 85 5.32 -5.58 2.06
CA LEU A 85 5.00 -4.17 2.25
C LEU A 85 6.10 -3.47 3.05
N MET A 86 6.62 -4.14 4.06
CA MET A 86 7.68 -3.59 4.88
C MET A 86 8.86 -3.16 4.02
N HIS A 87 9.21 -4.01 3.05
CA HIS A 87 10.30 -3.70 2.14
C HIS A 87 9.94 -2.51 1.26
N VAL A 88 8.70 -2.50 0.78
CA VAL A 88 8.22 -1.40 -0.05
C VAL A 88 8.38 -0.07 0.66
N MET A 89 8.07 -0.07 1.96
CA MET A 89 8.19 1.14 2.78
C MET A 89 9.64 1.59 2.86
N GLN A 90 10.55 0.62 2.83
CA GLN A 90 11.98 0.92 2.90
C GLN A 90 12.45 1.67 1.67
N LYS A 91 11.62 1.71 0.64
CA LYS A 91 11.97 2.43 -0.59
C LYS A 91 11.96 3.93 -0.36
N ARG A 92 11.10 4.39 0.54
CA ARG A 92 11.00 5.80 0.88
C ARG A 92 12.19 6.23 1.74
N SER A 93 12.81 5.26 2.41
CA SER A 93 13.95 5.54 3.27
C SER A 93 15.20 5.81 2.44
N ARG A 94 15.23 5.28 1.23
CA ARG A 94 16.36 5.47 0.33
C ARG A 94 16.00 6.40 -0.82
N ALA A 95 14.71 6.59 -1.05
CA ALA A 95 14.25 7.47 -2.12
C ALA A 95 14.44 8.93 -1.76
N ILE A 96 15.26 9.61 -2.54
CA ILE A 96 15.54 11.02 -2.32
C ILE A 96 15.20 11.84 -3.56
N HIS A 97 14.10 12.58 -3.50
CA HIS A 97 13.66 13.40 -4.62
C HIS A 97 14.83 14.13 -5.28
N SER A 98 15.85 14.44 -4.48
CA SER A 98 17.04 15.11 -4.99
C SER A 98 18.14 14.11 -5.32
N SER A 99 19.37 14.60 -5.45
CA SER A 99 20.51 13.74 -5.75
C SER A 99 20.31 13.04 -7.09
N ASP A 100 21.27 13.23 -8.00
CA ASP A 100 21.21 12.62 -9.32
C ASP A 100 19.95 13.04 -10.06
N GLU A 101 20.10 14.03 -10.93
CA GLU A 101 18.97 14.55 -11.72
C GLU A 101 19.46 15.42 -12.85
N GLY A 102 18.57 15.71 -13.80
CA GLY A 102 18.93 16.54 -14.93
C GLY A 102 17.76 16.78 -15.88
N GLU A 103 18.05 17.34 -17.04
CA GLU A 103 17.01 17.63 -18.03
C GLU A 103 16.99 16.55 -19.12
N ASP A 104 16.02 16.68 -20.02
CA ASP A 104 15.87 15.71 -21.13
C ASP A 104 16.07 14.28 -20.65
N GLN A 105 14.96 13.62 -20.36
CA GLN A 105 15.01 12.23 -19.88
C GLN A 105 14.63 11.26 -21.00
N ALA A 106 14.72 11.72 -22.24
CA ALA A 106 14.39 10.88 -23.40
C ALA A 106 15.56 9.98 -23.77
N GLY A 107 15.47 8.71 -23.38
CA GLY A 107 16.52 7.76 -23.68
C GLY A 107 17.86 8.18 -23.10
N SER A 1 -21.50 16.92 -12.47
CA SER A 1 -20.61 17.32 -11.35
C SER A 1 -20.59 16.25 -10.26
N GLY A 2 -19.65 16.37 -9.34
CA GLY A 2 -19.54 15.41 -8.26
C GLY A 2 -19.01 14.07 -8.72
N PHE A 3 -18.28 14.07 -9.83
CA PHE A 3 -17.73 12.85 -10.39
C PHE A 3 -16.97 12.06 -9.31
N LYS A 4 -16.84 10.76 -9.53
CA LYS A 4 -16.15 9.89 -8.58
C LYS A 4 -14.65 9.85 -8.88
N HIS A 5 -13.85 9.74 -7.82
CA HIS A 5 -12.40 9.69 -7.96
C HIS A 5 -11.87 8.35 -7.48
N VAL A 6 -12.13 7.30 -8.25
CA VAL A 6 -11.68 5.96 -7.90
C VAL A 6 -10.23 5.74 -8.31
N SER A 7 -9.46 5.09 -7.44
CA SER A 7 -8.06 4.80 -7.72
C SER A 7 -7.91 3.45 -8.41
N HIS A 8 -8.51 2.42 -7.82
CA HIS A 8 -8.47 1.06 -8.36
C HIS A 8 -7.14 0.37 -8.05
N VAL A 9 -6.03 1.03 -8.41
CA VAL A 9 -4.70 0.48 -8.18
C VAL A 9 -4.45 -0.71 -9.11
N GLY A 10 -5.24 -1.77 -8.95
CA GLY A 10 -5.10 -2.93 -9.81
C GLY A 10 -4.49 -4.12 -9.10
N TRP A 11 -4.67 -4.19 -7.78
CA TRP A 11 -4.13 -5.30 -7.01
C TRP A 11 -5.12 -6.45 -6.94
N ASP A 12 -4.62 -7.67 -6.79
CA ASP A 12 -5.49 -8.84 -6.71
C ASP A 12 -5.84 -9.16 -5.25
N PRO A 13 -7.12 -9.46 -4.97
CA PRO A 13 -7.57 -9.78 -3.61
C PRO A 13 -6.94 -11.07 -3.07
N GLN A 14 -6.93 -12.11 -3.90
CA GLN A 14 -6.40 -13.40 -3.50
C GLN A 14 -4.91 -13.52 -3.81
N ASN A 15 -4.49 -12.98 -4.94
CA ASN A 15 -3.09 -13.06 -5.35
C ASN A 15 -2.27 -11.93 -4.74
N GLY A 16 -2.95 -10.86 -4.34
CA GLY A 16 -2.26 -9.73 -3.74
C GLY A 16 -1.82 -8.70 -4.75
N PHE A 17 -0.71 -8.02 -4.47
CA PHE A 17 -0.19 -7.00 -5.36
C PHE A 17 0.65 -7.64 -6.48
N ASP A 18 0.46 -7.13 -7.70
CA ASP A 18 1.20 -7.64 -8.85
C ASP A 18 2.63 -7.10 -8.86
N VAL A 19 3.43 -7.51 -7.88
CA VAL A 19 4.80 -7.07 -7.79
C VAL A 19 5.55 -7.27 -9.10
N ASN A 20 5.06 -8.20 -9.92
CA ASN A 20 5.67 -8.48 -11.21
C ASN A 20 5.37 -7.36 -12.21
N ASN A 21 4.34 -6.58 -11.94
CA ASN A 21 3.96 -5.49 -12.83
C ASN A 21 3.77 -4.18 -12.07
N LEU A 22 4.35 -4.09 -10.87
CA LEU A 22 4.25 -2.88 -10.07
C LEU A 22 5.05 -1.74 -10.68
N ASP A 23 4.72 -0.51 -10.29
CA ASP A 23 5.40 0.67 -10.81
C ASP A 23 6.67 0.95 -10.02
N PRO A 24 7.76 1.37 -10.71
CA PRO A 24 9.03 1.68 -10.06
C PRO A 24 8.90 2.73 -8.97
N ASP A 25 7.80 3.49 -9.01
CA ASP A 25 7.57 4.53 -8.02
C ASP A 25 6.99 3.95 -6.74
N LEU A 26 5.86 3.26 -6.85
CA LEU A 26 5.21 2.67 -5.69
C LEU A 26 6.01 1.51 -5.13
N ARG A 27 6.55 0.67 -6.02
CA ARG A 27 7.34 -0.48 -5.60
C ARG A 27 8.47 -0.01 -4.69
N SER A 28 9.06 1.14 -5.04
CA SER A 28 10.14 1.72 -4.25
C SER A 28 9.64 2.08 -2.85
N LEU A 29 8.43 2.62 -2.79
CA LEU A 29 7.82 3.00 -1.51
C LEU A 29 7.75 1.79 -0.58
N PHE A 30 7.18 0.70 -1.08
CA PHE A 30 7.05 -0.52 -0.30
C PHE A 30 8.41 -0.95 0.24
N SER A 31 9.42 -0.95 -0.62
CA SER A 31 10.77 -1.33 -0.24
C SER A 31 11.31 -0.37 0.82
N ARG A 32 11.22 0.92 0.54
CA ARG A 32 11.70 1.94 1.47
C ARG A 32 11.02 1.81 2.82
N ALA A 33 9.77 1.36 2.79
CA ALA A 33 8.99 1.18 4.02
C ALA A 33 9.33 -0.14 4.70
N GLY A 34 10.07 -1.02 4.00
CA GLY A 34 10.43 -2.30 4.56
C GLY A 34 9.46 -3.40 4.19
N ILE A 35 8.60 -3.13 3.22
CA ILE A 35 7.61 -4.12 2.78
C ILE A 35 8.20 -5.04 1.71
N SER A 36 8.30 -6.32 2.04
CA SER A 36 8.83 -7.31 1.10
C SER A 36 7.72 -7.86 0.21
N GLU A 37 8.10 -8.45 -0.92
CA GLU A 37 7.12 -9.01 -1.85
C GLU A 37 6.18 -9.97 -1.13
N ALA A 38 6.69 -10.64 -0.10
CA ALA A 38 5.90 -11.58 0.68
C ALA A 38 4.64 -10.89 1.21
N GLN A 39 4.80 -9.67 1.70
CA GLN A 39 3.70 -8.90 2.23
C GLN A 39 2.85 -8.31 1.11
N LEU A 40 3.50 -8.01 -0.01
CA LEU A 40 2.81 -7.44 -1.17
C LEU A 40 1.91 -8.48 -1.81
N THR A 41 2.26 -9.76 -1.64
CA THR A 41 1.48 -10.85 -2.20
C THR A 41 0.51 -11.44 -1.17
N ASP A 42 0.56 -10.93 0.07
CA ASP A 42 -0.33 -11.40 1.11
C ASP A 42 -1.69 -10.72 1.01
N ALA A 43 -2.72 -11.52 0.74
CA ALA A 43 -4.08 -10.99 0.59
C ALA A 43 -4.44 -10.03 1.72
N GLU A 44 -3.94 -10.31 2.92
CA GLU A 44 -4.22 -9.47 4.08
C GLU A 44 -3.48 -8.15 4.00
N THR A 45 -2.16 -8.22 3.92
CA THR A 45 -1.33 -7.02 3.85
C THR A 45 -1.55 -6.26 2.55
N SER A 46 -1.82 -7.00 1.47
CA SER A 46 -2.05 -6.37 0.17
C SER A 46 -3.22 -5.39 0.25
N LYS A 47 -4.27 -5.79 0.95
CA LYS A 47 -5.46 -4.97 1.10
C LYS A 47 -5.15 -3.65 1.81
N LEU A 48 -4.53 -3.75 2.99
CA LEU A 48 -4.20 -2.56 3.76
C LEU A 48 -3.18 -1.70 3.03
N ILE A 49 -2.28 -2.35 2.29
CA ILE A 49 -1.24 -1.63 1.55
C ILE A 49 -1.84 -0.81 0.41
N TYR A 50 -2.46 -1.47 -0.56
CA TYR A 50 -3.04 -0.77 -1.70
C TYR A 50 -3.97 0.35 -1.21
N ASP A 51 -4.74 0.05 -0.16
CA ASP A 51 -5.63 1.04 0.43
C ASP A 51 -4.88 2.32 0.79
N PHE A 52 -3.64 2.15 1.26
CA PHE A 52 -2.81 3.28 1.65
C PHE A 52 -2.52 4.17 0.44
N ILE A 53 -2.48 3.55 -0.73
CA ILE A 53 -2.26 4.28 -1.97
C ILE A 53 -3.44 5.20 -2.26
N GLU A 54 -4.61 4.82 -1.76
CA GLU A 54 -5.82 5.62 -1.93
C GLU A 54 -5.75 6.88 -1.07
N ASP A 55 -5.21 6.74 0.14
CA ASP A 55 -5.07 7.88 1.05
C ASP A 55 -4.11 8.92 0.47
N GLN A 56 -3.20 8.45 -0.39
CA GLN A 56 -2.23 9.33 -1.04
C GLN A 56 -2.83 9.97 -2.29
N GLY A 57 -4.00 9.50 -2.71
CA GLY A 57 -4.63 10.04 -3.89
C GLY A 57 -4.72 9.00 -5.01
N GLY A 58 -4.64 7.74 -4.64
CA GLY A 58 -4.71 6.66 -5.62
C GLY A 58 -3.35 6.38 -6.25
N LEU A 59 -3.28 5.27 -6.98
CA LEU A 59 -2.05 4.88 -7.65
C LEU A 59 -1.43 6.05 -8.41
N GLU A 60 -2.29 6.88 -8.99
CA GLU A 60 -1.83 8.03 -9.76
C GLU A 60 -1.13 9.06 -8.86
N ALA A 61 -1.66 9.21 -7.64
CA ALA A 61 -1.09 10.18 -6.69
C ALA A 61 0.25 9.70 -6.14
N VAL A 62 0.38 8.39 -5.95
CA VAL A 62 1.62 7.82 -5.43
C VAL A 62 2.76 8.04 -6.40
N ARG A 63 2.54 7.69 -7.66
CA ARG A 63 3.54 7.89 -8.69
C ARG A 63 3.98 9.36 -8.71
N GLN A 64 2.99 10.25 -8.71
CA GLN A 64 3.23 11.69 -8.75
C GLN A 64 3.96 12.19 -7.49
N GLU A 65 3.55 11.71 -6.32
CA GLU A 65 4.14 12.17 -5.06
C GLU A 65 5.59 11.72 -4.93
N MET A 66 5.87 10.51 -5.39
CA MET A 66 7.22 9.96 -5.33
C MET A 66 8.18 10.79 -6.19
N ARG A 67 7.62 11.47 -7.19
CA ARG A 67 8.41 12.28 -8.10
C ARG A 67 8.81 13.62 -7.47
N ARG A 68 7.81 14.38 -7.03
CA ARG A 68 8.06 15.70 -6.44
C ARG A 68 8.74 15.59 -5.08
N GLN A 69 8.36 14.58 -4.31
CA GLN A 69 8.93 14.39 -2.99
C GLN A 69 10.41 14.00 -3.06
N GLY A 70 10.89 13.70 -4.27
CA GLY A 70 12.28 13.34 -4.44
C GLY A 70 13.13 14.48 -4.95
N GLY A 71 13.23 15.55 -4.16
CA GLY A 71 14.00 16.70 -4.55
C GLY A 71 14.89 17.23 -3.44
N SER A 72 15.58 18.33 -3.71
CA SER A 72 16.48 18.93 -2.72
C SER A 72 17.63 18.00 -2.38
N GLY A 73 18.85 18.49 -2.52
CA GLY A 73 20.02 17.68 -2.23
C GLY A 73 20.22 16.58 -3.24
N GLY A 74 20.03 15.34 -2.80
CA GLY A 74 20.19 14.20 -3.68
C GLY A 74 18.87 13.57 -4.07
N SER A 75 17.83 14.40 -4.22
CA SER A 75 16.51 13.91 -4.58
C SER A 75 16.09 12.77 -3.66
N GLN A 76 16.12 13.02 -2.36
CA GLN A 76 15.76 12.01 -1.37
C GLN A 76 14.25 11.81 -1.33
N SER A 77 13.78 10.72 -1.93
CA SER A 77 12.36 10.41 -1.95
C SER A 77 12.06 9.18 -1.09
N SER A 78 11.63 9.41 0.14
CA SER A 78 11.33 8.32 1.05
C SER A 78 10.96 8.83 2.44
N GLU A 79 11.71 9.80 2.93
CA GLU A 79 11.46 10.36 4.25
C GLU A 79 10.20 11.21 4.25
N GLY A 80 9.07 10.55 4.07
CA GLY A 80 7.79 11.23 4.05
C GLY A 80 6.62 10.27 3.93
N LEU A 81 6.22 9.98 2.70
CA LEU A 81 5.13 9.05 2.46
C LEU A 81 5.47 7.66 2.97
N VAL A 82 6.74 7.27 2.79
CA VAL A 82 7.21 5.98 3.25
C VAL A 82 7.09 5.87 4.77
N GLY A 83 7.13 7.02 5.44
CA GLY A 83 7.03 7.03 6.88
C GLY A 83 5.65 6.64 7.36
N ALA A 84 4.62 7.11 6.66
CA ALA A 84 3.25 6.78 7.01
C ALA A 84 2.99 5.29 6.85
N LEU A 85 3.49 4.73 5.76
CA LEU A 85 3.33 3.31 5.48
C LEU A 85 3.87 2.48 6.63
N MET A 86 5.09 2.79 7.05
CA MET A 86 5.74 2.07 8.14
C MET A 86 4.81 1.94 9.34
N HIS A 87 3.91 2.92 9.49
CA HIS A 87 2.96 2.91 10.59
C HIS A 87 1.78 2.01 10.27
N VAL A 88 1.31 2.08 9.03
CA VAL A 88 0.20 1.23 8.59
C VAL A 88 0.61 -0.23 8.65
N MET A 89 1.83 -0.50 8.20
CA MET A 89 2.36 -1.86 8.23
C MET A 89 2.52 -2.34 9.66
N GLN A 90 2.80 -1.40 10.56
CA GLN A 90 2.96 -1.72 11.98
C GLN A 90 1.69 -2.29 12.58
N LYS A 91 0.56 -2.06 11.90
CA LYS A 91 -0.73 -2.54 12.38
C LYS A 91 -0.82 -4.05 12.29
N ARG A 92 -0.49 -4.60 11.12
CA ARG A 92 -0.55 -6.03 10.90
C ARG A 92 0.56 -6.76 11.64
N SER A 93 1.59 -6.02 12.04
CA SER A 93 2.72 -6.62 12.75
C SER A 93 2.37 -6.89 14.20
N ARG A 94 1.46 -6.08 14.75
CA ARG A 94 1.05 -6.23 16.14
C ARG A 94 -0.46 -6.46 16.26
N ALA A 95 -1.14 -6.56 15.13
CA ALA A 95 -2.59 -6.76 15.13
C ALA A 95 -2.94 -8.21 15.50
N ILE A 96 -4.08 -8.38 16.17
CA ILE A 96 -4.51 -9.71 16.58
C ILE A 96 -4.69 -10.62 15.38
N HIS A 97 -3.71 -11.50 15.16
CA HIS A 97 -3.76 -12.43 14.04
C HIS A 97 -5.08 -13.19 14.01
N SER A 98 -5.79 -13.09 12.88
CA SER A 98 -7.09 -13.77 12.73
C SER A 98 -8.18 -13.01 13.48
N SER A 99 -8.34 -11.74 13.14
CA SER A 99 -9.35 -10.89 13.79
C SER A 99 -10.75 -11.35 13.41
N ASP A 100 -11.75 -10.59 13.83
CA ASP A 100 -13.14 -10.92 13.53
C ASP A 100 -14.01 -9.67 13.55
N GLU A 101 -15.08 -9.68 12.75
CA GLU A 101 -15.98 -8.54 12.67
C GLU A 101 -17.41 -8.98 12.98
N GLY A 102 -17.55 -9.96 13.86
CA GLY A 102 -18.86 -10.45 14.22
C GLY A 102 -19.47 -11.34 13.15
N GLU A 103 -18.64 -11.85 12.26
CA GLU A 103 -19.10 -12.71 11.18
C GLU A 103 -19.21 -14.16 11.65
N ASP A 104 -20.43 -14.64 11.82
CA ASP A 104 -20.68 -16.01 12.28
C ASP A 104 -19.70 -16.42 13.37
N GLN A 105 -19.62 -17.73 13.64
CA GLN A 105 -18.73 -18.25 14.67
C GLN A 105 -19.23 -17.86 16.06
N ALA A 106 -19.62 -18.86 16.85
CA ALA A 106 -20.12 -18.61 18.20
C ALA A 106 -18.96 -18.43 19.18
N GLY A 107 -18.99 -17.33 19.92
CA GLY A 107 -17.95 -17.05 20.88
C GLY A 107 -16.57 -16.96 20.24
N SER A 1 -9.94 20.26 -14.94
CA SER A 1 -10.81 21.30 -15.56
C SER A 1 -12.25 20.81 -15.68
N GLY A 2 -12.99 20.90 -14.57
CA GLY A 2 -14.38 20.46 -14.58
C GLY A 2 -14.57 19.14 -13.87
N PHE A 3 -13.49 18.38 -13.73
CA PHE A 3 -13.54 17.08 -13.06
C PHE A 3 -12.47 16.97 -11.98
N LYS A 4 -12.90 16.70 -10.75
CA LYS A 4 -11.98 16.56 -9.63
C LYS A 4 -11.47 15.13 -9.52
N HIS A 5 -10.25 14.90 -10.00
CA HIS A 5 -9.65 13.57 -9.96
C HIS A 5 -8.59 13.49 -8.87
N VAL A 6 -8.96 12.92 -7.73
CA VAL A 6 -8.04 12.77 -6.61
C VAL A 6 -7.51 11.34 -6.51
N SER A 7 -6.21 11.18 -6.74
CA SER A 7 -5.59 9.87 -6.68
C SER A 7 -6.21 8.92 -7.70
N HIS A 8 -5.68 7.71 -7.79
CA HIS A 8 -6.19 6.71 -8.72
C HIS A 8 -5.62 5.34 -8.39
N VAL A 9 -5.89 4.86 -7.18
CA VAL A 9 -5.40 3.55 -6.75
C VAL A 9 -6.16 2.43 -7.44
N GLY A 10 -7.49 2.59 -7.51
CA GLY A 10 -8.32 1.60 -8.17
C GLY A 10 -8.05 0.18 -7.71
N TRP A 11 -7.85 0.01 -6.41
CA TRP A 11 -7.58 -1.32 -5.85
C TRP A 11 -8.90 -2.03 -5.51
N ASP A 12 -8.89 -3.34 -5.52
CA ASP A 12 -10.09 -4.11 -5.21
C ASP A 12 -10.16 -4.40 -3.71
N PRO A 13 -11.38 -4.29 -3.13
CA PRO A 13 -11.58 -4.53 -1.69
C PRO A 13 -11.68 -6.01 -1.36
N GLN A 14 -12.12 -6.79 -2.34
CA GLN A 14 -12.26 -8.24 -2.15
C GLN A 14 -11.05 -8.97 -2.72
N ASN A 15 -10.58 -8.50 -3.87
CA ASN A 15 -9.42 -9.12 -4.53
C ASN A 15 -8.12 -8.51 -4.01
N GLY A 16 -8.20 -7.27 -3.54
CA GLY A 16 -7.02 -6.60 -3.01
C GLY A 16 -6.38 -5.68 -4.03
N PHE A 17 -5.06 -5.53 -3.94
CA PHE A 17 -4.32 -4.67 -4.85
C PHE A 17 -4.01 -5.40 -6.14
N ASP A 18 -3.96 -4.66 -7.25
CA ASP A 18 -3.65 -5.24 -8.55
C ASP A 18 -2.14 -5.34 -8.77
N VAL A 19 -1.49 -6.14 -7.93
CA VAL A 19 -0.05 -6.33 -8.02
C VAL A 19 0.38 -6.69 -9.44
N ASN A 20 -0.55 -7.24 -10.21
CA ASN A 20 -0.27 -7.62 -11.58
C ASN A 20 -0.18 -6.39 -12.49
N ASN A 21 -0.75 -5.28 -12.04
CA ASN A 21 -0.73 -4.04 -12.82
C ASN A 21 -0.31 -2.84 -11.98
N LEU A 22 0.40 -3.11 -10.89
CA LEU A 22 0.87 -2.04 -10.00
C LEU A 22 1.96 -1.22 -10.68
N ASP A 23 2.17 -0.01 -10.18
CA ASP A 23 3.19 0.88 -10.74
C ASP A 23 4.56 0.57 -10.16
N PRO A 24 5.62 0.61 -11.00
CA PRO A 24 6.99 0.32 -10.56
C PRO A 24 7.44 1.19 -9.40
N ASP A 25 6.73 2.30 -9.19
CA ASP A 25 7.07 3.21 -8.10
C ASP A 25 6.49 2.72 -6.78
N LEU A 26 5.17 2.56 -6.73
CA LEU A 26 4.51 2.10 -5.52
C LEU A 26 4.83 0.64 -5.23
N ARG A 27 4.86 -0.18 -6.27
CA ARG A 27 5.17 -1.59 -6.11
C ARG A 27 6.47 -1.76 -5.32
N SER A 28 7.43 -0.88 -5.60
CA SER A 28 8.71 -0.91 -4.90
C SER A 28 8.52 -0.60 -3.42
N LEU A 29 7.56 0.27 -3.12
CA LEU A 29 7.27 0.64 -1.74
C LEU A 29 6.93 -0.59 -0.92
N PHE A 30 5.89 -1.30 -1.32
CA PHE A 30 5.48 -2.52 -0.63
C PHE A 30 6.65 -3.46 -0.43
N SER A 31 7.41 -3.68 -1.50
CA SER A 31 8.58 -4.54 -1.45
C SER A 31 9.62 -4.01 -0.47
N ARG A 32 10.02 -2.75 -0.69
CA ARG A 32 11.01 -2.11 0.19
C ARG A 32 10.56 -2.14 1.64
N ALA A 33 9.24 -2.11 1.84
CA ALA A 33 8.68 -2.14 3.19
C ALA A 33 8.62 -3.56 3.76
N GLY A 34 8.77 -4.55 2.88
CA GLY A 34 8.73 -5.94 3.31
C GLY A 34 7.37 -6.58 3.09
N ILE A 35 6.48 -5.89 2.37
CA ILE A 35 5.15 -6.40 2.09
C ILE A 35 5.15 -7.27 0.84
N SER A 36 4.75 -8.53 1.01
CA SER A 36 4.70 -9.47 -0.11
C SER A 36 3.36 -9.38 -0.82
N GLU A 37 3.32 -9.88 -2.06
CA GLU A 37 2.10 -9.87 -2.86
C GLU A 37 0.94 -10.48 -2.08
N ALA A 38 1.25 -11.45 -1.22
CA ALA A 38 0.23 -12.11 -0.43
C ALA A 38 -0.59 -11.10 0.38
N GLN A 39 0.09 -10.12 0.95
CA GLN A 39 -0.56 -9.08 1.74
C GLN A 39 -1.23 -8.05 0.84
N LEU A 40 -0.65 -7.84 -0.34
CA LEU A 40 -1.19 -6.88 -1.29
C LEU A 40 -2.50 -7.38 -1.89
N THR A 41 -2.66 -8.70 -1.90
CA THR A 41 -3.87 -9.32 -2.43
C THR A 41 -4.88 -9.63 -1.33
N ASP A 42 -4.49 -9.40 -0.07
CA ASP A 42 -5.37 -9.66 1.05
C ASP A 42 -6.33 -8.49 1.27
N ALA A 43 -7.62 -8.78 1.23
CA ALA A 43 -8.65 -7.74 1.39
C ALA A 43 -8.39 -6.90 2.64
N GLU A 44 -7.93 -7.55 3.71
CA GLU A 44 -7.66 -6.87 4.96
C GLU A 44 -6.44 -5.97 4.87
N THR A 45 -5.29 -6.57 4.57
CA THR A 45 -4.05 -5.82 4.46
C THR A 45 -4.09 -4.84 3.30
N SER A 46 -4.82 -5.21 2.25
CA SER A 46 -4.96 -4.36 1.09
C SER A 46 -5.56 -3.01 1.49
N LYS A 47 -6.59 -3.06 2.33
CA LYS A 47 -7.27 -1.85 2.80
C LYS A 47 -6.31 -0.94 3.55
N LEU A 48 -5.65 -1.47 4.57
CA LEU A 48 -4.73 -0.68 5.37
C LEU A 48 -3.53 -0.20 4.56
N ILE A 49 -3.10 -1.01 3.60
CA ILE A 49 -1.97 -0.65 2.76
C ILE A 49 -2.31 0.50 1.81
N TYR A 50 -3.25 0.30 0.90
CA TYR A 50 -3.60 1.33 -0.07
C TYR A 50 -3.94 2.63 0.67
N ASP A 51 -4.59 2.50 1.82
CA ASP A 51 -4.95 3.65 2.63
C ASP A 51 -3.71 4.48 2.94
N PHE A 52 -2.57 3.82 3.06
CA PHE A 52 -1.32 4.51 3.33
C PHE A 52 -0.97 5.42 2.17
N ILE A 53 -1.18 4.93 0.95
CA ILE A 53 -0.91 5.73 -0.24
C ILE A 53 -1.65 7.06 -0.17
N GLU A 54 -2.79 7.06 0.54
CA GLU A 54 -3.59 8.26 0.70
C GLU A 54 -2.90 9.25 1.64
N ASP A 55 -2.27 8.73 2.69
CA ASP A 55 -1.57 9.57 3.64
C ASP A 55 -0.33 10.18 3.01
N GLN A 56 0.21 9.50 2.00
CA GLN A 56 1.40 9.97 1.30
C GLN A 56 1.04 10.97 0.19
N GLY A 57 -0.24 11.39 0.16
CA GLY A 57 -0.67 12.32 -0.86
C GLY A 57 -1.34 11.63 -2.04
N GLY A 58 -1.79 10.40 -1.81
CA GLY A 58 -2.45 9.65 -2.86
C GLY A 58 -1.47 8.97 -3.80
N LEU A 59 -1.98 8.09 -4.65
CA LEU A 59 -1.14 7.36 -5.60
C LEU A 59 -0.23 8.32 -6.37
N GLU A 60 -0.76 9.48 -6.73
CA GLU A 60 0.00 10.47 -7.49
C GLU A 60 1.19 10.98 -6.67
N ALA A 61 0.97 11.12 -5.37
CA ALA A 61 2.01 11.61 -4.47
C ALA A 61 3.09 10.55 -4.24
N VAL A 62 2.68 9.29 -4.26
CA VAL A 62 3.60 8.18 -4.05
C VAL A 62 4.60 8.09 -5.20
N ARG A 63 4.08 8.03 -6.42
CA ARG A 63 4.93 7.99 -7.60
C ARG A 63 5.92 9.15 -7.59
N GLN A 64 5.40 10.33 -7.24
CA GLN A 64 6.21 11.55 -7.20
C GLN A 64 7.31 11.47 -6.16
N GLU A 65 6.98 11.04 -4.95
CA GLU A 65 7.95 10.98 -3.86
C GLU A 65 9.00 9.90 -4.12
N MET A 66 8.56 8.76 -4.64
CA MET A 66 9.47 7.67 -4.95
C MET A 66 10.55 8.14 -5.93
N ARG A 67 10.15 9.03 -6.82
CA ARG A 67 11.06 9.59 -7.83
C ARG A 67 11.97 10.66 -7.23
N ARG A 68 11.42 11.41 -6.27
CA ARG A 68 12.17 12.49 -5.63
C ARG A 68 13.28 11.95 -4.76
N GLN A 69 13.15 10.68 -4.35
CA GLN A 69 14.16 10.05 -3.52
C GLN A 69 15.16 9.23 -4.33
N GLY A 70 14.96 9.18 -5.66
CA GLY A 70 15.85 8.43 -6.51
C GLY A 70 17.29 8.89 -6.39
N GLY A 71 18.04 8.26 -5.49
CA GLY A 71 19.42 8.62 -5.30
C GLY A 71 20.39 7.60 -5.86
N SER A 72 19.91 6.38 -6.05
CA SER A 72 20.75 5.30 -6.58
C SER A 72 21.93 5.05 -5.66
N GLY A 73 22.99 5.85 -5.83
CA GLY A 73 24.17 5.70 -5.00
C GLY A 73 24.12 6.62 -3.79
N GLY A 74 23.78 6.05 -2.63
CA GLY A 74 23.69 6.84 -1.43
C GLY A 74 22.36 7.58 -1.32
N SER A 75 21.69 7.44 -0.18
CA SER A 75 20.40 8.07 0.02
C SER A 75 19.41 7.62 -1.05
N GLN A 76 19.28 6.30 -1.19
CA GLN A 76 18.39 5.72 -2.19
C GLN A 76 16.93 5.88 -1.78
N SER A 77 16.04 5.73 -2.75
CA SER A 77 14.61 5.84 -2.50
C SER A 77 14.12 4.66 -1.66
N SER A 78 13.96 4.89 -0.36
CA SER A 78 13.50 3.85 0.56
C SER A 78 13.41 4.38 1.98
N GLU A 79 14.48 5.04 2.43
CA GLU A 79 14.53 5.58 3.78
C GLU A 79 13.63 6.81 3.91
N GLY A 80 12.36 6.57 4.16
CA GLY A 80 11.40 7.65 4.29
C GLY A 80 9.98 7.15 4.24
N LEU A 81 9.40 7.13 3.04
CA LEU A 81 8.04 6.65 2.86
C LEU A 81 7.92 5.18 3.25
N VAL A 82 8.93 4.40 2.89
CA VAL A 82 8.95 2.97 3.20
C VAL A 82 8.98 2.74 4.70
N GLY A 83 9.52 3.70 5.44
CA GLY A 83 9.59 3.58 6.88
C GLY A 83 8.23 3.65 7.54
N ALA A 84 7.39 4.57 7.07
CA ALA A 84 6.05 4.72 7.61
C ALA A 84 5.22 3.46 7.34
N LEU A 85 5.28 2.97 6.11
CA LEU A 85 4.55 1.76 5.73
C LEU A 85 4.87 0.63 6.69
N MET A 86 6.15 0.43 6.93
CA MET A 86 6.60 -0.63 7.84
C MET A 86 5.83 -0.58 9.15
N HIS A 87 5.66 0.62 9.68
CA HIS A 87 4.92 0.81 10.92
C HIS A 87 3.45 0.45 10.71
N VAL A 88 2.90 0.90 9.60
CA VAL A 88 1.51 0.61 9.26
C VAL A 88 1.26 -0.90 9.26
N MET A 89 2.21 -1.63 8.69
CA MET A 89 2.12 -3.09 8.64
C MET A 89 2.16 -3.68 10.04
N GLN A 90 2.87 -3.00 10.94
CA GLN A 90 2.96 -3.44 12.32
C GLN A 90 1.62 -3.27 13.04
N LYS A 91 0.72 -2.49 12.44
CA LYS A 91 -0.60 -2.26 13.03
C LYS A 91 -1.44 -3.52 12.96
N ARG A 92 -1.14 -4.37 11.98
CA ARG A 92 -1.87 -5.64 11.83
C ARG A 92 -1.44 -6.61 12.90
N SER A 93 -0.18 -6.53 13.30
CA SER A 93 0.35 -7.38 14.35
C SER A 93 -0.13 -6.91 15.70
N ARG A 94 -0.40 -5.61 15.80
CA ARG A 94 -0.88 -5.02 17.04
C ARG A 94 -2.28 -4.43 16.83
N ALA A 95 -3.00 -4.99 15.86
CA ALA A 95 -4.34 -4.53 15.54
C ALA A 95 -5.34 -4.99 16.60
N ILE A 96 -6.42 -4.23 16.76
CA ILE A 96 -7.45 -4.58 17.74
C ILE A 96 -8.46 -5.54 17.14
N HIS A 97 -8.29 -6.82 17.43
CA HIS A 97 -9.19 -7.86 16.93
C HIS A 97 -10.66 -7.45 17.12
N SER A 98 -11.22 -6.81 16.09
CA SER A 98 -12.59 -6.34 16.16
C SER A 98 -13.40 -6.88 14.99
N SER A 99 -12.99 -8.04 14.46
CA SER A 99 -13.68 -8.66 13.34
C SER A 99 -13.25 -10.11 13.18
N ASP A 100 -13.91 -10.83 12.27
CA ASP A 100 -13.60 -12.23 12.02
C ASP A 100 -13.99 -12.64 10.61
N GLU A 101 -13.83 -13.92 10.30
CA GLU A 101 -14.17 -14.43 8.98
C GLU A 101 -13.87 -15.92 8.89
N GLY A 102 -12.79 -16.34 9.53
CA GLY A 102 -12.42 -17.75 9.51
C GLY A 102 -11.17 -18.00 8.66
N GLU A 103 -10.63 -19.21 8.77
CA GLU A 103 -9.44 -19.57 8.01
C GLU A 103 -9.81 -20.31 6.73
N ASP A 104 -9.65 -19.64 5.59
CA ASP A 104 -9.98 -20.22 4.29
C ASP A 104 -11.25 -21.06 4.35
N GLN A 105 -12.23 -20.58 5.11
CA GLN A 105 -13.50 -21.28 5.25
C GLN A 105 -14.63 -20.31 5.59
N ALA A 106 -15.87 -20.74 5.36
CA ALA A 106 -17.03 -19.92 5.65
C ALA A 106 -17.38 -19.95 7.13
N GLY A 107 -17.99 -18.88 7.63
CA GLY A 107 -18.36 -18.81 9.02
C GLY A 107 -17.17 -18.95 9.95
N SER A 1 28.55 3.96 3.46
CA SER A 1 28.74 5.36 2.98
C SER A 1 29.33 5.40 1.59
N GLY A 2 28.86 6.34 0.78
CA GLY A 2 29.35 6.47 -0.58
C GLY A 2 28.33 6.03 -1.62
N PHE A 3 27.41 5.17 -1.20
CA PHE A 3 26.37 4.66 -2.08
C PHE A 3 24.99 5.06 -1.60
N LYS A 4 24.02 5.05 -2.51
CA LYS A 4 22.65 5.41 -2.16
C LYS A 4 21.88 4.19 -1.67
N HIS A 5 21.55 4.18 -0.38
CA HIS A 5 20.83 3.07 0.21
C HIS A 5 19.31 3.27 0.09
N VAL A 6 18.79 3.05 -1.11
CA VAL A 6 17.36 3.19 -1.36
C VAL A 6 16.61 1.96 -0.89
N SER A 7 15.45 2.17 -0.27
CA SER A 7 14.63 1.07 0.24
C SER A 7 13.63 0.59 -0.78
N HIS A 8 12.96 -0.50 -0.43
CA HIS A 8 11.87 -1.02 -1.23
C HIS A 8 10.56 -0.46 -0.71
N VAL A 9 10.55 -0.10 0.57
CA VAL A 9 9.36 0.47 1.21
C VAL A 9 9.73 1.14 2.54
N GLY A 10 10.09 0.33 3.52
CA GLY A 10 10.47 0.85 4.82
C GLY A 10 9.31 0.95 5.78
N TRP A 11 8.31 0.09 5.62
CA TRP A 11 7.15 0.10 6.49
C TRP A 11 7.36 -0.80 7.71
N ASP A 12 6.70 -0.47 8.81
CA ASP A 12 6.82 -1.27 10.02
C ASP A 12 5.72 -2.33 10.08
N PRO A 13 6.08 -3.59 10.39
CA PRO A 13 5.10 -4.69 10.47
C PRO A 13 4.06 -4.46 11.56
N GLN A 14 4.45 -3.79 12.64
CA GLN A 14 3.55 -3.53 13.75
C GLN A 14 2.93 -2.14 13.68
N ASN A 15 3.73 -1.15 13.31
CA ASN A 15 3.26 0.23 13.23
C ASN A 15 2.62 0.53 11.87
N GLY A 16 2.85 -0.34 10.89
CA GLY A 16 2.30 -0.14 9.57
C GLY A 16 3.19 0.73 8.70
N PHE A 17 2.59 1.60 7.92
CA PHE A 17 3.35 2.50 7.05
C PHE A 17 3.87 3.70 7.81
N ASP A 18 4.38 4.68 7.08
CA ASP A 18 4.90 5.90 7.69
C ASP A 18 4.21 7.12 7.10
N VAL A 19 2.88 7.13 7.16
CA VAL A 19 2.08 8.22 6.62
C VAL A 19 2.64 9.58 7.07
N ASN A 20 3.31 9.58 8.21
CA ASN A 20 3.89 10.82 8.74
C ASN A 20 5.07 11.28 7.90
N ASN A 21 5.69 10.34 7.19
CA ASN A 21 6.85 10.65 6.35
C ASN A 21 6.75 9.99 4.98
N LEU A 22 5.53 9.73 4.52
CA LEU A 22 5.33 9.11 3.21
C LEU A 22 5.69 10.08 2.09
N ASP A 23 5.95 9.53 0.92
CA ASP A 23 6.33 10.35 -0.24
C ASP A 23 5.08 10.90 -0.93
N PRO A 24 5.14 12.17 -1.38
CA PRO A 24 4.02 12.81 -2.08
C PRO A 24 3.52 12.01 -3.27
N ASP A 25 4.37 11.12 -3.77
CA ASP A 25 4.03 10.30 -4.93
C ASP A 25 3.16 9.11 -4.52
N LEU A 26 3.70 8.29 -3.62
CA LEU A 26 2.97 7.10 -3.16
C LEU A 26 1.81 7.49 -2.25
N ARG A 27 2.02 8.49 -1.41
CA ARG A 27 0.96 8.95 -0.51
C ARG A 27 -0.25 9.40 -1.32
N SER A 28 0.00 9.98 -2.48
CA SER A 28 -1.06 10.44 -3.36
C SER A 28 -1.89 9.26 -3.86
N LEU A 29 -1.20 8.15 -4.15
CA LEU A 29 -1.88 6.95 -4.63
C LEU A 29 -2.98 6.53 -3.68
N PHE A 30 -2.64 6.37 -2.40
CA PHE A 30 -3.60 5.99 -1.38
C PHE A 30 -4.82 6.91 -1.44
N SER A 31 -4.56 8.21 -1.53
CA SER A 31 -5.63 9.20 -1.61
C SER A 31 -6.45 9.00 -2.88
N ARG A 32 -5.77 8.84 -4.00
CA ARG A 32 -6.44 8.63 -5.28
C ARG A 32 -7.26 7.34 -5.26
N ALA A 33 -6.76 6.35 -4.53
CA ALA A 33 -7.43 5.06 -4.44
C ALA A 33 -8.54 5.10 -3.38
N GLY A 34 -8.44 6.05 -2.46
CA GLY A 34 -9.44 6.18 -1.41
C GLY A 34 -9.02 5.52 -0.11
N ILE A 35 -7.72 5.24 0.02
CA ILE A 35 -7.19 4.61 1.22
C ILE A 35 -6.85 5.65 2.28
N SER A 36 -7.47 5.52 3.45
CA SER A 36 -7.23 6.45 4.55
C SER A 36 -6.03 6.02 5.39
N GLU A 37 -5.46 6.96 6.12
CA GLU A 37 -4.31 6.67 6.97
C GLU A 37 -4.60 5.50 7.90
N ALA A 38 -5.86 5.34 8.28
CA ALA A 38 -6.27 4.26 9.16
C ALA A 38 -5.83 2.91 8.61
N GLN A 39 -5.96 2.75 7.29
CA GLN A 39 -5.58 1.51 6.63
C GLN A 39 -4.06 1.43 6.45
N LEU A 40 -3.44 2.59 6.27
CA LEU A 40 -1.99 2.67 6.08
C LEU A 40 -1.27 2.34 7.38
N THR A 41 -1.94 2.55 8.51
CA THR A 41 -1.36 2.28 9.82
C THR A 41 -1.79 0.91 10.35
N ASP A 42 -2.72 0.25 9.65
CA ASP A 42 -3.20 -1.06 10.07
C ASP A 42 -2.26 -2.16 9.60
N ALA A 43 -1.65 -2.86 10.55
CA ALA A 43 -0.71 -3.92 10.23
C ALA A 43 -1.28 -4.88 9.18
N GLU A 44 -2.60 -5.05 9.21
CA GLU A 44 -3.27 -5.94 8.27
C GLU A 44 -3.30 -5.35 6.87
N THR A 45 -3.93 -4.19 6.74
CA THR A 45 -4.04 -3.51 5.46
C THR A 45 -2.68 -3.03 4.97
N SER A 46 -1.82 -2.63 5.91
CA SER A 46 -0.49 -2.17 5.55
C SER A 46 0.28 -3.25 4.81
N LYS A 47 0.12 -4.50 5.25
CA LYS A 47 0.79 -5.64 4.64
C LYS A 47 0.37 -5.82 3.18
N LEU A 48 -0.94 -5.82 2.94
CA LEU A 48 -1.45 -5.98 1.58
C LEU A 48 -1.14 -4.75 0.73
N ILE A 49 -1.17 -3.58 1.36
CA ILE A 49 -0.93 -2.32 0.65
C ILE A 49 0.53 -2.22 0.18
N TYR A 50 1.47 -2.17 1.12
CA TYR A 50 2.89 -2.06 0.75
C TYR A 50 3.26 -3.13 -0.26
N ASP A 51 2.67 -4.32 -0.10
CA ASP A 51 2.93 -5.43 -1.01
C ASP A 51 2.61 -5.02 -2.44
N PHE A 52 1.60 -4.18 -2.59
CA PHE A 52 1.20 -3.68 -3.91
C PHE A 52 2.31 -2.86 -4.52
N ILE A 53 2.96 -2.04 -3.70
CA ILE A 53 4.07 -1.22 -4.16
C ILE A 53 5.14 -2.08 -4.81
N GLU A 54 5.25 -3.32 -4.33
CA GLU A 54 6.22 -4.26 -4.87
C GLU A 54 5.84 -4.67 -6.29
N ASP A 55 4.56 -4.92 -6.52
CA ASP A 55 4.08 -5.29 -7.86
C ASP A 55 4.38 -4.19 -8.86
N GLN A 56 4.52 -2.96 -8.35
CA GLN A 56 4.84 -1.82 -9.20
C GLN A 56 6.34 -1.69 -9.41
N GLY A 57 7.12 -2.42 -8.61
CA GLY A 57 8.57 -2.36 -8.72
C GLY A 57 9.20 -1.79 -7.46
N GLY A 58 8.50 -1.94 -6.34
CA GLY A 58 9.00 -1.43 -5.09
C GLY A 58 8.70 0.05 -4.90
N LEU A 59 8.92 0.54 -3.69
CA LEU A 59 8.68 1.94 -3.36
C LEU A 59 9.29 2.86 -4.42
N GLU A 60 10.42 2.44 -4.98
CA GLU A 60 11.12 3.22 -5.99
C GLU A 60 10.33 3.31 -7.30
N ALA A 61 9.65 2.22 -7.65
CA ALA A 61 8.89 2.15 -8.89
C ALA A 61 7.62 2.99 -8.81
N VAL A 62 7.00 3.02 -7.64
CA VAL A 62 5.77 3.78 -7.46
C VAL A 62 6.05 5.27 -7.64
N ARG A 63 6.87 5.83 -6.77
CA ARG A 63 7.27 7.23 -6.92
C ARG A 63 7.83 7.45 -8.32
N GLN A 64 8.42 6.39 -8.87
CA GLN A 64 8.99 6.44 -10.21
C GLN A 64 7.91 6.68 -11.26
N GLU A 65 6.90 5.80 -11.26
CA GLU A 65 5.81 5.87 -12.22
C GLU A 65 4.91 7.07 -11.97
N MET A 66 4.67 7.38 -10.70
CA MET A 66 3.83 8.51 -10.34
C MET A 66 4.37 9.80 -10.94
N ARG A 67 5.70 9.91 -10.97
CA ARG A 67 6.37 11.08 -11.52
C ARG A 67 6.37 11.03 -13.04
N ARG A 68 6.53 9.84 -13.59
CA ARG A 68 6.58 9.65 -15.03
C ARG A 68 5.21 9.89 -15.67
N GLN A 69 4.15 9.75 -14.86
CA GLN A 69 2.80 9.96 -15.34
C GLN A 69 2.19 11.24 -14.78
N GLY A 70 2.80 11.77 -13.71
CA GLY A 70 2.29 12.98 -13.11
C GLY A 70 2.11 14.10 -14.12
N GLY A 71 3.09 14.27 -14.99
CA GLY A 71 3.01 15.32 -16.00
C GLY A 71 3.06 16.70 -15.39
N SER A 72 2.34 17.65 -16.01
CA SER A 72 2.31 19.01 -15.52
C SER A 72 1.01 19.71 -15.93
N GLY A 73 0.87 20.97 -15.52
CA GLY A 73 -0.32 21.72 -15.86
C GLY A 73 -1.59 21.01 -15.43
N GLY A 74 -1.56 20.41 -14.23
CA GLY A 74 -2.72 19.69 -13.73
C GLY A 74 -3.06 18.48 -14.56
N SER A 75 -2.06 17.68 -14.89
CA SER A 75 -2.25 16.48 -15.69
C SER A 75 -2.08 15.22 -14.85
N GLN A 76 -2.68 15.22 -13.66
CA GLN A 76 -2.60 14.07 -12.76
C GLN A 76 -3.50 12.95 -13.26
N SER A 77 -2.91 11.77 -13.47
CA SER A 77 -3.66 10.63 -13.96
C SER A 77 -3.64 9.47 -12.96
N SER A 78 -4.79 9.18 -12.38
CA SER A 78 -4.92 8.09 -11.43
C SER A 78 -5.25 6.77 -12.14
N GLU A 79 -5.60 6.86 -13.42
CA GLU A 79 -5.97 5.67 -14.19
C GLU A 79 -4.76 4.79 -14.47
N GLY A 80 -4.17 4.26 -13.39
CA GLY A 80 -3.02 3.40 -13.50
C GLY A 80 -2.79 2.60 -12.24
N LEU A 81 -1.83 3.05 -11.45
CA LEU A 81 -1.53 2.39 -10.18
C LEU A 81 -2.71 2.49 -9.21
N VAL A 82 -3.46 3.57 -9.33
CA VAL A 82 -4.61 3.81 -8.46
C VAL A 82 -5.70 2.77 -8.71
N GLY A 83 -5.89 2.40 -9.97
CA GLY A 83 -6.90 1.43 -10.32
C GLY A 83 -6.58 0.04 -9.81
N ALA A 84 -5.32 -0.37 -9.98
CA ALA A 84 -4.88 -1.68 -9.52
C ALA A 84 -4.95 -1.79 -8.01
N LEU A 85 -4.42 -0.78 -7.32
CA LEU A 85 -4.43 -0.76 -5.86
C LEU A 85 -5.86 -0.76 -5.34
N MET A 86 -6.72 0.02 -5.99
CA MET A 86 -8.13 0.10 -5.61
C MET A 86 -8.73 -1.30 -5.53
N HIS A 87 -8.32 -2.16 -6.45
CA HIS A 87 -8.80 -3.54 -6.48
C HIS A 87 -8.19 -4.34 -5.33
N VAL A 88 -6.88 -4.15 -5.13
CA VAL A 88 -6.18 -4.84 -4.06
C VAL A 88 -6.88 -4.59 -2.72
N MET A 89 -7.34 -3.36 -2.53
CA MET A 89 -8.04 -3.00 -1.30
C MET A 89 -9.36 -3.75 -1.17
N GLN A 90 -9.95 -4.10 -2.31
CA GLN A 90 -11.22 -4.81 -2.33
C GLN A 90 -11.08 -6.23 -1.76
N LYS A 91 -9.84 -6.67 -1.54
CA LYS A 91 -9.60 -8.00 -0.99
C LYS A 91 -10.04 -8.05 0.47
N ARG A 92 -9.79 -6.96 1.19
CA ARG A 92 -10.17 -6.87 2.59
C ARG A 92 -11.68 -6.66 2.71
N SER A 93 -12.27 -6.05 1.69
CA SER A 93 -13.69 -5.78 1.67
C SER A 93 -14.49 -7.04 1.39
N ARG A 94 -13.96 -7.87 0.51
CA ARG A 94 -14.62 -9.12 0.14
C ARG A 94 -14.20 -10.29 1.03
N ALA A 95 -13.23 -10.04 1.91
CA ALA A 95 -12.77 -11.07 2.83
C ALA A 95 -13.78 -11.30 3.94
N ILE A 96 -14.26 -12.54 4.04
CA ILE A 96 -15.25 -12.88 5.05
C ILE A 96 -14.63 -13.73 6.15
N HIS A 97 -14.33 -13.10 7.29
CA HIS A 97 -13.74 -13.80 8.42
C HIS A 97 -14.62 -14.99 8.82
N SER A 98 -14.36 -16.14 8.20
CA SER A 98 -15.14 -17.34 8.46
C SER A 98 -14.26 -18.43 9.08
N SER A 99 -13.40 -18.04 10.00
CA SER A 99 -12.50 -18.98 10.67
C SER A 99 -12.80 -19.04 12.17
N ASP A 100 -13.91 -19.69 12.52
CA ASP A 100 -14.31 -19.82 13.91
C ASP A 100 -15.19 -21.05 14.11
N GLU A 101 -16.17 -21.22 13.22
CA GLU A 101 -17.08 -22.35 13.30
C GLU A 101 -16.32 -23.68 13.23
N GLY A 102 -16.92 -24.73 13.76
CA GLY A 102 -16.29 -26.04 13.75
C GLY A 102 -16.32 -26.72 15.10
N GLU A 103 -16.54 -25.94 16.16
CA GLU A 103 -16.60 -26.48 17.51
C GLU A 103 -18.02 -26.85 17.89
N ASP A 104 -18.20 -28.06 18.42
CA ASP A 104 -19.51 -28.53 18.84
C ASP A 104 -19.40 -29.81 19.66
N GLN A 105 -20.35 -30.01 20.56
CA GLN A 105 -20.35 -31.20 21.41
C GLN A 105 -19.21 -31.15 22.42
N ALA A 106 -19.20 -32.11 23.35
CA ALA A 106 -18.17 -32.17 24.37
C ALA A 106 -16.90 -32.81 23.83
N GLY A 107 -15.98 -32.00 23.35
CA GLY A 107 -14.73 -32.50 22.80
C GLY A 107 -14.95 -33.44 21.64
N SER A 1 20.26 0.44 18.57
CA SER A 1 19.76 0.28 17.18
C SER A 1 19.18 1.58 16.64
N GLY A 2 18.13 2.07 17.28
CA GLY A 2 17.50 3.31 16.85
C GLY A 2 16.20 3.08 16.12
N PHE A 3 15.98 1.85 15.67
CA PHE A 3 14.75 1.51 14.95
C PHE A 3 13.92 0.51 15.73
N LYS A 4 12.74 0.18 15.21
CA LYS A 4 11.85 -0.77 15.87
C LYS A 4 11.32 -1.80 14.87
N HIS A 5 10.56 -2.77 15.37
CA HIS A 5 9.98 -3.80 14.52
C HIS A 5 8.46 -3.65 14.46
N VAL A 6 8.00 -2.41 14.29
CA VAL A 6 6.58 -2.12 14.22
C VAL A 6 6.07 -2.28 12.79
N SER A 7 4.83 -2.75 12.66
CA SER A 7 4.22 -2.96 11.35
C SER A 7 4.93 -4.08 10.58
N HIS A 8 6.19 -3.85 10.26
CA HIS A 8 7.00 -4.84 9.55
C HIS A 8 6.63 -4.91 8.07
N VAL A 9 6.60 -3.75 7.42
CA VAL A 9 6.28 -3.68 6.00
C VAL A 9 7.50 -4.08 5.17
N GLY A 10 8.67 -3.60 5.59
CA GLY A 10 9.91 -3.93 4.92
C GLY A 10 9.81 -3.86 3.41
N TRP A 11 9.24 -2.77 2.90
CA TRP A 11 9.10 -2.59 1.46
C TRP A 11 10.34 -1.88 0.90
N ASP A 12 10.63 -2.13 -0.37
CA ASP A 12 11.79 -1.51 -1.00
C ASP A 12 11.42 -0.17 -1.63
N PRO A 13 12.31 0.84 -1.52
CA PRO A 13 12.06 2.18 -2.06
C PRO A 13 12.28 2.25 -3.57
N GLN A 14 13.01 1.27 -4.10
CA GLN A 14 13.29 1.22 -5.53
C GLN A 14 12.56 0.08 -6.20
N ASN A 15 12.48 -1.05 -5.51
CA ASN A 15 11.81 -2.24 -6.05
C ASN A 15 10.31 -2.21 -5.73
N GLY A 16 9.93 -1.45 -4.71
CA GLY A 16 8.54 -1.36 -4.32
C GLY A 16 8.20 -2.30 -3.19
N PHE A 17 7.04 -2.95 -3.29
CA PHE A 17 6.61 -3.89 -2.25
C PHE A 17 7.27 -5.25 -2.45
N ASP A 18 6.80 -6.24 -1.70
CA ASP A 18 7.33 -7.60 -1.79
C ASP A 18 6.25 -8.57 -2.25
N VAL A 19 5.60 -8.25 -3.36
CA VAL A 19 4.53 -9.07 -3.91
C VAL A 19 4.92 -10.54 -3.93
N ASN A 20 6.22 -10.82 -4.01
CA ASN A 20 6.71 -12.19 -4.03
C ASN A 20 6.55 -12.85 -2.66
N ASN A 21 6.46 -12.04 -1.61
CA ASN A 21 6.32 -12.56 -0.25
C ASN A 21 5.24 -11.80 0.52
N LEU A 22 4.29 -11.22 -0.20
CA LEU A 22 3.20 -10.48 0.46
C LEU A 22 2.26 -11.42 1.19
N ASP A 23 1.51 -10.88 2.14
CA ASP A 23 0.56 -11.67 2.92
C ASP A 23 -0.77 -11.78 2.19
N PRO A 24 -1.41 -12.96 2.24
CA PRO A 24 -2.69 -13.19 1.57
C PRO A 24 -3.76 -12.18 1.98
N ASP A 25 -3.54 -11.53 3.12
CA ASP A 25 -4.50 -10.55 3.63
C ASP A 25 -4.30 -9.20 2.97
N LEU A 26 -3.09 -8.66 3.08
CA LEU A 26 -2.79 -7.35 2.50
C LEU A 26 -2.77 -7.42 0.98
N ARG A 27 -2.18 -8.48 0.44
CA ARG A 27 -2.12 -8.66 -1.00
C ARG A 27 -3.52 -8.63 -1.60
N SER A 28 -4.48 -9.19 -0.86
CA SER A 28 -5.87 -9.19 -1.29
C SER A 28 -6.41 -7.77 -1.39
N LEU A 29 -6.03 -6.94 -0.43
CA LEU A 29 -6.47 -5.55 -0.39
C LEU A 29 -6.08 -4.83 -1.67
N PHE A 30 -4.82 -4.93 -2.05
CA PHE A 30 -4.32 -4.30 -3.27
C PHE A 30 -5.16 -4.72 -4.47
N SER A 31 -5.38 -6.02 -4.60
CA SER A 31 -6.16 -6.56 -5.71
C SER A 31 -7.59 -6.01 -5.68
N ARG A 32 -8.20 -6.03 -4.50
CA ARG A 32 -9.56 -5.54 -4.33
C ARG A 32 -9.66 -4.08 -4.75
N ALA A 33 -8.60 -3.32 -4.46
CA ALA A 33 -8.57 -1.90 -4.81
C ALA A 33 -8.16 -1.68 -6.26
N GLY A 34 -7.90 -2.77 -6.99
CA GLY A 34 -7.50 -2.65 -8.38
C GLY A 34 -6.02 -2.39 -8.56
N ILE A 35 -5.25 -2.56 -7.48
CA ILE A 35 -3.81 -2.34 -7.52
C ILE A 35 -3.08 -3.60 -7.98
N SER A 36 -2.48 -3.54 -9.16
CA SER A 36 -1.74 -4.68 -9.70
C SER A 36 -0.29 -4.66 -9.23
N GLU A 37 0.39 -5.78 -9.39
CA GLU A 37 1.79 -5.89 -8.98
C GLU A 37 2.61 -4.77 -9.59
N ALA A 38 2.19 -4.31 -10.76
CA ALA A 38 2.89 -3.22 -11.44
C ALA A 38 3.01 -2.00 -10.53
N GLN A 39 1.93 -1.66 -9.84
CA GLN A 39 1.92 -0.53 -8.93
C GLN A 39 2.60 -0.90 -7.61
N LEU A 40 2.53 -2.18 -7.25
CA LEU A 40 3.14 -2.66 -6.03
C LEU A 40 4.66 -2.65 -6.15
N THR A 41 5.15 -2.76 -7.38
CA THR A 41 6.58 -2.76 -7.64
C THR A 41 7.07 -1.36 -8.05
N ASP A 42 6.15 -0.43 -8.26
CA ASP A 42 6.51 0.93 -8.66
C ASP A 42 6.91 1.75 -7.44
N ALA A 43 8.19 2.12 -7.38
CA ALA A 43 8.72 2.89 -6.25
C ALA A 43 7.81 4.06 -5.91
N GLU A 44 7.15 4.62 -6.93
CA GLU A 44 6.27 5.75 -6.72
C GLU A 44 4.98 5.33 -6.02
N THR A 45 4.27 4.39 -6.64
CA THR A 45 3.02 3.90 -6.07
C THR A 45 3.26 3.08 -4.80
N SER A 46 4.35 2.34 -4.77
CA SER A 46 4.68 1.54 -3.60
C SER A 46 4.77 2.43 -2.37
N LYS A 47 5.35 3.61 -2.54
CA LYS A 47 5.49 4.57 -1.45
C LYS A 47 4.14 4.98 -0.89
N LEU A 48 3.27 5.48 -1.76
CA LEU A 48 1.94 5.93 -1.33
C LEU A 48 1.10 4.75 -0.83
N ILE A 49 1.30 3.58 -1.43
CA ILE A 49 0.56 2.39 -1.07
C ILE A 49 0.93 1.90 0.33
N TYR A 50 2.19 1.49 0.52
CA TYR A 50 2.61 0.97 1.82
C TYR A 50 2.20 1.94 2.93
N ASP A 51 2.32 3.23 2.65
CA ASP A 51 1.94 4.27 3.58
C ASP A 51 0.48 4.12 3.98
N PHE A 52 -0.34 3.68 3.04
CA PHE A 52 -1.77 3.49 3.29
C PHE A 52 -1.97 2.40 4.35
N ILE A 53 -1.04 1.46 4.40
CA ILE A 53 -1.08 0.40 5.39
C ILE A 53 -0.85 0.96 6.79
N GLU A 54 -0.10 2.07 6.84
CA GLU A 54 0.18 2.74 8.11
C GLU A 54 -1.07 3.43 8.64
N ASP A 55 -1.90 3.95 7.74
CA ASP A 55 -3.13 4.62 8.12
C ASP A 55 -4.14 3.60 8.67
N GLN A 56 -4.00 2.36 8.24
CA GLN A 56 -4.88 1.28 8.72
C GLN A 56 -4.38 0.70 10.04
N GLY A 57 -3.18 1.11 10.46
CA GLY A 57 -2.62 0.61 11.70
C GLY A 57 -1.38 -0.23 11.46
N GLY A 58 -0.74 -0.03 10.31
CA GLY A 58 0.45 -0.78 9.97
C GLY A 58 0.12 -2.13 9.35
N LEU A 59 1.15 -2.78 8.81
CA LEU A 59 0.97 -4.09 8.19
C LEU A 59 0.19 -5.02 9.11
N GLU A 60 0.45 -4.94 10.40
CA GLU A 60 -0.23 -5.79 11.37
C GLU A 60 -1.72 -5.48 11.43
N ALA A 61 -2.07 -4.22 11.24
CA ALA A 61 -3.46 -3.80 11.29
C ALA A 61 -4.24 -4.26 10.05
N VAL A 62 -3.55 -4.30 8.92
CA VAL A 62 -4.18 -4.72 7.67
C VAL A 62 -4.60 -6.18 7.72
N ARG A 63 -3.62 -7.07 7.86
CA ARG A 63 -3.91 -8.49 7.96
C ARG A 63 -4.93 -8.74 9.09
N GLN A 64 -4.75 -8.03 10.19
CA GLN A 64 -5.64 -8.15 11.34
C GLN A 64 -7.06 -7.69 10.99
N GLU A 65 -7.18 -6.52 10.38
CA GLU A 65 -8.49 -5.96 10.03
C GLU A 65 -9.15 -6.77 8.93
N MET A 66 -8.34 -7.29 8.00
CA MET A 66 -8.86 -8.09 6.90
C MET A 66 -9.60 -9.31 7.43
N ARG A 67 -9.13 -9.82 8.57
CA ARG A 67 -9.75 -10.97 9.20
C ARG A 67 -11.04 -10.58 9.90
N ARG A 68 -11.02 -9.41 10.53
CA ARG A 68 -12.20 -8.90 11.21
C ARG A 68 -13.27 -8.51 10.20
N GLN A 69 -12.81 -8.12 9.01
CA GLN A 69 -13.71 -7.76 7.92
C GLN A 69 -14.04 -8.98 7.06
N GLY A 70 -13.76 -10.17 7.58
CA GLY A 70 -14.03 -11.39 6.84
C GLY A 70 -15.39 -11.99 7.17
N GLY A 71 -15.89 -11.67 8.35
CA GLY A 71 -17.18 -12.18 8.77
C GLY A 71 -17.81 -11.34 9.87
N SER A 72 -19.01 -10.81 9.59
CA SER A 72 -19.72 -9.97 10.55
C SER A 72 -21.09 -9.60 10.01
N GLY A 73 -21.12 -8.77 8.97
CA GLY A 73 -22.37 -8.36 8.38
C GLY A 73 -22.65 -9.06 7.06
N GLY A 74 -22.04 -8.55 5.98
CA GLY A 74 -22.22 -9.15 4.68
C GLY A 74 -21.38 -10.40 4.49
N SER A 75 -20.34 -10.54 5.31
CA SER A 75 -19.43 -11.70 5.25
C SER A 75 -18.28 -11.47 4.26
N GLN A 76 -18.49 -10.58 3.29
CA GLN A 76 -17.47 -10.27 2.29
C GLN A 76 -16.39 -9.39 2.88
N SER A 77 -15.15 -9.60 2.45
CA SER A 77 -14.02 -8.82 2.94
C SER A 77 -13.52 -7.88 1.84
N SER A 78 -13.75 -6.58 2.02
CA SER A 78 -13.32 -5.57 1.04
C SER A 78 -14.02 -4.23 1.27
N GLU A 79 -15.29 -4.28 1.67
CA GLU A 79 -16.05 -3.06 1.89
C GLU A 79 -15.56 -2.33 3.14
N GLY A 80 -14.78 -1.28 2.92
CA GLY A 80 -14.24 -0.52 4.01
C GLY A 80 -12.84 0.01 3.71
N LEU A 81 -11.83 -0.71 4.18
CA LEU A 81 -10.45 -0.31 3.95
C LEU A 81 -10.12 -0.24 2.46
N VAL A 82 -10.65 -1.18 1.68
CA VAL A 82 -10.43 -1.21 0.24
C VAL A 82 -10.99 0.05 -0.41
N GLY A 83 -11.99 0.64 0.22
CA GLY A 83 -12.60 1.84 -0.31
C GLY A 83 -11.67 3.03 -0.26
N ALA A 84 -10.94 3.17 0.85
CA ALA A 84 -9.99 4.25 1.00
C ALA A 84 -8.86 4.13 -0.01
N LEU A 85 -8.29 2.93 -0.11
CA LEU A 85 -7.21 2.66 -1.05
C LEU A 85 -7.59 3.12 -2.45
N MET A 86 -8.75 2.65 -2.91
CA MET A 86 -9.24 3.00 -4.24
C MET A 86 -9.22 4.51 -4.44
N HIS A 87 -9.41 5.24 -3.34
CA HIS A 87 -9.39 6.70 -3.39
C HIS A 87 -7.96 7.22 -3.41
N VAL A 88 -7.06 6.45 -2.81
CA VAL A 88 -5.65 6.80 -2.77
C VAL A 88 -5.01 6.62 -4.14
N MET A 89 -5.34 5.51 -4.79
CA MET A 89 -4.81 5.22 -6.13
C MET A 89 -5.27 6.27 -7.11
N GLN A 90 -6.50 6.76 -6.92
CA GLN A 90 -7.06 7.78 -7.78
C GLN A 90 -6.16 8.99 -7.88
N LYS A 91 -5.28 9.15 -6.89
CA LYS A 91 -4.35 10.27 -6.83
C LYS A 91 -3.28 10.14 -7.91
N ARG A 92 -2.55 9.03 -7.89
CA ARG A 92 -1.48 8.80 -8.84
C ARG A 92 -2.04 8.49 -10.23
N SER A 93 -3.26 7.99 -10.27
CA SER A 93 -3.90 7.64 -11.54
C SER A 93 -4.41 8.87 -12.26
N ARG A 94 -4.76 9.90 -11.51
CA ARG A 94 -5.29 11.13 -12.09
C ARG A 94 -4.29 12.28 -11.99
N ALA A 95 -3.28 12.12 -11.14
CA ALA A 95 -2.28 13.16 -10.95
C ALA A 95 -1.32 13.24 -12.13
N ILE A 96 -0.48 14.26 -12.11
CA ILE A 96 0.51 14.47 -13.15
C ILE A 96 1.46 13.28 -13.23
N HIS A 97 1.32 12.48 -14.27
CA HIS A 97 2.19 11.34 -14.47
C HIS A 97 3.64 11.78 -14.48
N SER A 98 4.53 10.93 -13.93
CA SER A 98 5.97 11.26 -13.84
C SER A 98 6.24 12.18 -12.66
N SER A 99 5.56 13.33 -12.65
CA SER A 99 5.71 14.30 -11.57
C SER A 99 7.15 14.72 -11.38
N ASP A 100 7.36 15.72 -10.53
CA ASP A 100 8.70 16.22 -10.24
C ASP A 100 8.76 16.88 -8.88
N GLU A 101 9.69 16.44 -8.04
CA GLU A 101 9.84 16.99 -6.70
C GLU A 101 10.06 18.50 -6.75
N GLY A 102 10.59 18.97 -7.87
CA GLY A 102 10.85 20.39 -8.03
C GLY A 102 11.54 20.71 -9.35
N GLU A 103 11.04 21.73 -10.04
CA GLU A 103 11.62 22.13 -11.32
C GLU A 103 12.33 23.49 -11.19
N ASP A 104 13.37 23.67 -11.99
CA ASP A 104 14.13 24.91 -11.98
C ASP A 104 15.07 24.99 -13.18
N GLN A 105 15.83 26.07 -13.26
CA GLN A 105 16.76 26.27 -14.36
C GLN A 105 17.95 27.14 -13.94
N ALA A 106 19.06 26.49 -13.62
CA ALA A 106 20.26 27.20 -13.21
C ALA A 106 21.03 27.74 -14.41
N GLY A 107 21.24 29.05 -14.43
CA GLY A 107 21.95 29.67 -15.53
C GLY A 107 22.65 30.96 -15.13
N SER A 1 29.92 -0.80 4.54
CA SER A 1 29.12 -1.81 3.79
C SER A 1 28.10 -2.49 4.70
N GLY A 2 27.09 -3.09 4.10
CA GLY A 2 26.06 -3.77 4.87
C GLY A 2 25.02 -2.81 5.41
N PHE A 3 24.80 -1.72 4.69
CA PHE A 3 23.83 -0.72 5.12
C PHE A 3 22.40 -1.24 4.95
N LYS A 4 21.54 -0.90 5.90
CA LYS A 4 20.15 -1.35 5.86
C LYS A 4 19.29 -0.38 5.06
N HIS A 5 18.03 -0.74 4.86
CA HIS A 5 17.10 0.08 4.11
C HIS A 5 15.71 0.08 4.76
N VAL A 6 15.46 1.07 5.61
CA VAL A 6 14.19 1.18 6.31
C VAL A 6 13.40 2.39 5.83
N SER A 7 12.08 2.23 5.76
CA SER A 7 11.20 3.32 5.33
C SER A 7 10.73 4.13 6.53
N HIS A 8 9.65 4.87 6.35
CA HIS A 8 9.10 5.70 7.42
C HIS A 8 7.58 5.67 7.41
N VAL A 9 6.98 6.05 6.28
CA VAL A 9 5.53 6.07 6.13
C VAL A 9 4.84 6.61 7.39
N GLY A 10 4.54 7.90 7.38
CA GLY A 10 3.91 8.51 8.53
C GLY A 10 2.40 8.38 8.52
N TRP A 11 1.92 7.15 8.34
CA TRP A 11 0.48 6.90 8.33
C TRP A 11 -0.03 6.63 9.75
N ASP A 12 -1.30 6.92 9.99
CA ASP A 12 -1.87 6.70 11.31
C ASP A 12 -2.45 5.28 11.43
N PRO A 13 -2.26 4.64 12.59
CA PRO A 13 -2.75 3.28 12.82
C PRO A 13 -4.24 3.24 13.12
N GLN A 14 -4.71 4.23 13.87
CA GLN A 14 -6.11 4.31 14.25
C GLN A 14 -6.91 5.11 13.22
N ASN A 15 -6.30 6.16 12.71
CA ASN A 15 -6.95 7.01 11.70
C ASN A 15 -6.72 6.46 10.30
N GLY A 16 -5.60 5.77 10.12
CA GLY A 16 -5.29 5.19 8.82
C GLY A 16 -4.31 6.05 8.03
N PHE A 17 -4.43 6.00 6.71
CA PHE A 17 -3.55 6.77 5.84
C PHE A 17 -4.04 8.21 5.70
N ASP A 18 -3.10 9.14 5.56
CA ASP A 18 -3.44 10.55 5.42
C ASP A 18 -3.72 10.91 3.96
N VAL A 19 -4.80 10.36 3.42
CA VAL A 19 -5.18 10.62 2.03
C VAL A 19 -5.18 12.11 1.74
N ASN A 20 -5.47 12.90 2.75
CA ASN A 20 -5.51 14.35 2.61
C ASN A 20 -4.11 14.92 2.42
N ASN A 21 -3.09 14.16 2.81
CA ASN A 21 -1.71 14.61 2.67
C ASN A 21 -0.85 13.54 2.01
N LEU A 22 -1.47 12.61 1.30
CA LEU A 22 -0.75 11.55 0.61
C LEU A 22 0.01 12.11 -0.59
N ASP A 23 1.02 11.38 -1.04
CA ASP A 23 1.83 11.80 -2.17
C ASP A 23 1.16 11.46 -3.49
N PRO A 24 1.22 12.38 -4.48
CA PRO A 24 0.60 12.17 -5.79
C PRO A 24 1.05 10.87 -6.45
N ASP A 25 2.18 10.34 -6.01
CA ASP A 25 2.71 9.10 -6.56
C ASP A 25 2.00 7.88 -5.97
N LEU A 26 2.07 7.75 -4.64
CA LEU A 26 1.45 6.63 -3.97
C LEU A 26 -0.08 6.74 -3.98
N ARG A 27 -0.58 7.96 -3.84
CA ARG A 27 -2.02 8.18 -3.86
C ARG A 27 -2.59 7.77 -5.21
N SER A 28 -1.81 8.00 -6.26
CA SER A 28 -2.22 7.62 -7.61
C SER A 28 -2.36 6.10 -7.73
N LEU A 29 -1.48 5.38 -7.04
CA LEU A 29 -1.51 3.92 -7.06
C LEU A 29 -2.88 3.42 -6.61
N PHE A 30 -3.28 3.80 -5.39
CA PHE A 30 -4.58 3.39 -4.86
C PHE A 30 -5.69 3.67 -5.87
N SER A 31 -5.56 4.78 -6.58
CA SER A 31 -6.54 5.16 -7.60
C SER A 31 -6.58 4.12 -8.72
N ARG A 32 -5.42 3.90 -9.35
CA ARG A 32 -5.31 2.94 -10.43
C ARG A 32 -5.66 1.54 -9.95
N ALA A 33 -5.49 1.31 -8.65
CA ALA A 33 -5.80 0.01 -8.05
C ALA A 33 -7.29 -0.13 -7.75
N GLY A 34 -7.99 1.00 -7.70
CA GLY A 34 -9.41 0.97 -7.42
C GLY A 34 -9.72 1.02 -5.93
N ILE A 35 -8.74 1.45 -5.14
CA ILE A 35 -8.90 1.54 -3.70
C ILE A 35 -9.52 2.87 -3.30
N SER A 36 -10.61 2.81 -2.55
CA SER A 36 -11.29 4.02 -2.09
C SER A 36 -10.70 4.52 -0.77
N GLU A 37 -10.80 5.82 -0.54
CA GLU A 37 -10.27 6.41 0.69
C GLU A 37 -10.79 5.67 1.92
N ALA A 38 -11.94 5.03 1.76
CA ALA A 38 -12.55 4.27 2.86
C ALA A 38 -11.56 3.24 3.41
N GLN A 39 -10.87 2.56 2.50
CA GLN A 39 -9.90 1.54 2.90
C GLN A 39 -8.59 2.19 3.34
N LEU A 40 -8.29 3.36 2.77
CA LEU A 40 -7.08 4.08 3.12
C LEU A 40 -7.17 4.66 4.52
N THR A 41 -8.39 4.93 4.97
CA THR A 41 -8.62 5.47 6.30
C THR A 41 -9.01 4.38 7.30
N ASP A 42 -9.14 3.15 6.83
CA ASP A 42 -9.51 2.04 7.69
C ASP A 42 -8.28 1.49 8.42
N ALA A 43 -8.34 1.46 9.75
CA ALA A 43 -7.24 0.96 10.55
C ALA A 43 -6.76 -0.41 10.09
N GLU A 44 -7.71 -1.25 9.67
CA GLU A 44 -7.39 -2.60 9.23
C GLU A 44 -6.71 -2.60 7.88
N THR A 45 -7.40 -2.07 6.87
CA THR A 45 -6.87 -2.02 5.52
C THR A 45 -5.67 -1.07 5.42
N SER A 46 -5.71 0.02 6.17
CA SER A 46 -4.62 0.98 6.16
C SER A 46 -3.32 0.29 6.54
N LYS A 47 -3.40 -0.65 7.47
CA LYS A 47 -2.24 -1.40 7.92
C LYS A 47 -1.63 -2.21 6.77
N LEU A 48 -2.46 -3.04 6.15
CA LEU A 48 -1.99 -3.87 5.04
C LEU A 48 -1.61 -3.04 3.83
N ILE A 49 -2.26 -1.88 3.68
CA ILE A 49 -1.98 -1.01 2.54
C ILE A 49 -0.57 -0.41 2.63
N TYR A 50 -0.32 0.41 3.65
CA TYR A 50 0.99 1.03 3.79
C TYR A 50 2.07 -0.06 3.82
N ASP A 51 1.73 -1.20 4.39
CA ASP A 51 2.65 -2.33 4.45
C ASP A 51 3.09 -2.73 3.05
N PHE A 52 2.18 -2.61 2.09
CA PHE A 52 2.48 -2.93 0.69
C PHE A 52 3.55 -1.99 0.17
N ILE A 53 3.57 -0.77 0.69
CA ILE A 53 4.58 0.21 0.31
C ILE A 53 5.96 -0.26 0.76
N GLU A 54 5.99 -1.05 1.82
CA GLU A 54 7.23 -1.59 2.33
C GLU A 54 7.79 -2.65 1.38
N ASP A 55 6.91 -3.50 0.86
CA ASP A 55 7.31 -4.54 -0.08
C ASP A 55 7.92 -3.93 -1.33
N GLN A 56 7.54 -2.69 -1.63
CA GLN A 56 8.06 -1.97 -2.78
C GLN A 56 9.38 -1.28 -2.45
N GLY A 57 9.73 -1.24 -1.17
CA GLY A 57 10.95 -0.58 -0.75
C GLY A 57 10.66 0.65 0.11
N GLY A 58 9.48 0.68 0.71
CA GLY A 58 9.10 1.79 1.55
C GLY A 58 8.51 2.95 0.77
N LEU A 59 7.93 3.91 1.48
CA LEU A 59 7.33 5.07 0.85
C LEU A 59 8.27 5.69 -0.18
N GLU A 60 9.56 5.67 0.12
CA GLU A 60 10.56 6.24 -0.76
C GLU A 60 10.68 5.45 -2.07
N ALA A 61 10.55 4.13 -1.96
CA ALA A 61 10.67 3.26 -3.13
C ALA A 61 9.47 3.39 -4.06
N VAL A 62 8.29 3.56 -3.48
CA VAL A 62 7.07 3.67 -4.27
C VAL A 62 7.10 4.92 -5.14
N ARG A 63 7.13 6.08 -4.50
CA ARG A 63 7.18 7.35 -5.24
C ARG A 63 8.28 7.29 -6.30
N GLN A 64 9.40 6.68 -5.95
CA GLN A 64 10.52 6.52 -6.86
C GLN A 64 10.13 5.67 -8.06
N GLU A 65 9.61 4.47 -7.80
CA GLU A 65 9.23 3.57 -8.88
C GLU A 65 8.00 4.08 -9.61
N MET A 66 7.17 4.83 -8.90
CA MET A 66 5.96 5.40 -9.48
C MET A 66 6.31 6.53 -10.46
N ARG A 67 7.50 7.12 -10.28
CA ARG A 67 7.95 8.21 -11.13
C ARG A 67 8.41 7.70 -12.49
N ARG A 68 9.26 6.68 -12.47
CA ARG A 68 9.79 6.10 -13.70
C ARG A 68 8.69 5.33 -14.45
N GLN A 69 7.74 4.79 -13.70
CA GLN A 69 6.65 4.03 -14.29
C GLN A 69 5.64 4.95 -14.97
N GLY A 70 5.64 6.22 -14.58
CA GLY A 70 4.73 7.18 -15.16
C GLY A 70 5.43 8.17 -16.09
N GLY A 71 6.59 8.65 -15.67
CA GLY A 71 7.33 9.59 -16.48
C GLY A 71 6.67 10.95 -16.53
N SER A 72 7.20 11.90 -15.76
CA SER A 72 6.64 13.25 -15.72
C SER A 72 5.28 13.25 -15.03
N GLY A 73 4.32 12.57 -15.64
CA GLY A 73 2.98 12.50 -15.07
C GLY A 73 1.92 12.23 -16.11
N GLY A 74 0.82 11.63 -15.69
CA GLY A 74 -0.26 11.32 -16.61
C GLY A 74 0.10 10.22 -17.59
N SER A 75 -0.87 9.39 -17.95
CA SER A 75 -0.65 8.30 -18.89
C SER A 75 0.43 7.36 -18.36
N GLN A 76 0.48 7.21 -17.03
CA GLN A 76 1.46 6.34 -16.41
C GLN A 76 1.09 4.87 -16.58
N SER A 77 2.06 3.99 -16.36
CA SER A 77 1.83 2.56 -16.51
C SER A 77 1.47 1.91 -15.18
N SER A 78 0.19 1.61 -15.00
CA SER A 78 -0.29 0.97 -13.77
C SER A 78 0.16 -0.49 -13.69
N GLU A 79 0.70 -1.02 -14.79
CA GLU A 79 1.13 -2.40 -14.84
C GLU A 79 2.40 -2.60 -14.01
N GLY A 80 2.20 -2.90 -12.73
CA GLY A 80 3.30 -3.10 -11.82
C GLY A 80 2.86 -3.08 -10.38
N LEU A 81 3.09 -1.95 -9.71
CA LEU A 81 2.69 -1.80 -8.32
C LEU A 81 1.17 -1.85 -8.17
N VAL A 82 0.46 -1.33 -9.17
CA VAL A 82 -1.00 -1.32 -9.13
C VAL A 82 -1.57 -2.73 -9.15
N GLY A 83 -0.94 -3.60 -9.93
CA GLY A 83 -1.40 -4.97 -10.03
C GLY A 83 -1.20 -5.76 -8.75
N ALA A 84 -0.05 -5.57 -8.11
CA ALA A 84 0.25 -6.26 -6.87
C ALA A 84 -0.70 -5.81 -5.76
N LEU A 85 -0.82 -4.49 -5.59
CA LEU A 85 -1.72 -3.93 -4.59
C LEU A 85 -3.15 -4.39 -4.86
N MET A 86 -3.52 -4.42 -6.13
CA MET A 86 -4.86 -4.85 -6.53
C MET A 86 -5.15 -6.24 -5.95
N HIS A 87 -4.13 -7.08 -5.94
CA HIS A 87 -4.25 -8.44 -5.40
C HIS A 87 -4.40 -8.38 -3.88
N VAL A 88 -3.58 -7.56 -3.24
CA VAL A 88 -3.62 -7.40 -1.80
C VAL A 88 -5.01 -6.99 -1.34
N MET A 89 -5.65 -6.11 -2.11
CA MET A 89 -6.99 -5.66 -1.80
C MET A 89 -7.96 -6.84 -1.79
N GLN A 90 -7.75 -7.77 -2.72
CA GLN A 90 -8.55 -8.98 -2.78
C GLN A 90 -8.16 -9.94 -1.66
N LYS A 91 -6.98 -9.70 -1.07
CA LYS A 91 -6.47 -10.53 0.00
C LYS A 91 -7.30 -10.36 1.26
N ARG A 92 -7.40 -9.12 1.73
CA ARG A 92 -8.16 -8.80 2.93
C ARG A 92 -9.66 -8.88 2.67
N SER A 93 -10.06 -8.86 1.40
CA SER A 93 -11.47 -8.92 1.03
C SER A 93 -12.01 -10.34 1.19
N ARG A 94 -11.16 -11.32 0.91
CA ARG A 94 -11.55 -12.72 1.03
C ARG A 94 -11.13 -13.32 2.37
N ALA A 95 -10.23 -12.63 3.08
CA ALA A 95 -9.76 -13.10 4.36
C ALA A 95 -10.81 -12.92 5.44
N ILE A 96 -11.22 -14.04 6.04
CA ILE A 96 -12.19 -14.02 7.11
C ILE A 96 -11.69 -14.82 8.30
N HIS A 97 -11.34 -14.12 9.36
CA HIS A 97 -10.83 -14.78 10.55
C HIS A 97 -11.91 -15.64 11.18
N SER A 98 -12.14 -16.81 10.60
CA SER A 98 -13.16 -17.74 11.09
C SER A 98 -12.51 -18.97 11.70
N SER A 99 -13.33 -19.99 11.97
CA SER A 99 -12.84 -21.23 12.55
C SER A 99 -12.69 -22.31 11.49
N ASP A 100 -12.19 -23.48 11.89
CA ASP A 100 -12.00 -24.59 10.97
C ASP A 100 -10.90 -24.27 9.95
N GLU A 101 -11.20 -23.33 9.06
CA GLU A 101 -10.25 -22.93 8.03
C GLU A 101 -10.24 -21.42 7.86
N GLY A 102 -9.46 -20.74 8.70
CA GLY A 102 -9.37 -19.29 8.62
C GLY A 102 -8.10 -18.75 9.27
N GLU A 103 -6.96 -19.15 8.71
CA GLU A 103 -5.68 -18.70 9.23
C GLU A 103 -5.10 -17.58 8.38
N ASP A 104 -3.98 -17.01 8.82
CA ASP A 104 -3.33 -15.93 8.09
C ASP A 104 -2.67 -16.44 6.82
N GLN A 105 -2.07 -15.52 6.06
CA GLN A 105 -1.40 -15.89 4.81
C GLN A 105 0.01 -15.31 4.76
N ALA A 106 0.68 -15.29 5.92
CA ALA A 106 2.03 -14.76 6.00
C ALA A 106 3.05 -15.80 5.54
N GLY A 107 4.10 -15.32 4.86
CA GLY A 107 5.13 -16.22 4.38
C GLY A 107 4.58 -17.28 3.43
N SER A 1 27.47 -4.68 4.88
CA SER A 1 27.17 -3.65 3.86
C SER A 1 26.62 -4.28 2.58
N GLY A 2 26.26 -3.44 1.62
CA GLY A 2 25.72 -3.95 0.36
C GLY A 2 24.23 -3.66 0.21
N PHE A 3 23.55 -3.49 1.34
CA PHE A 3 22.12 -3.22 1.32
C PHE A 3 21.76 -2.16 2.37
N LYS A 4 21.28 -1.02 1.90
CA LYS A 4 20.88 0.07 2.80
C LYS A 4 19.44 -0.10 3.25
N HIS A 5 19.13 0.42 4.44
CA HIS A 5 17.79 0.33 4.99
C HIS A 5 17.01 1.62 4.73
N VAL A 6 16.60 1.80 3.48
CA VAL A 6 15.85 2.99 3.10
C VAL A 6 14.36 2.68 2.93
N SER A 7 13.52 3.65 3.28
CA SER A 7 12.09 3.52 3.13
C SER A 7 11.59 2.20 3.72
N HIS A 8 11.56 1.16 2.89
CA HIS A 8 11.11 -0.17 3.32
C HIS A 8 9.83 -0.09 4.14
N VAL A 9 8.87 0.69 3.64
CA VAL A 9 7.56 0.84 4.27
C VAL A 9 7.61 0.73 5.80
N GLY A 10 7.57 1.87 6.48
CA GLY A 10 7.60 1.87 7.92
C GLY A 10 6.23 2.16 8.52
N TRP A 11 5.26 1.32 8.18
CA TRP A 11 3.89 1.50 8.67
C TRP A 11 3.68 0.76 10.00
N ASP A 12 2.74 1.24 10.79
CA ASP A 12 2.43 0.61 12.07
C ASP A 12 1.33 -0.43 11.90
N PRO A 13 1.45 -1.58 12.59
CA PRO A 13 0.46 -2.66 12.49
C PRO A 13 -0.80 -2.38 13.32
N GLN A 14 -0.62 -1.74 14.47
CA GLN A 14 -1.74 -1.43 15.35
C GLN A 14 -2.42 -0.14 14.92
N ASN A 15 -1.63 0.86 14.55
CA ASN A 15 -2.16 2.15 14.12
C ASN A 15 -2.46 2.14 12.62
N GLY A 16 -1.71 1.33 11.88
CA GLY A 16 -1.93 1.25 10.45
C GLY A 16 -0.89 2.06 9.67
N PHE A 17 -1.31 2.61 8.54
CA PHE A 17 -0.43 3.40 7.71
C PHE A 17 -0.31 4.82 8.23
N ASP A 18 0.91 5.34 8.27
CA ASP A 18 1.18 6.69 8.76
C ASP A 18 0.73 7.72 7.73
N VAL A 19 -0.57 7.74 7.44
CA VAL A 19 -1.12 8.69 6.48
C VAL A 19 -0.73 10.12 6.85
N ASN A 20 -0.41 10.33 8.12
CA ASN A 20 0.02 11.64 8.59
C ASN A 20 1.44 11.95 8.15
N ASN A 21 2.20 10.89 7.83
CA ASN A 21 3.58 11.06 7.40
C ASN A 21 3.85 10.32 6.08
N LEU A 22 2.79 9.99 5.35
CA LEU A 22 2.92 9.30 4.07
C LEU A 22 3.53 10.22 3.02
N ASP A 23 4.08 9.61 1.98
CA ASP A 23 4.70 10.37 0.89
C ASP A 23 3.66 10.81 -0.14
N PRO A 24 3.78 12.04 -0.67
CA PRO A 24 2.84 12.56 -1.66
C PRO A 24 2.73 11.67 -2.90
N ASP A 25 3.71 10.80 -3.09
CA ASP A 25 3.73 9.91 -4.24
C ASP A 25 2.85 8.69 -3.99
N LEU A 26 3.15 7.94 -2.94
CA LEU A 26 2.38 6.75 -2.61
C LEU A 26 0.98 7.11 -2.14
N ARG A 27 0.89 8.14 -1.31
CA ARG A 27 -0.40 8.59 -0.80
C ARG A 27 -1.35 8.88 -1.96
N SER A 28 -0.80 9.41 -3.05
CA SER A 28 -1.59 9.72 -4.23
C SER A 28 -2.21 8.45 -4.82
N LEU A 29 -1.43 7.37 -4.81
CA LEU A 29 -1.90 6.10 -5.34
C LEU A 29 -3.18 5.66 -4.64
N PHE A 30 -3.16 5.66 -3.30
CA PHE A 30 -4.32 5.28 -2.52
C PHE A 30 -5.54 6.10 -2.94
N SER A 31 -5.33 7.40 -3.13
CA SER A 31 -6.40 8.29 -3.54
C SER A 31 -6.96 7.88 -4.91
N ARG A 32 -6.06 7.72 -5.87
CA ARG A 32 -6.46 7.33 -7.22
C ARG A 32 -7.17 5.98 -7.20
N ALA A 33 -6.77 5.11 -6.27
CA ALA A 33 -7.37 3.79 -6.16
C ALA A 33 -8.67 3.84 -5.36
N GLY A 34 -8.86 4.92 -4.61
CA GLY A 34 -10.07 5.07 -3.81
C GLY A 34 -9.87 4.67 -2.35
N ILE A 35 -8.62 4.43 -1.97
CA ILE A 35 -8.31 4.06 -0.59
C ILE A 35 -8.13 5.30 0.29
N SER A 36 -9.08 5.52 1.18
CA SER A 36 -9.03 6.67 2.07
C SER A 36 -8.23 6.35 3.33
N GLU A 37 -7.90 7.40 4.09
CA GLU A 37 -7.12 7.23 5.31
C GLU A 37 -7.77 6.21 6.23
N ALA A 38 -9.09 6.16 6.23
CA ALA A 38 -9.83 5.22 7.06
C ALA A 38 -9.35 3.80 6.84
N GLN A 39 -9.12 3.44 5.58
CA GLN A 39 -8.64 2.12 5.23
C GLN A 39 -7.14 2.01 5.51
N LEU A 40 -6.42 3.11 5.29
CA LEU A 40 -4.98 3.13 5.53
C LEU A 40 -4.67 3.06 7.03
N THR A 41 -5.65 3.41 7.85
CA THR A 41 -5.48 3.38 9.30
C THR A 41 -5.99 2.06 9.89
N ASP A 42 -6.66 1.26 9.07
CA ASP A 42 -7.17 -0.03 9.52
C ASP A 42 -6.07 -1.09 9.51
N ALA A 43 -5.82 -1.68 10.67
CA ALA A 43 -4.77 -2.70 10.79
C ALA A 43 -4.93 -3.79 9.73
N GLU A 44 -6.17 -4.10 9.39
CA GLU A 44 -6.45 -5.13 8.39
C GLU A 44 -6.10 -4.66 6.99
N THR A 45 -6.74 -3.58 6.55
CA THR A 45 -6.51 -3.05 5.21
C THR A 45 -5.09 -2.47 5.09
N SER A 46 -4.62 -1.84 6.15
CA SER A 46 -3.29 -1.25 6.15
C SER A 46 -2.25 -2.32 5.83
N LYS A 47 -2.45 -3.51 6.39
CA LYS A 47 -1.54 -4.63 6.17
C LYS A 47 -1.49 -5.01 4.69
N LEU A 48 -2.64 -5.30 4.11
CA LEU A 48 -2.71 -5.71 2.71
C LEU A 48 -2.28 -4.57 1.78
N ILE A 49 -2.54 -3.34 2.19
CA ILE A 49 -2.19 -2.18 1.39
C ILE A 49 -0.67 -2.03 1.28
N TYR A 50 0.00 -1.78 2.40
CA TYR A 50 1.45 -1.61 2.38
C TYR A 50 2.11 -2.81 1.69
N ASP A 51 1.57 -4.00 1.93
CA ASP A 51 2.08 -5.21 1.32
C ASP A 51 2.09 -5.07 -0.20
N PHE A 52 1.10 -4.38 -0.73
CA PHE A 52 1.01 -4.16 -2.17
C PHE A 52 2.18 -3.32 -2.64
N ILE A 53 2.62 -2.40 -1.79
CA ILE A 53 3.76 -1.56 -2.10
C ILE A 53 5.00 -2.42 -2.30
N GLU A 54 5.04 -3.56 -1.63
CA GLU A 54 6.15 -4.50 -1.77
C GLU A 54 6.15 -5.14 -3.15
N ASP A 55 4.96 -5.43 -3.66
CA ASP A 55 4.82 -6.04 -4.98
C ASP A 55 5.21 -5.04 -6.08
N GLN A 56 5.08 -3.75 -5.76
CA GLN A 56 5.43 -2.69 -6.70
C GLN A 56 6.90 -2.30 -6.59
N GLY A 57 7.69 -3.14 -5.91
CA GLY A 57 9.10 -2.85 -5.75
C GLY A 57 9.41 -2.15 -4.45
N GLY A 58 8.47 -2.20 -3.51
CA GLY A 58 8.68 -1.56 -2.22
C GLY A 58 8.33 -0.09 -2.24
N LEU A 59 8.30 0.51 -1.05
CA LEU A 59 7.98 1.93 -0.90
C LEU A 59 8.79 2.79 -1.86
N GLU A 60 10.07 2.45 -2.01
CA GLU A 60 10.97 3.20 -2.88
C GLU A 60 10.54 3.08 -4.34
N ALA A 61 10.02 1.91 -4.70
CA ALA A 61 9.59 1.66 -6.08
C ALA A 61 8.28 2.39 -6.39
N VAL A 62 7.41 2.50 -5.39
CA VAL A 62 6.12 3.18 -5.58
C VAL A 62 6.34 4.65 -5.90
N ARG A 63 6.94 5.38 -4.96
CA ARG A 63 7.24 6.79 -5.19
C ARG A 63 7.98 6.97 -6.50
N GLN A 64 8.88 6.03 -6.79
CA GLN A 64 9.65 6.04 -8.03
C GLN A 64 8.74 5.90 -9.25
N GLU A 65 7.90 4.87 -9.23
CA GLU A 65 7.00 4.60 -10.35
C GLU A 65 5.93 5.68 -10.45
N MET A 66 5.51 6.20 -9.30
CA MET A 66 4.51 7.27 -9.27
C MET A 66 5.05 8.53 -9.94
N ARG A 67 6.38 8.65 -9.96
CA ARG A 67 7.02 9.81 -10.58
C ARG A 67 6.97 9.69 -12.10
N ARG A 68 7.32 8.53 -12.62
CA ARG A 68 7.30 8.29 -14.06
C ARG A 68 5.85 8.21 -14.56
N GLN A 69 4.99 7.58 -13.78
CA GLN A 69 3.59 7.45 -14.14
C GLN A 69 2.77 8.62 -13.62
N GLY A 70 3.43 9.65 -13.12
CA GLY A 70 2.74 10.81 -12.60
C GLY A 70 3.01 12.06 -13.41
N GLY A 71 4.17 12.11 -14.06
CA GLY A 71 4.53 13.26 -14.86
C GLY A 71 4.80 14.49 -14.02
N SER A 72 5.60 14.32 -12.97
CA SER A 72 5.94 15.43 -12.09
C SER A 72 4.69 16.16 -11.62
N GLY A 73 3.59 15.44 -11.54
CA GLY A 73 2.34 16.03 -11.10
C GLY A 73 1.47 16.49 -12.26
N GLY A 74 0.25 16.89 -11.96
CA GLY A 74 -0.66 17.36 -12.99
C GLY A 74 -1.24 16.22 -13.82
N SER A 75 -0.63 15.96 -14.98
CA SER A 75 -1.09 14.89 -15.85
C SER A 75 -0.67 13.54 -15.32
N GLN A 76 -1.22 13.17 -14.16
CA GLN A 76 -0.91 11.89 -13.54
C GLN A 76 -1.58 10.74 -14.29
N SER A 77 -0.92 9.59 -14.33
CA SER A 77 -1.45 8.42 -15.02
C SER A 77 -1.79 7.31 -14.03
N SER A 78 -3.00 7.37 -13.47
CA SER A 78 -3.46 6.35 -12.52
C SER A 78 -3.68 5.01 -13.23
N GLU A 79 -3.76 5.04 -14.55
CA GLU A 79 -3.98 3.82 -15.32
C GLU A 79 -2.73 2.95 -15.34
N GLY A 80 -2.67 2.01 -14.41
CA GLY A 80 -1.53 1.13 -14.31
C GLY A 80 -1.35 0.58 -12.90
N LEU A 81 -0.51 1.24 -12.12
CA LEU A 81 -0.26 0.82 -10.75
C LEU A 81 -1.53 0.91 -9.90
N VAL A 82 -2.30 1.98 -10.11
CA VAL A 82 -3.53 2.20 -9.36
C VAL A 82 -4.54 1.08 -9.62
N GLY A 83 -4.53 0.56 -10.84
CA GLY A 83 -5.47 -0.50 -11.18
C GLY A 83 -5.16 -1.80 -10.46
N ALA A 84 -3.88 -2.07 -10.25
CA ALA A 84 -3.47 -3.28 -9.55
C ALA A 84 -3.94 -3.25 -8.09
N LEU A 85 -3.65 -2.16 -7.40
CA LEU A 85 -4.07 -1.99 -6.01
C LEU A 85 -5.58 -1.98 -5.91
N MET A 86 -6.23 -1.29 -6.83
CA MET A 86 -7.68 -1.21 -6.85
C MET A 86 -8.29 -2.61 -6.84
N HIS A 87 -7.59 -3.54 -7.48
CA HIS A 87 -8.04 -4.93 -7.53
C HIS A 87 -7.79 -5.61 -6.19
N VAL A 88 -6.75 -5.17 -5.50
CA VAL A 88 -6.41 -5.73 -4.20
C VAL A 88 -7.50 -5.41 -3.18
N MET A 89 -8.01 -4.18 -3.25
CA MET A 89 -9.06 -3.74 -2.33
C MET A 89 -10.32 -4.59 -2.52
N GLN A 90 -10.48 -5.14 -3.71
CA GLN A 90 -11.64 -5.98 -4.02
C GLN A 90 -11.49 -7.36 -3.36
N LYS A 91 -10.27 -7.70 -2.94
CA LYS A 91 -10.02 -8.98 -2.31
C LYS A 91 -10.64 -9.04 -0.91
N ARG A 92 -10.64 -7.91 -0.22
CA ARG A 92 -11.22 -7.82 1.11
C ARG A 92 -12.74 -7.83 1.03
N SER A 93 -13.27 -7.41 -0.11
CA SER A 93 -14.71 -7.36 -0.31
C SER A 93 -15.30 -8.76 -0.47
N ARG A 94 -14.45 -9.69 -0.90
CA ARG A 94 -14.88 -11.07 -1.09
C ARG A 94 -14.28 -11.98 -0.01
N ALA A 95 -13.20 -11.51 0.61
CA ALA A 95 -12.53 -12.28 1.66
C ALA A 95 -13.32 -12.24 2.96
N ILE A 96 -13.55 -13.42 3.53
CA ILE A 96 -14.29 -13.53 4.78
C ILE A 96 -13.35 -13.85 5.94
N HIS A 97 -12.98 -12.84 6.70
CA HIS A 97 -12.08 -13.02 7.82
C HIS A 97 -12.84 -13.33 9.10
N SER A 98 -14.10 -12.93 9.15
CA SER A 98 -14.94 -13.18 10.32
C SER A 98 -15.20 -14.67 10.51
N SER A 99 -15.06 -15.44 9.43
CA SER A 99 -15.29 -16.87 9.48
C SER A 99 -14.38 -17.53 10.51
N ASP A 100 -13.24 -16.90 10.77
CA ASP A 100 -12.28 -17.42 11.74
C ASP A 100 -11.92 -18.87 11.42
N GLU A 101 -10.88 -19.06 10.62
CA GLU A 101 -10.43 -20.40 10.24
C GLU A 101 -8.92 -20.53 10.39
N GLY A 102 -8.41 -20.12 11.54
CA GLY A 102 -6.97 -20.19 11.78
C GLY A 102 -6.18 -19.22 10.93
N GLU A 103 -5.14 -18.65 11.51
CA GLU A 103 -4.29 -17.69 10.80
C GLU A 103 -3.25 -18.41 9.95
N ASP A 104 -3.16 -18.02 8.68
CA ASP A 104 -2.21 -18.63 7.76
C ASP A 104 -2.08 -17.81 6.48
N GLN A 105 -0.89 -17.81 5.89
CA GLN A 105 -0.65 -17.07 4.66
C GLN A 105 -0.68 -18.00 3.45
N ALA A 106 -1.19 -17.48 2.34
CA ALA A 106 -1.29 -18.26 1.11
C ALA A 106 0.04 -18.28 0.37
N GLY A 107 0.85 -19.31 0.63
CA GLY A 107 2.14 -19.43 -0.01
C GLY A 107 2.59 -20.88 -0.14
N SER A 1 -5.74 -11.02 26.78
CA SER A 1 -5.81 -9.58 27.12
C SER A 1 -4.42 -9.03 27.48
N GLY A 2 -4.09 -7.88 26.92
CA GLY A 2 -2.80 -7.26 27.19
C GLY A 2 -1.80 -7.49 26.07
N PHE A 3 -2.32 -7.68 24.86
CA PHE A 3 -1.47 -7.91 23.69
C PHE A 3 -1.57 -6.73 22.72
N LYS A 4 -0.46 -6.42 22.06
CA LYS A 4 -0.43 -5.32 21.11
C LYS A 4 -0.84 -5.79 19.71
N HIS A 5 -1.29 -4.86 18.88
CA HIS A 5 -1.72 -5.19 17.53
C HIS A 5 -0.77 -4.57 16.50
N VAL A 6 0.44 -5.12 16.42
CA VAL A 6 1.43 -4.62 15.47
C VAL A 6 1.62 -5.60 14.31
N SER A 7 1.58 -5.07 13.09
CA SER A 7 1.77 -5.89 11.91
C SER A 7 3.24 -5.94 11.52
N HIS A 8 3.60 -6.88 10.66
CA HIS A 8 4.98 -7.03 10.22
C HIS A 8 5.11 -6.79 8.72
N VAL A 9 4.12 -7.27 7.97
CA VAL A 9 4.12 -7.12 6.52
C VAL A 9 5.25 -7.93 5.88
N GLY A 10 6.48 -7.54 6.17
CA GLY A 10 7.63 -8.26 5.65
C GLY A 10 8.11 -7.73 4.31
N TRP A 11 8.04 -6.41 4.14
CA TRP A 11 8.47 -5.79 2.90
C TRP A 11 9.96 -5.43 2.98
N ASP A 12 10.62 -5.37 1.83
CA ASP A 12 12.04 -5.04 1.79
C ASP A 12 12.24 -3.54 1.68
N PRO A 13 13.25 -2.99 2.39
CA PRO A 13 13.52 -1.56 2.39
C PRO A 13 14.29 -1.11 1.15
N GLN A 14 15.15 -1.98 0.65
CA GLN A 14 15.97 -1.68 -0.52
C GLN A 14 15.29 -2.16 -1.80
N ASN A 15 14.70 -3.35 -1.74
CA ASN A 15 14.03 -3.92 -2.91
C ASN A 15 12.58 -3.46 -2.98
N GLY A 16 12.00 -3.13 -1.83
CA GLY A 16 10.62 -2.69 -1.78
C GLY A 16 9.67 -3.78 -1.33
N PHE A 17 8.46 -3.78 -1.88
CA PHE A 17 7.47 -4.78 -1.53
C PHE A 17 7.70 -6.08 -2.28
N ASP A 18 7.54 -7.20 -1.57
CA ASP A 18 7.75 -8.52 -2.17
C ASP A 18 6.58 -8.90 -3.07
N VAL A 19 6.36 -8.12 -4.12
CA VAL A 19 5.29 -8.40 -5.06
C VAL A 19 5.34 -9.84 -5.55
N ASN A 20 6.53 -10.43 -5.49
CA ASN A 20 6.72 -11.82 -5.92
C ASN A 20 6.13 -12.79 -4.91
N ASN A 21 5.97 -12.33 -3.67
CA ASN A 21 5.42 -13.17 -2.61
C ASN A 21 4.25 -12.48 -1.90
N LEU A 22 3.66 -11.49 -2.55
CA LEU A 22 2.53 -10.76 -1.98
C LEU A 22 1.27 -11.64 -1.94
N ASP A 23 0.34 -11.28 -1.08
CA ASP A 23 -0.90 -12.03 -0.95
C ASP A 23 -1.93 -11.59 -1.98
N PRO A 24 -2.71 -12.54 -2.52
CA PRO A 24 -3.73 -12.23 -3.53
C PRO A 24 -4.74 -11.18 -3.06
N ASP A 25 -4.82 -11.00 -1.75
CA ASP A 25 -5.75 -10.04 -1.18
C ASP A 25 -5.17 -8.63 -1.22
N LEU A 26 -4.00 -8.46 -0.61
CA LEU A 26 -3.34 -7.15 -0.57
C LEU A 26 -2.81 -6.76 -1.95
N ARG A 27 -2.30 -7.73 -2.69
CA ARG A 27 -1.76 -7.45 -4.03
C ARG A 27 -2.86 -6.88 -4.91
N SER A 28 -4.09 -7.36 -4.73
CA SER A 28 -5.23 -6.88 -5.49
C SER A 28 -5.49 -5.41 -5.18
N LEU A 29 -5.29 -5.04 -3.92
CA LEU A 29 -5.51 -3.65 -3.50
C LEU A 29 -4.65 -2.70 -4.32
N PHE A 30 -3.34 -2.93 -4.31
CA PHE A 30 -2.41 -2.09 -5.06
C PHE A 30 -2.89 -1.90 -6.50
N SER A 31 -3.35 -2.99 -7.10
CA SER A 31 -3.87 -2.94 -8.47
C SER A 31 -5.08 -2.02 -8.55
N ARG A 32 -6.11 -2.35 -7.77
CA ARG A 32 -7.33 -1.55 -7.74
C ARG A 32 -7.03 -0.10 -7.41
N ALA A 33 -5.97 0.12 -6.64
CA ALA A 33 -5.57 1.46 -6.26
C ALA A 33 -4.74 2.15 -7.35
N GLY A 34 -4.56 1.47 -8.49
CA GLY A 34 -3.78 2.04 -9.57
C GLY A 34 -2.29 1.87 -9.38
N ILE A 35 -1.89 1.15 -8.34
CA ILE A 35 -0.48 0.91 -8.06
C ILE A 35 0.02 -0.30 -8.83
N SER A 36 1.34 -0.42 -8.97
CA SER A 36 1.94 -1.53 -9.69
C SER A 36 3.26 -1.95 -9.05
N GLU A 37 3.82 -3.05 -9.55
CA GLU A 37 5.08 -3.56 -9.02
C GLU A 37 6.16 -2.48 -9.05
N ALA A 38 6.15 -1.66 -10.09
CA ALA A 38 7.13 -0.59 -10.22
C ALA A 38 7.13 0.29 -8.97
N GLN A 39 5.93 0.66 -8.51
CA GLN A 39 5.80 1.48 -7.32
C GLN A 39 5.97 0.64 -6.07
N LEU A 40 5.52 -0.61 -6.12
CA LEU A 40 5.64 -1.51 -4.99
C LEU A 40 7.09 -1.89 -4.75
N THR A 41 7.91 -1.79 -5.79
CA THR A 41 9.33 -2.13 -5.69
C THR A 41 10.18 -0.89 -5.41
N ASP A 42 9.57 0.29 -5.45
CA ASP A 42 10.28 1.53 -5.19
C ASP A 42 10.42 1.77 -3.69
N ALA A 43 11.66 1.84 -3.22
CA ALA A 43 11.92 2.05 -1.80
C ALA A 43 11.10 3.20 -1.24
N GLU A 44 10.89 4.22 -2.06
CA GLU A 44 10.14 5.41 -1.64
C GLU A 44 8.64 5.10 -1.52
N THR A 45 8.04 4.68 -2.62
CA THR A 45 6.62 4.38 -2.65
C THR A 45 6.29 3.14 -1.82
N SER A 46 7.21 2.18 -1.82
CA SER A 46 7.01 0.95 -1.07
C SER A 46 6.79 1.26 0.41
N LYS A 47 7.59 2.19 0.94
CA LYS A 47 7.50 2.59 2.34
C LYS A 47 6.13 3.17 2.67
N LEU A 48 5.69 4.15 1.89
CA LEU A 48 4.40 4.78 2.14
C LEU A 48 3.26 3.79 1.90
N ILE A 49 3.47 2.87 0.96
CA ILE A 49 2.45 1.87 0.65
C ILE A 49 2.26 0.89 1.80
N TYR A 50 3.30 0.11 2.12
CA TYR A 50 3.20 -0.88 3.19
C TYR A 50 2.68 -0.23 4.47
N ASP A 51 3.16 0.98 4.75
CA ASP A 51 2.72 1.71 5.92
C ASP A 51 1.19 1.84 5.96
N PHE A 52 0.58 1.91 4.78
CA PHE A 52 -0.86 2.01 4.70
C PHE A 52 -1.51 0.74 5.25
N ILE A 53 -0.93 -0.41 4.92
CA ILE A 53 -1.42 -1.68 5.41
C ILE A 53 -1.47 -1.68 6.94
N GLU A 54 -0.64 -0.84 7.55
CA GLU A 54 -0.60 -0.72 9.00
C GLU A 54 -1.80 0.07 9.50
N ASP A 55 -2.22 1.07 8.73
CA ASP A 55 -3.37 1.89 9.12
C ASP A 55 -4.67 1.12 8.96
N GLN A 56 -4.66 0.14 8.06
CA GLN A 56 -5.84 -0.68 7.81
C GLN A 56 -5.92 -1.87 8.77
N GLY A 57 -5.11 -1.84 9.82
CA GLY A 57 -5.11 -2.93 10.78
C GLY A 57 -3.99 -3.93 10.52
N GLY A 58 -3.02 -3.54 9.70
CA GLY A 58 -1.90 -4.42 9.41
C GLY A 58 -2.19 -5.40 8.30
N LEU A 59 -1.14 -6.09 7.85
CA LEU A 59 -1.26 -7.08 6.78
C LEU A 59 -2.42 -8.04 7.06
N GLU A 60 -2.56 -8.43 8.32
CA GLU A 60 -3.61 -9.36 8.72
C GLU A 60 -4.99 -8.75 8.53
N ALA A 61 -5.10 -7.46 8.77
CA ALA A 61 -6.38 -6.75 8.65
C ALA A 61 -6.79 -6.57 7.19
N VAL A 62 -5.80 -6.33 6.32
CA VAL A 62 -6.09 -6.13 4.90
C VAL A 62 -6.66 -7.38 4.27
N ARG A 63 -5.88 -8.45 4.25
CA ARG A 63 -6.33 -9.72 3.70
C ARG A 63 -7.67 -10.11 4.33
N GLN A 64 -7.75 -9.96 5.64
CA GLN A 64 -8.97 -10.28 6.38
C GLN A 64 -10.13 -9.38 5.96
N GLU A 65 -9.91 -8.08 5.98
CA GLU A 65 -10.96 -7.12 5.63
C GLU A 65 -11.25 -7.16 4.12
N MET A 66 -10.28 -7.63 3.34
CA MET A 66 -10.46 -7.74 1.90
C MET A 66 -11.47 -8.83 1.57
N ARG A 67 -11.45 -9.88 2.38
CA ARG A 67 -12.38 -11.00 2.19
C ARG A 67 -13.76 -10.64 2.72
N ARG A 68 -13.80 -9.83 3.78
CA ARG A 68 -15.05 -9.40 4.37
C ARG A 68 -15.78 -8.42 3.46
N GLN A 69 -15.03 -7.78 2.57
CA GLN A 69 -15.62 -6.82 1.64
C GLN A 69 -16.10 -7.50 0.37
N GLY A 70 -15.61 -8.71 0.12
CA GLY A 70 -16.01 -9.45 -1.07
C GLY A 70 -17.48 -9.79 -1.07
N GLY A 71 -18.24 -9.13 -1.93
CA GLY A 71 -19.67 -9.38 -2.00
C GLY A 71 -20.49 -8.34 -1.28
N SER A 72 -21.71 -8.70 -0.90
CA SER A 72 -22.59 -7.79 -0.19
C SER A 72 -23.01 -6.63 -1.09
N GLY A 73 -24.25 -6.16 -0.90
CA GLY A 73 -24.74 -5.06 -1.70
C GLY A 73 -24.33 -3.71 -1.15
N GLY A 74 -23.31 -3.11 -1.76
CA GLY A 74 -22.83 -1.81 -1.30
C GLY A 74 -21.44 -1.88 -0.71
N SER A 75 -21.11 -3.02 -0.11
CA SER A 75 -19.80 -3.22 0.49
C SER A 75 -18.99 -4.24 -0.29
N GLN A 76 -18.91 -4.05 -1.60
CA GLN A 76 -18.16 -4.95 -2.47
C GLN A 76 -16.66 -4.74 -2.31
N SER A 77 -15.90 -5.80 -2.55
CA SER A 77 -14.45 -5.73 -2.45
C SER A 77 -13.89 -4.59 -3.28
N SER A 78 -12.72 -4.08 -2.90
CA SER A 78 -12.07 -2.97 -3.61
C SER A 78 -12.62 -1.62 -3.15
N GLU A 79 -13.94 -1.51 -3.11
CA GLU A 79 -14.58 -0.27 -2.71
C GLU A 79 -14.43 -0.04 -1.21
N GLY A 80 -13.21 0.25 -0.78
CA GLY A 80 -12.94 0.49 0.62
C GLY A 80 -11.50 0.90 0.86
N LEU A 81 -10.64 -0.07 1.15
CA LEU A 81 -9.23 0.20 1.38
C LEU A 81 -8.58 0.78 0.13
N VAL A 82 -9.10 0.39 -1.03
CA VAL A 82 -8.57 0.89 -2.31
C VAL A 82 -8.80 2.40 -2.42
N GLY A 83 -9.87 2.89 -1.80
CA GLY A 83 -10.17 4.30 -1.83
C GLY A 83 -9.15 5.11 -1.05
N ALA A 84 -8.85 4.66 0.16
CA ALA A 84 -7.87 5.34 1.00
C ALA A 84 -6.48 5.29 0.39
N LEU A 85 -6.08 4.10 -0.08
CA LEU A 85 -4.77 3.92 -0.70
C LEU A 85 -4.59 4.88 -1.87
N MET A 86 -5.60 4.97 -2.73
CA MET A 86 -5.55 5.86 -3.88
C MET A 86 -5.23 7.28 -3.43
N HIS A 87 -5.64 7.62 -2.22
CA HIS A 87 -5.39 8.94 -1.67
C HIS A 87 -3.96 9.04 -1.12
N VAL A 88 -3.44 7.91 -0.66
CA VAL A 88 -2.07 7.86 -0.16
C VAL A 88 -1.07 8.04 -1.30
N MET A 89 -1.35 7.37 -2.41
CA MET A 89 -0.50 7.49 -3.60
C MET A 89 -0.53 8.92 -4.12
N GLN A 90 -1.63 9.62 -3.87
CA GLN A 90 -1.78 11.00 -4.30
C GLN A 90 -0.76 11.91 -3.63
N LYS A 91 -0.19 11.43 -2.52
CA LYS A 91 0.79 12.19 -1.77
C LYS A 91 2.10 12.32 -2.54
N ARG A 92 2.46 11.26 -3.25
CA ARG A 92 3.67 11.26 -4.05
C ARG A 92 3.51 12.12 -5.31
N SER A 93 2.27 12.38 -5.68
CA SER A 93 1.97 13.18 -6.86
C SER A 93 2.22 14.66 -6.60
N ARG A 94 2.01 15.08 -5.35
CA ARG A 94 2.22 16.47 -4.98
C ARG A 94 3.07 16.59 -3.73
N ALA A 95 3.90 15.58 -3.49
CA ALA A 95 4.78 15.56 -2.33
C ALA A 95 5.94 16.53 -2.52
N ILE A 96 6.24 17.28 -1.46
CA ILE A 96 7.33 18.25 -1.50
C ILE A 96 8.22 18.12 -0.27
N HIS A 97 9.14 17.18 -0.32
CA HIS A 97 10.08 16.95 0.78
C HIS A 97 11.49 16.73 0.23
N SER A 98 12.11 17.81 -0.23
CA SER A 98 13.46 17.72 -0.81
C SER A 98 13.39 17.13 -2.21
N SER A 99 12.24 17.29 -2.86
CA SER A 99 12.03 16.78 -4.21
C SER A 99 12.22 17.87 -5.26
N ASP A 100 11.99 19.11 -4.84
CA ASP A 100 12.14 20.25 -5.73
C ASP A 100 11.29 20.07 -6.99
N GLU A 101 11.35 21.05 -7.88
CA GLU A 101 10.60 20.99 -9.13
C GLU A 101 11.05 19.81 -9.97
N GLY A 102 12.30 19.40 -9.80
CA GLY A 102 12.84 18.28 -10.56
C GLY A 102 13.14 18.65 -12.00
N GLU A 103 12.67 17.83 -12.93
CA GLU A 103 12.89 18.07 -14.34
C GLU A 103 11.72 18.82 -14.95
N ASP A 104 11.97 19.48 -16.07
CA ASP A 104 10.93 20.24 -16.76
C ASP A 104 11.39 20.67 -18.15
N GLN A 105 10.46 21.17 -18.95
CA GLN A 105 10.76 21.61 -20.31
C GLN A 105 11.22 20.45 -21.17
N ALA A 106 10.65 19.27 -20.91
CA ALA A 106 11.00 18.07 -21.66
C ALA A 106 10.24 18.03 -22.99
N GLY A 107 10.98 18.11 -24.09
CA GLY A 107 10.37 18.09 -25.40
C GLY A 107 10.15 16.68 -25.92
N SER A 1 -18.18 -10.71 -13.62
CA SER A 1 -16.83 -10.37 -14.16
C SER A 1 -16.93 -9.96 -15.62
N GLY A 2 -15.79 -9.55 -16.19
CA GLY A 2 -15.76 -9.13 -17.57
C GLY A 2 -16.01 -7.64 -17.74
N PHE A 3 -15.84 -6.89 -16.66
CA PHE A 3 -16.04 -5.45 -16.70
C PHE A 3 -15.09 -4.74 -15.74
N LYS A 4 -14.92 -3.43 -15.93
CA LYS A 4 -14.04 -2.64 -15.08
C LYS A 4 -14.77 -2.13 -13.85
N HIS A 5 -14.20 -2.40 -12.68
CA HIS A 5 -14.80 -1.95 -11.42
C HIS A 5 -13.72 -1.58 -10.41
N VAL A 6 -13.46 -0.29 -10.28
CA VAL A 6 -12.45 0.20 -9.35
C VAL A 6 -13.01 0.32 -7.93
N SER A 7 -12.20 -0.06 -6.95
CA SER A 7 -12.61 0.01 -5.54
C SER A 7 -12.22 1.35 -4.94
N HIS A 8 -11.17 1.95 -5.47
CA HIS A 8 -10.69 3.24 -4.98
C HIS A 8 -10.11 3.11 -3.58
N VAL A 9 -8.81 3.35 -3.45
CA VAL A 9 -8.12 3.26 -2.17
C VAL A 9 -8.32 4.55 -1.36
N GLY A 10 -7.96 5.68 -1.96
CA GLY A 10 -8.12 6.96 -1.30
C GLY A 10 -6.78 7.57 -0.91
N TRP A 11 -5.70 7.12 -1.54
CA TRP A 11 -4.38 7.64 -1.24
C TRP A 11 -4.06 8.85 -2.13
N ASP A 12 -3.18 9.72 -1.65
CA ASP A 12 -2.79 10.90 -2.40
C ASP A 12 -1.58 10.59 -3.29
N PRO A 13 -1.56 11.11 -4.52
CA PRO A 13 -0.48 10.87 -5.48
C PRO A 13 0.79 11.68 -5.17
N GLN A 14 0.60 12.91 -4.73
CA GLN A 14 1.72 13.79 -4.41
C GLN A 14 2.07 13.72 -2.92
N ASN A 15 1.04 13.58 -2.08
CA ASN A 15 1.24 13.50 -0.64
C ASN A 15 1.51 12.07 -0.20
N GLY A 16 1.01 11.11 -0.98
CA GLY A 16 1.20 9.72 -0.65
C GLY A 16 -0.01 9.12 0.05
N PHE A 17 0.23 8.13 0.91
CA PHE A 17 -0.85 7.48 1.64
C PHE A 17 -1.26 8.30 2.86
N ASP A 18 -2.57 8.43 3.07
CA ASP A 18 -3.08 9.21 4.19
C ASP A 18 -2.93 8.45 5.51
N VAL A 19 -1.67 8.21 5.88
CA VAL A 19 -1.37 7.50 7.13
C VAL A 19 -2.09 8.16 8.31
N ASN A 20 -2.41 9.44 8.15
CA ASN A 20 -3.09 10.19 9.20
C ASN A 20 -4.54 9.76 9.32
N ASN A 21 -5.08 9.16 8.25
CA ASN A 21 -6.48 8.73 8.25
C ASN A 21 -6.61 7.30 7.71
N LEU A 22 -5.52 6.53 7.77
CA LEU A 22 -5.53 5.16 7.30
C LEU A 22 -6.36 4.26 8.22
N ASP A 23 -6.80 3.12 7.70
CA ASP A 23 -7.60 2.19 8.47
C ASP A 23 -6.71 1.25 9.28
N PRO A 24 -7.12 0.94 10.54
CA PRO A 24 -6.35 0.07 11.43
C PRO A 24 -6.08 -1.30 10.80
N ASP A 25 -6.85 -1.64 9.77
CA ASP A 25 -6.69 -2.93 9.11
C ASP A 25 -5.56 -2.89 8.10
N LEU A 26 -5.66 -1.97 7.13
CA LEU A 26 -4.64 -1.84 6.11
C LEU A 26 -3.33 -1.30 6.69
N ARG A 27 -3.45 -0.29 7.54
CA ARG A 27 -2.28 0.30 8.17
C ARG A 27 -1.45 -0.78 8.87
N SER A 28 -2.15 -1.77 9.41
CA SER A 28 -1.49 -2.88 10.08
C SER A 28 -0.63 -3.67 9.11
N LEU A 29 -1.12 -3.84 7.88
CA LEU A 29 -0.40 -4.57 6.85
C LEU A 29 0.98 -3.95 6.62
N PHE A 30 0.99 -2.65 6.31
CA PHE A 30 2.24 -1.93 6.09
C PHE A 30 3.22 -2.18 7.23
N SER A 31 2.71 -2.13 8.45
CA SER A 31 3.53 -2.36 9.64
C SER A 31 4.09 -3.78 9.62
N ARG A 32 3.20 -4.77 9.51
CA ARG A 32 3.59 -6.17 9.48
C ARG A 32 4.59 -6.43 8.35
N ALA A 33 4.46 -5.67 7.27
CA ALA A 33 5.34 -5.81 6.12
C ALA A 33 6.65 -5.06 6.34
N GLY A 34 6.63 -4.09 7.25
CA GLY A 34 7.83 -3.32 7.53
C GLY A 34 7.83 -1.96 6.85
N ILE A 35 6.69 -1.59 6.25
CA ILE A 35 6.58 -0.31 5.57
C ILE A 35 6.19 0.80 6.54
N SER A 36 7.11 1.73 6.77
CA SER A 36 6.85 2.84 7.67
C SER A 36 6.19 4.00 6.94
N GLU A 37 5.68 4.97 7.70
CA GLU A 37 5.02 6.13 7.10
C GLU A 37 5.91 6.78 6.06
N ALA A 38 7.22 6.65 6.23
CA ALA A 38 8.18 7.22 5.29
C ALA A 38 7.89 6.74 3.87
N GLN A 39 7.66 5.44 3.74
CA GLN A 39 7.36 4.85 2.43
C GLN A 39 5.91 5.10 2.05
N LEU A 40 5.05 5.16 3.06
CA LEU A 40 3.63 5.40 2.83
C LEU A 40 3.39 6.83 2.35
N THR A 41 4.31 7.73 2.70
CA THR A 41 4.20 9.13 2.31
C THR A 41 5.05 9.43 1.08
N ASP A 42 5.82 8.44 0.61
CA ASP A 42 6.67 8.61 -0.56
C ASP A 42 5.85 8.42 -1.84
N ALA A 43 5.69 9.49 -2.61
CA ALA A 43 4.92 9.44 -3.84
C ALA A 43 5.29 8.23 -4.69
N GLU A 44 6.54 7.82 -4.62
CA GLU A 44 7.02 6.67 -5.38
C GLU A 44 6.50 5.37 -4.80
N THR A 45 6.84 5.12 -3.54
CA THR A 45 6.41 3.89 -2.87
C THR A 45 4.91 3.88 -2.64
N SER A 46 4.33 5.04 -2.34
CA SER A 46 2.89 5.13 -2.12
C SER A 46 2.13 4.60 -3.32
N LYS A 47 2.67 4.89 -4.51
CA LYS A 47 2.05 4.45 -5.76
C LYS A 47 2.01 2.92 -5.84
N LEU A 48 3.18 2.30 -5.70
CA LEU A 48 3.27 0.84 -5.78
C LEU A 48 2.55 0.17 -4.61
N ILE A 49 2.52 0.85 -3.47
CA ILE A 49 1.88 0.29 -2.28
C ILE A 49 0.36 0.21 -2.46
N TYR A 50 -0.31 1.35 -2.60
CA TYR A 50 -1.75 1.36 -2.75
C TYR A 50 -2.18 0.42 -3.88
N ASP A 51 -1.42 0.44 -4.96
CA ASP A 51 -1.70 -0.42 -6.11
C ASP A 51 -1.78 -1.88 -5.68
N PHE A 52 -0.99 -2.24 -4.67
CA PHE A 52 -0.99 -3.61 -4.16
C PHE A 52 -2.35 -3.93 -3.55
N ILE A 53 -2.94 -2.95 -2.86
CA ILE A 53 -4.25 -3.14 -2.26
C ILE A 53 -5.28 -3.48 -3.34
N GLU A 54 -5.03 -3.01 -4.55
CA GLU A 54 -5.92 -3.29 -5.66
C GLU A 54 -5.83 -4.76 -6.06
N ASP A 55 -4.63 -5.33 -5.92
CA ASP A 55 -4.41 -6.74 -6.23
C ASP A 55 -5.00 -7.62 -5.14
N GLN A 56 -5.13 -7.07 -3.94
CA GLN A 56 -5.69 -7.81 -2.81
C GLN A 56 -7.21 -7.71 -2.79
N GLY A 57 -7.80 -7.19 -3.86
CA GLY A 57 -9.23 -7.04 -3.92
C GLY A 57 -9.70 -5.64 -3.53
N GLY A 58 -8.77 -4.69 -3.56
CA GLY A 58 -9.11 -3.32 -3.21
C GLY A 58 -9.13 -3.07 -1.72
N LEU A 59 -9.26 -1.80 -1.34
CA LEU A 59 -9.29 -1.42 0.07
C LEU A 59 -10.29 -2.27 0.85
N GLU A 60 -11.45 -2.52 0.25
CA GLU A 60 -12.49 -3.30 0.91
C GLU A 60 -12.03 -4.73 1.17
N ALA A 61 -11.24 -5.27 0.24
CA ALA A 61 -10.73 -6.63 0.38
C ALA A 61 -9.66 -6.73 1.45
N VAL A 62 -8.85 -5.68 1.57
CA VAL A 62 -7.79 -5.66 2.57
C VAL A 62 -8.37 -5.65 3.98
N ARG A 63 -9.33 -4.76 4.21
CA ARG A 63 -9.99 -4.69 5.50
C ARG A 63 -10.55 -6.05 5.86
N GLN A 64 -11.23 -6.68 4.91
CA GLN A 64 -11.83 -8.00 5.09
C GLN A 64 -10.78 -9.07 5.38
N GLU A 65 -9.74 -9.12 4.55
CA GLU A 65 -8.69 -10.13 4.71
C GLU A 65 -7.91 -9.89 6.00
N MET A 66 -7.90 -8.65 6.47
CA MET A 66 -7.22 -8.30 7.71
C MET A 66 -7.98 -8.82 8.92
N ARG A 67 -9.28 -9.06 8.73
CA ARG A 67 -10.12 -9.56 9.81
C ARG A 67 -9.88 -11.05 10.04
N ARG A 68 -9.94 -11.83 8.97
CA ARG A 68 -9.73 -13.27 9.07
C ARG A 68 -8.27 -13.59 9.35
N GLN A 69 -7.38 -12.74 8.83
CA GLN A 69 -5.94 -12.92 9.03
C GLN A 69 -5.45 -12.17 10.28
N GLY A 70 -6.33 -11.38 10.89
CA GLY A 70 -5.95 -10.63 12.07
C GLY A 70 -6.82 -10.96 13.27
N GLY A 71 -6.26 -11.73 14.20
CA GLY A 71 -7.01 -12.10 15.39
C GLY A 71 -7.48 -10.90 16.18
N SER A 72 -6.54 -10.20 16.81
CA SER A 72 -6.86 -9.04 17.61
C SER A 72 -5.61 -8.47 18.30
N GLY A 73 -5.12 -9.19 19.30
CA GLY A 73 -3.94 -8.76 20.01
C GLY A 73 -3.01 -9.91 20.35
N GLY A 74 -2.41 -10.50 19.33
CA GLY A 74 -1.51 -11.62 19.53
C GLY A 74 -1.74 -12.75 18.55
N SER A 75 -2.94 -12.80 17.98
CA SER A 75 -3.29 -13.84 17.02
C SER A 75 -3.22 -13.30 15.60
N GLN A 76 -2.35 -12.33 15.38
CA GLN A 76 -2.19 -11.73 14.05
C GLN A 76 -1.44 -12.67 13.12
N SER A 77 -1.99 -12.90 11.93
CA SER A 77 -1.36 -13.77 10.95
C SER A 77 -0.90 -12.98 9.74
N SER A 78 0.37 -12.59 9.75
CA SER A 78 0.95 -11.84 8.64
C SER A 78 1.33 -12.75 7.47
N GLU A 79 1.21 -14.06 7.67
CA GLU A 79 1.56 -15.01 6.62
C GLU A 79 0.55 -15.00 5.50
N GLY A 80 0.90 -14.34 4.40
CA GLY A 80 0.01 -14.26 3.26
C GLY A 80 0.06 -12.90 2.58
N LEU A 81 -0.84 -12.01 2.97
CA LEU A 81 -0.90 -10.68 2.38
C LEU A 81 0.37 -9.88 2.68
N VAL A 82 0.87 -10.00 3.91
CA VAL A 82 2.07 -9.28 4.31
C VAL A 82 3.28 -9.72 3.51
N GLY A 83 3.34 -11.01 3.21
CA GLY A 83 4.46 -11.54 2.46
C GLY A 83 4.47 -11.07 1.02
N ALA A 84 3.28 -10.99 0.42
CA ALA A 84 3.16 -10.54 -0.96
C ALA A 84 3.58 -9.08 -1.09
N LEU A 85 3.06 -8.24 -0.20
CA LEU A 85 3.40 -6.82 -0.22
C LEU A 85 4.88 -6.62 0.04
N MET A 86 5.42 -7.33 1.02
CA MET A 86 6.83 -7.23 1.36
C MET A 86 7.69 -7.49 0.12
N HIS A 87 7.21 -8.39 -0.74
CA HIS A 87 7.92 -8.73 -1.96
C HIS A 87 7.77 -7.62 -3.01
N VAL A 88 6.70 -6.85 -2.88
CA VAL A 88 6.44 -5.76 -3.82
C VAL A 88 7.31 -4.54 -3.48
N MET A 89 7.50 -4.29 -2.20
CA MET A 89 8.32 -3.16 -1.76
C MET A 89 9.75 -3.33 -2.25
N GLN A 90 10.22 -4.58 -2.24
CA GLN A 90 11.56 -4.90 -2.66
C GLN A 90 11.77 -4.69 -4.16
N LYS A 91 10.68 -4.48 -4.89
CA LYS A 91 10.75 -4.29 -6.34
C LYS A 91 11.42 -2.95 -6.68
N ARG A 92 11.29 -1.98 -5.78
CA ARG A 92 11.89 -0.67 -6.00
C ARG A 92 13.40 -0.73 -5.83
N SER A 93 13.87 -1.74 -5.10
CA SER A 93 15.29 -1.90 -4.85
C SER A 93 16.02 -2.44 -6.07
N ARG A 94 15.30 -3.14 -6.93
CA ARG A 94 15.90 -3.72 -8.12
C ARG A 94 15.10 -3.39 -9.38
N ALA A 95 14.15 -2.48 -9.26
CA ALA A 95 13.33 -2.09 -10.42
C ALA A 95 14.12 -1.22 -11.37
N ILE A 96 13.50 -0.93 -12.52
CA ILE A 96 14.12 -0.08 -13.51
C ILE A 96 14.06 1.37 -13.07
N HIS A 97 15.21 1.90 -12.66
CA HIS A 97 15.29 3.29 -12.24
C HIS A 97 14.71 4.21 -13.29
N SER A 98 13.42 4.48 -13.19
CA SER A 98 12.73 5.32 -14.16
C SER A 98 11.60 6.11 -13.50
N SER A 99 11.78 7.43 -13.42
CA SER A 99 10.79 8.30 -12.81
C SER A 99 10.76 9.66 -13.51
N ASP A 100 11.94 10.21 -13.75
CA ASP A 100 12.06 11.50 -14.41
C ASP A 100 11.34 12.58 -13.63
N GLU A 101 11.92 12.98 -12.50
CA GLU A 101 11.33 14.01 -11.66
C GLU A 101 12.13 15.31 -11.75
N GLY A 102 11.60 16.37 -11.12
CA GLY A 102 12.28 17.64 -11.14
C GLY A 102 11.82 18.56 -10.04
N GLU A 103 12.41 18.43 -8.86
CA GLU A 103 12.05 19.26 -7.72
C GLU A 103 12.63 20.66 -7.85
N ASP A 104 12.19 21.55 -6.97
CA ASP A 104 12.66 22.94 -6.98
C ASP A 104 11.92 23.75 -8.06
N GLN A 105 11.79 25.05 -7.82
CA GLN A 105 11.10 25.92 -8.76
C GLN A 105 11.66 25.75 -10.17
N ALA A 106 10.85 25.16 -11.05
CA ALA A 106 11.28 24.94 -12.44
C ALA A 106 11.11 26.21 -13.26
N GLY A 107 12.15 26.53 -14.03
CA GLY A 107 12.12 27.72 -14.86
C GLY A 107 11.49 27.46 -16.22
N SER A 1 -13.38 22.75 1.02
CA SER A 1 -14.75 22.37 0.62
C SER A 1 -15.10 22.95 -0.76
N GLY A 2 -15.92 22.22 -1.51
CA GLY A 2 -16.32 22.67 -2.82
C GLY A 2 -15.46 22.08 -3.93
N PHE A 3 -14.27 21.62 -3.56
CA PHE A 3 -13.36 21.02 -4.54
C PHE A 3 -12.95 19.62 -4.12
N LYS A 4 -12.93 18.70 -5.07
CA LYS A 4 -12.57 17.31 -4.79
C LYS A 4 -11.05 17.12 -4.89
N HIS A 5 -10.50 16.30 -4.00
CA HIS A 5 -9.08 16.04 -3.99
C HIS A 5 -8.80 14.54 -4.07
N VAL A 6 -9.38 13.89 -5.07
CA VAL A 6 -9.20 12.46 -5.25
C VAL A 6 -7.80 12.15 -5.78
N SER A 7 -7.25 11.03 -5.35
CA SER A 7 -5.92 10.61 -5.79
C SER A 7 -6.00 9.74 -7.03
N HIS A 8 -6.86 8.74 -6.99
CA HIS A 8 -7.04 7.84 -8.13
C HIS A 8 -5.82 6.95 -8.34
N VAL A 9 -5.73 5.89 -7.53
CA VAL A 9 -4.60 4.96 -7.65
C VAL A 9 -4.56 4.33 -9.03
N GLY A 10 -5.67 3.73 -9.44
CA GLY A 10 -5.74 3.10 -10.74
C GLY A 10 -5.57 1.60 -10.70
N TRP A 11 -5.79 1.01 -9.52
CA TRP A 11 -5.65 -0.43 -9.36
C TRP A 11 -6.98 -1.13 -9.65
N ASP A 12 -6.90 -2.39 -10.07
CA ASP A 12 -8.11 -3.15 -10.36
C ASP A 12 -8.57 -3.90 -9.12
N PRO A 13 -9.90 -3.93 -8.87
CA PRO A 13 -10.47 -4.59 -7.70
C PRO A 13 -10.59 -6.10 -7.89
N GLN A 14 -10.65 -6.53 -9.15
CA GLN A 14 -10.79 -7.96 -9.45
C GLN A 14 -9.43 -8.56 -9.82
N ASN A 15 -8.64 -7.82 -10.59
CA ASN A 15 -7.33 -8.30 -11.00
C ASN A 15 -6.26 -7.93 -9.98
N GLY A 16 -6.48 -6.82 -9.28
CA GLY A 16 -5.53 -6.37 -8.28
C GLY A 16 -4.78 -5.12 -8.71
N PHE A 17 -3.51 -5.03 -8.33
CA PHE A 17 -2.69 -3.88 -8.67
C PHE A 17 -2.10 -4.02 -10.07
N ASP A 18 -1.94 -2.90 -10.75
CA ASP A 18 -1.39 -2.89 -12.10
C ASP A 18 0.14 -2.94 -12.07
N VAL A 19 0.67 -3.99 -11.44
CA VAL A 19 2.12 -4.16 -11.33
C VAL A 19 2.78 -4.03 -12.70
N ASN A 20 2.03 -4.29 -13.75
CA ASN A 20 2.54 -4.19 -15.11
C ASN A 20 2.69 -2.73 -15.54
N ASN A 21 1.99 -1.83 -14.85
CA ASN A 21 2.04 -0.41 -15.18
C ASN A 21 2.27 0.44 -13.93
N LEU A 22 2.81 -0.19 -12.88
CA LEU A 22 3.08 0.53 -11.63
C LEU A 22 4.23 1.51 -11.79
N ASP A 23 4.30 2.49 -10.90
CA ASP A 23 5.34 3.51 -10.94
C ASP A 23 6.62 3.01 -10.27
N PRO A 24 7.79 3.43 -10.79
CA PRO A 24 9.09 3.02 -10.25
C PRO A 24 9.26 3.39 -8.79
N ASP A 25 8.50 4.38 -8.33
CA ASP A 25 8.59 4.85 -6.96
C ASP A 25 7.76 3.96 -6.03
N LEU A 26 6.48 3.82 -6.33
CA LEU A 26 5.59 3.00 -5.49
C LEU A 26 5.90 1.52 -5.64
N ARG A 27 6.33 1.12 -6.82
CA ARG A 27 6.67 -0.28 -7.06
C ARG A 27 7.86 -0.69 -6.19
N SER A 28 8.78 0.24 -5.99
CA SER A 28 9.95 -0.01 -5.16
C SER A 28 9.54 -0.28 -3.72
N LEU A 29 8.49 0.41 -3.28
CA LEU A 29 7.98 0.23 -1.92
C LEU A 29 7.63 -1.23 -1.66
N PHE A 30 6.69 -1.75 -2.44
CA PHE A 30 6.27 -3.14 -2.30
C PHE A 30 7.48 -4.07 -2.24
N SER A 31 8.44 -3.85 -3.13
CA SER A 31 9.65 -4.67 -3.16
C SER A 31 10.44 -4.52 -1.86
N ARG A 32 10.67 -3.27 -1.46
CA ARG A 32 11.42 -2.99 -0.24
C ARG A 32 10.73 -3.60 0.97
N ALA A 33 9.40 -3.64 0.92
CA ALA A 33 8.61 -4.21 2.01
C ALA A 33 8.56 -5.73 1.92
N GLY A 34 8.96 -6.28 0.78
CA GLY A 34 8.94 -7.72 0.60
C GLY A 34 7.65 -8.21 -0.05
N ILE A 35 6.85 -7.27 -0.57
CA ILE A 35 5.59 -7.61 -1.21
C ILE A 35 5.80 -7.95 -2.69
N SER A 36 5.54 -9.21 -3.04
CA SER A 36 5.70 -9.66 -4.42
C SER A 36 4.43 -9.41 -5.22
N GLU A 37 4.55 -9.46 -6.54
CA GLU A 37 3.41 -9.23 -7.42
C GLU A 37 2.25 -10.16 -7.05
N ALA A 38 2.57 -11.30 -6.45
CA ALA A 38 1.56 -12.25 -6.04
C ALA A 38 0.52 -11.60 -5.14
N GLN A 39 0.99 -10.80 -4.19
CA GLN A 39 0.11 -10.10 -3.27
C GLN A 39 -0.50 -8.86 -3.94
N LEU A 40 0.28 -8.24 -4.82
CA LEU A 40 -0.19 -7.05 -5.53
C LEU A 40 -1.29 -7.41 -6.52
N THR A 41 -1.33 -8.68 -6.92
CA THR A 41 -2.34 -9.15 -7.86
C THR A 41 -3.53 -9.78 -7.14
N ASP A 42 -3.39 -9.98 -5.83
CA ASP A 42 -4.46 -10.58 -5.03
C ASP A 42 -5.50 -9.53 -4.65
N ALA A 43 -6.70 -9.66 -5.20
CA ALA A 43 -7.77 -8.70 -4.94
C ALA A 43 -7.89 -8.37 -3.45
N GLU A 44 -7.56 -9.35 -2.61
CA GLU A 44 -7.63 -9.15 -1.17
C GLU A 44 -6.52 -8.24 -0.68
N THR A 45 -5.28 -8.65 -0.93
CA THR A 45 -4.12 -7.87 -0.51
C THR A 45 -4.01 -6.58 -1.30
N SER A 46 -4.43 -6.60 -2.56
CA SER A 46 -4.39 -5.41 -3.40
C SER A 46 -5.22 -4.30 -2.76
N LYS A 47 -6.35 -4.67 -2.18
CA LYS A 47 -7.25 -3.72 -1.54
C LYS A 47 -6.58 -3.02 -0.36
N LEU A 48 -6.04 -3.81 0.55
CA LEU A 48 -5.38 -3.26 1.73
C LEU A 48 -4.11 -2.49 1.36
N ILE A 49 -3.44 -2.94 0.30
CA ILE A 49 -2.20 -2.29 -0.14
C ILE A 49 -2.46 -0.89 -0.70
N TYR A 50 -3.20 -0.82 -1.81
CA TYR A 50 -3.48 0.49 -2.42
C TYR A 50 -4.10 1.42 -1.39
N ASP A 51 -4.94 0.86 -0.52
CA ASP A 51 -5.57 1.64 0.53
C ASP A 51 -4.52 2.34 1.38
N PHE A 52 -3.39 1.68 1.59
CA PHE A 52 -2.30 2.25 2.36
C PHE A 52 -1.74 3.48 1.65
N ILE A 53 -1.68 3.40 0.33
CA ILE A 53 -1.22 4.51 -0.49
C ILE A 53 -2.07 5.75 -0.24
N GLU A 54 -3.33 5.51 0.11
CA GLU A 54 -4.26 6.60 0.41
C GLU A 54 -3.87 7.29 1.72
N ASP A 55 -3.47 6.49 2.70
CA ASP A 55 -3.07 7.03 4.00
C ASP A 55 -1.78 7.85 3.85
N GLN A 56 -1.00 7.53 2.84
CA GLN A 56 0.26 8.24 2.57
C GLN A 56 0.01 9.48 1.73
N GLY A 57 -1.25 9.76 1.39
CA GLY A 57 -1.57 10.91 0.59
C GLY A 57 -1.90 10.55 -0.85
N GLY A 58 -2.22 9.29 -1.09
CA GLY A 58 -2.56 8.85 -2.43
C GLY A 58 -1.34 8.52 -3.26
N LEU A 59 -1.57 7.93 -4.43
CA LEU A 59 -0.50 7.55 -5.34
C LEU A 59 0.47 8.71 -5.54
N GLU A 60 -0.06 9.92 -5.66
CA GLU A 60 0.75 11.11 -5.88
C GLU A 60 1.66 11.38 -4.68
N ALA A 61 1.17 11.08 -3.48
CA ALA A 61 1.92 11.32 -2.26
C ALA A 61 3.04 10.29 -2.09
N VAL A 62 2.80 9.06 -2.52
CA VAL A 62 3.79 8.00 -2.39
C VAL A 62 5.02 8.30 -3.23
N ARG A 63 4.84 8.36 -4.55
CA ARG A 63 5.95 8.69 -5.44
C ARG A 63 6.63 9.98 -4.98
N GLN A 64 5.81 10.95 -4.59
CA GLN A 64 6.31 12.24 -4.12
C GLN A 64 7.14 12.07 -2.83
N GLU A 65 6.55 11.42 -1.84
CA GLU A 65 7.22 11.21 -0.56
C GLU A 65 8.39 10.25 -0.70
N MET A 66 8.30 9.36 -1.68
CA MET A 66 9.36 8.39 -1.94
C MET A 66 10.61 9.11 -2.43
N ARG A 67 10.40 10.23 -3.10
CA ARG A 67 11.51 11.03 -3.63
C ARG A 67 12.17 11.84 -2.52
N ARG A 68 11.35 12.47 -1.69
CA ARG A 68 11.86 13.29 -0.59
C ARG A 68 12.46 12.42 0.51
N GLN A 69 11.93 11.21 0.65
CA GLN A 69 12.40 10.28 1.67
C GLN A 69 13.80 9.74 1.32
N GLY A 70 14.18 9.88 0.06
CA GLY A 70 15.49 9.39 -0.37
C GLY A 70 16.59 10.40 -0.10
N GLY A 71 16.21 11.66 0.06
CA GLY A 71 17.19 12.70 0.32
C GLY A 71 16.80 13.59 1.48
N SER A 72 17.33 13.29 2.66
CA SER A 72 17.04 14.08 3.85
C SER A 72 18.06 13.79 4.95
N GLY A 73 19.29 14.27 4.77
CA GLY A 73 20.32 14.06 5.76
C GLY A 73 21.46 13.20 5.23
N GLY A 74 21.11 12.13 4.52
CA GLY A 74 22.12 11.24 3.97
C GLY A 74 21.61 10.47 2.77
N SER A 75 21.23 9.22 3.00
CA SER A 75 20.73 8.37 1.92
C SER A 75 19.81 7.28 2.47
N GLN A 76 19.00 7.63 3.46
CA GLN A 76 18.07 6.70 4.07
C GLN A 76 16.87 6.44 3.16
N SER A 77 16.85 5.26 2.55
CA SER A 77 15.76 4.88 1.65
C SER A 77 14.98 3.71 2.21
N SER A 78 13.64 3.75 2.04
CA SER A 78 12.75 2.69 2.52
C SER A 78 12.30 2.95 3.96
N GLU A 79 13.12 3.66 4.73
CA GLU A 79 12.79 3.95 6.12
C GLU A 79 11.67 4.99 6.22
N GLY A 80 10.43 4.52 6.11
CA GLY A 80 9.29 5.40 6.18
C GLY A 80 8.01 4.70 5.79
N LEU A 81 7.60 4.87 4.54
CA LEU A 81 6.39 4.23 4.04
C LEU A 81 6.53 2.71 4.04
N VAL A 82 7.76 2.24 3.78
CA VAL A 82 8.02 0.81 3.75
C VAL A 82 7.83 0.17 5.11
N GLY A 83 8.11 0.95 6.16
CA GLY A 83 7.97 0.43 7.51
C GLY A 83 6.52 0.23 7.88
N ALA A 84 5.69 1.25 7.64
CA ALA A 84 4.27 1.17 7.95
C ALA A 84 3.59 0.11 7.09
N LEU A 85 3.90 0.11 5.80
CA LEU A 85 3.33 -0.84 4.87
C LEU A 85 3.63 -2.28 5.33
N MET A 86 4.84 -2.49 5.81
CA MET A 86 5.25 -3.80 6.30
C MET A 86 4.25 -4.31 7.34
N HIS A 87 3.82 -3.39 8.20
CA HIS A 87 2.85 -3.73 9.24
C HIS A 87 1.49 -4.04 8.64
N VAL A 88 1.06 -3.21 7.68
CA VAL A 88 -0.22 -3.41 7.02
C VAL A 88 -0.33 -4.83 6.48
N MET A 89 0.77 -5.34 5.94
CA MET A 89 0.81 -6.70 5.42
C MET A 89 0.55 -7.71 6.54
N GLN A 90 0.94 -7.32 7.76
CA GLN A 90 0.74 -8.16 8.93
C GLN A 90 -0.74 -8.28 9.28
N LYS A 91 -1.54 -7.37 8.74
CA LYS A 91 -2.97 -7.34 9.01
C LYS A 91 -3.67 -8.56 8.39
N ARG A 92 -3.46 -8.77 7.10
CA ARG A 92 -4.07 -9.89 6.41
C ARG A 92 -3.45 -11.23 6.82
N SER A 93 -2.26 -11.16 7.42
CA SER A 93 -1.55 -12.37 7.85
C SER A 93 -2.16 -12.91 9.13
N ARG A 94 -2.74 -12.03 9.94
CA ARG A 94 -3.34 -12.43 11.20
C ARG A 94 -4.86 -12.29 11.16
N ALA A 95 -5.37 -11.59 10.16
CA ALA A 95 -6.81 -11.39 10.02
C ALA A 95 -7.48 -12.65 9.52
N ILE A 96 -8.40 -13.19 10.34
CA ILE A 96 -9.13 -14.39 9.98
C ILE A 96 -10.57 -14.06 9.60
N HIS A 97 -10.85 -14.10 8.29
CA HIS A 97 -12.18 -13.80 7.78
C HIS A 97 -13.27 -14.45 8.64
N SER A 98 -13.92 -13.64 9.48
CA SER A 98 -14.98 -14.14 10.34
C SER A 98 -15.99 -13.03 10.64
N SER A 99 -17.26 -13.40 10.71
CA SER A 99 -18.32 -12.44 10.99
C SER A 99 -18.27 -11.97 12.44
N ASP A 100 -19.13 -11.02 12.79
CA ASP A 100 -19.18 -10.49 14.15
C ASP A 100 -17.85 -9.86 14.54
N GLU A 101 -17.79 -9.31 15.75
CA GLU A 101 -16.58 -8.68 16.25
C GLU A 101 -16.36 -9.00 17.72
N GLY A 102 -15.91 -10.21 18.00
CA GLY A 102 -15.68 -10.62 19.38
C GLY A 102 -14.22 -10.97 19.64
N GLU A 103 -14.00 -12.05 20.37
CA GLU A 103 -12.65 -12.49 20.70
C GLU A 103 -11.79 -12.59 19.45
N ASP A 104 -10.68 -11.87 19.44
CA ASP A 104 -9.76 -11.88 18.31
C ASP A 104 -8.45 -11.19 18.67
N GLN A 105 -7.55 -11.93 19.32
CA GLN A 105 -6.26 -11.40 19.73
C GLN A 105 -5.34 -12.51 20.22
N ALA A 106 -4.15 -12.12 20.68
CA ALA A 106 -3.18 -13.09 21.18
C ALA A 106 -3.50 -13.50 22.62
N GLY A 107 -4.16 -14.64 22.77
CA GLY A 107 -4.51 -15.11 24.09
C GLY A 107 -5.39 -14.14 24.85
N SER A 1 24.83 2.67 13.05
CA SER A 1 23.44 2.69 13.58
C SER A 1 22.71 3.97 13.19
N GLY A 2 21.48 4.11 13.64
CA GLY A 2 20.69 5.29 13.33
C GLY A 2 19.59 4.99 12.34
N PHE A 3 19.08 3.77 12.37
CA PHE A 3 18.00 3.37 11.46
C PHE A 3 16.78 2.90 12.25
N LYS A 4 15.61 3.00 11.62
CA LYS A 4 14.37 2.59 12.27
C LYS A 4 14.11 1.10 12.03
N HIS A 5 13.47 0.46 13.00
CA HIS A 5 13.16 -0.96 12.89
C HIS A 5 11.66 -1.21 13.05
N VAL A 6 10.86 -0.43 12.32
CA VAL A 6 9.41 -0.57 12.37
C VAL A 6 8.85 -0.97 11.01
N SER A 7 7.84 -1.84 11.02
CA SER A 7 7.22 -2.30 9.79
C SER A 7 8.25 -2.99 8.90
N HIS A 8 7.79 -3.52 7.77
CA HIS A 8 8.67 -4.20 6.83
C HIS A 8 7.93 -4.61 5.56
N VAL A 9 7.44 -3.62 4.82
CA VAL A 9 6.73 -3.88 3.57
C VAL A 9 7.63 -4.62 2.59
N GLY A 10 8.84 -4.11 2.41
CA GLY A 10 9.80 -4.74 1.52
C GLY A 10 9.31 -4.82 0.09
N TRP A 11 8.68 -3.76 -0.38
CA TRP A 11 8.17 -3.73 -1.75
C TRP A 11 9.25 -3.19 -2.69
N ASP A 12 9.19 -3.58 -3.96
CA ASP A 12 10.18 -3.14 -4.94
C ASP A 12 9.73 -1.84 -5.60
N PRO A 13 10.68 -0.90 -5.79
CA PRO A 13 10.38 0.40 -6.40
C PRO A 13 10.28 0.32 -7.93
N GLN A 14 10.93 -0.69 -8.49
CA GLN A 14 10.93 -0.88 -9.94
C GLN A 14 9.89 -1.93 -10.35
N ASN A 15 9.81 -3.00 -9.57
CA ASN A 15 8.86 -4.07 -9.84
C ASN A 15 7.52 -3.81 -9.15
N GLY A 16 7.56 -3.05 -8.07
CA GLY A 16 6.35 -2.75 -7.33
C GLY A 16 6.17 -3.63 -6.12
N PHE A 17 4.93 -4.02 -5.85
CA PHE A 17 4.63 -4.88 -4.71
C PHE A 17 4.85 -6.34 -5.08
N ASP A 18 5.29 -7.13 -4.09
CA ASP A 18 5.54 -8.55 -4.31
C ASP A 18 4.25 -9.36 -4.16
N VAL A 19 3.27 -9.07 -5.00
CA VAL A 19 1.99 -9.77 -4.95
C VAL A 19 2.18 -11.28 -4.91
N ASN A 20 3.31 -11.74 -5.42
CA ASN A 20 3.62 -13.16 -5.44
C ASN A 20 3.96 -13.67 -4.04
N ASN A 21 4.35 -12.75 -3.15
CA ASN A 21 4.70 -13.11 -1.79
C ASN A 21 4.01 -12.19 -0.76
N LEU A 22 2.93 -11.54 -1.19
CA LEU A 22 2.19 -10.65 -0.32
C LEU A 22 1.45 -11.44 0.77
N ASP A 23 1.09 -10.74 1.84
CA ASP A 23 0.38 -11.37 2.95
C ASP A 23 -1.11 -11.45 2.66
N PRO A 24 -1.76 -12.58 3.02
CA PRO A 24 -3.19 -12.77 2.78
C PRO A 24 -4.04 -11.66 3.38
N ASP A 25 -3.47 -10.92 4.32
CA ASP A 25 -4.18 -9.84 4.98
C ASP A 25 -4.14 -8.57 4.13
N LEU A 26 -2.94 -8.11 3.81
CA LEU A 26 -2.78 -6.89 3.01
C LEU A 26 -3.21 -7.14 1.57
N ARG A 27 -2.84 -8.29 1.03
CA ARG A 27 -3.20 -8.63 -0.35
C ARG A 27 -4.72 -8.61 -0.53
N SER A 28 -5.43 -9.11 0.48
CA SER A 28 -6.88 -9.13 0.46
C SER A 28 -7.45 -7.72 0.43
N LEU A 29 -6.80 -6.82 1.17
CA LEU A 29 -7.22 -5.43 1.23
C LEU A 29 -7.26 -4.82 -0.16
N PHE A 30 -6.18 -4.97 -0.90
CA PHE A 30 -6.10 -4.45 -2.26
C PHE A 30 -7.29 -4.92 -3.09
N SER A 31 -7.56 -6.22 -3.04
CA SER A 31 -8.68 -6.80 -3.76
C SER A 31 -10.00 -6.22 -3.27
N ARG A 32 -10.12 -6.08 -1.95
CA ARG A 32 -11.33 -5.54 -1.34
C ARG A 32 -11.58 -4.10 -1.80
N ALA A 33 -10.50 -3.35 -1.98
CA ALA A 33 -10.59 -1.96 -2.42
C ALA A 33 -10.78 -1.86 -3.93
N GLY A 34 -10.53 -2.95 -4.64
CA GLY A 34 -10.69 -2.96 -6.09
C GLY A 34 -9.36 -2.80 -6.81
N ILE A 35 -8.26 -2.90 -6.09
CA ILE A 35 -6.93 -2.75 -6.67
C ILE A 35 -6.44 -4.09 -7.22
N SER A 36 -6.18 -4.13 -8.52
CA SER A 36 -5.71 -5.36 -9.17
C SER A 36 -4.19 -5.47 -9.08
N GLU A 37 -3.69 -6.69 -9.20
CA GLU A 37 -2.25 -6.93 -9.13
C GLU A 37 -1.49 -6.04 -10.11
N ALA A 38 -2.15 -5.71 -11.23
CA ALA A 38 -1.53 -4.86 -12.24
C ALA A 38 -1.05 -3.55 -11.63
N GLN A 39 -1.85 -2.98 -10.75
CA GLN A 39 -1.50 -1.73 -10.09
C GLN A 39 -0.49 -1.97 -8.97
N LEU A 40 -0.57 -3.15 -8.36
CA LEU A 40 0.35 -3.51 -7.28
C LEU A 40 1.77 -3.71 -7.82
N THR A 41 1.88 -4.00 -9.11
CA THR A 41 3.18 -4.20 -9.74
C THR A 41 3.67 -2.93 -10.44
N ASP A 42 2.81 -1.92 -10.52
CA ASP A 42 3.17 -0.65 -11.17
C ASP A 42 3.97 0.22 -10.21
N ALA A 43 5.22 0.48 -10.56
CA ALA A 43 6.11 1.29 -9.72
C ALA A 43 5.42 2.56 -9.23
N GLU A 44 4.54 3.11 -10.07
CA GLU A 44 3.83 4.33 -9.71
C GLU A 44 2.75 4.06 -8.66
N THR A 45 1.81 3.19 -8.99
CA THR A 45 0.72 2.86 -8.08
C THR A 45 1.23 2.10 -6.86
N SER A 46 2.27 1.31 -7.06
CA SER A 46 2.85 0.54 -5.95
C SER A 46 3.29 1.46 -4.83
N LYS A 47 3.91 2.58 -5.19
CA LYS A 47 4.39 3.55 -4.22
C LYS A 47 3.23 4.14 -3.40
N LEU A 48 2.24 4.69 -4.10
CA LEU A 48 1.10 5.29 -3.42
C LEU A 48 0.32 4.24 -2.62
N ILE A 49 0.31 3.01 -3.11
CA ILE A 49 -0.39 1.93 -2.44
C ILE A 49 0.30 1.54 -1.13
N TYR A 50 1.54 1.04 -1.21
CA TYR A 50 2.25 0.62 -0.01
C TYR A 50 2.27 1.76 1.01
N ASP A 51 2.43 2.98 0.52
CA ASP A 51 2.44 4.16 1.38
C ASP A 51 1.18 4.20 2.24
N PHE A 52 0.07 3.73 1.69
CA PHE A 52 -1.19 3.70 2.42
C PHE A 52 -1.08 2.76 3.62
N ILE A 53 -0.25 1.73 3.47
CA ILE A 53 -0.02 0.79 4.55
C ILE A 53 0.70 1.48 5.71
N GLU A 54 1.47 2.50 5.37
CA GLU A 54 2.20 3.27 6.37
C GLU A 54 1.25 4.14 7.20
N ASP A 55 0.19 4.63 6.55
CA ASP A 55 -0.80 5.45 7.24
C ASP A 55 -1.61 4.61 8.22
N GLN A 56 -1.71 3.32 7.93
CA GLN A 56 -2.44 2.38 8.78
C GLN A 56 -1.57 1.92 9.96
N GLY A 57 -0.28 2.27 9.92
CA GLY A 57 0.62 1.84 10.97
C GLY A 57 1.67 0.86 10.46
N GLY A 58 1.90 0.89 9.15
CA GLY A 58 2.88 0.00 8.56
C GLY A 58 2.31 -1.37 8.26
N LEU A 59 3.08 -2.18 7.55
CA LEU A 59 2.67 -3.54 7.19
C LEU A 59 2.12 -4.27 8.41
N GLU A 60 2.78 -4.11 9.54
CA GLU A 60 2.38 -4.78 10.78
C GLU A 60 1.01 -4.31 11.24
N ALA A 61 0.70 -3.04 11.01
CA ALA A 61 -0.58 -2.48 11.43
C ALA A 61 -1.72 -2.97 10.54
N VAL A 62 -1.45 -3.13 9.25
CA VAL A 62 -2.47 -3.58 8.32
C VAL A 62 -2.93 -5.00 8.64
N ARG A 63 -2.01 -5.96 8.54
CA ARG A 63 -2.33 -7.33 8.88
C ARG A 63 -2.93 -7.41 10.28
N GLN A 64 -2.41 -6.58 11.18
CA GLN A 64 -2.90 -6.51 12.55
C GLN A 64 -4.34 -6.02 12.59
N GLU A 65 -4.61 -4.90 11.91
CA GLU A 65 -5.96 -4.35 11.88
C GLU A 65 -6.90 -5.25 11.09
N MET A 66 -6.38 -5.88 10.05
CA MET A 66 -7.17 -6.79 9.24
C MET A 66 -7.67 -7.94 10.09
N ARG A 67 -6.91 -8.28 11.13
CA ARG A 67 -7.29 -9.34 12.04
C ARG A 67 -8.37 -8.86 13.00
N ARG A 68 -8.21 -7.63 13.47
CA ARG A 68 -9.19 -7.02 14.38
C ARG A 68 -10.48 -6.68 13.64
N GLN A 69 -10.33 -6.33 12.36
CA GLN A 69 -11.47 -5.98 11.53
C GLN A 69 -12.13 -7.23 10.96
N GLY A 70 -11.37 -8.33 10.94
CA GLY A 70 -11.91 -9.58 10.44
C GLY A 70 -12.26 -10.55 11.56
N GLY A 71 -13.55 -10.76 11.77
CA GLY A 71 -14.00 -11.66 12.83
C GLY A 71 -13.18 -12.92 12.93
N SER A 72 -13.65 -14.00 12.30
CA SER A 72 -12.94 -15.27 12.34
C SER A 72 -13.17 -16.06 11.06
N GLY A 73 -12.44 -15.70 10.00
CA GLY A 73 -12.57 -16.38 8.74
C GLY A 73 -13.98 -16.32 8.18
N GLY A 74 -14.14 -15.68 7.02
CA GLY A 74 -15.44 -15.56 6.41
C GLY A 74 -16.16 -14.29 6.80
N SER A 75 -15.95 -13.85 8.04
CA SER A 75 -16.58 -12.64 8.54
C SER A 75 -15.66 -11.43 8.36
N GLN A 76 -14.98 -11.38 7.22
CA GLN A 76 -14.07 -10.29 6.92
C GLN A 76 -14.85 -9.02 6.56
N SER A 77 -14.47 -7.90 7.17
CA SER A 77 -15.13 -6.63 6.92
C SER A 77 -14.19 -5.65 6.22
N SER A 78 -14.61 -5.17 5.05
CA SER A 78 -13.82 -4.21 4.29
C SER A 78 -14.25 -2.78 4.59
N GLU A 79 -15.33 -2.61 5.35
CA GLU A 79 -15.84 -1.28 5.67
C GLU A 79 -14.93 -0.58 6.66
N GLY A 80 -14.12 0.35 6.14
CA GLY A 80 -13.20 1.09 6.99
C GLY A 80 -11.88 1.36 6.31
N LEU A 81 -10.91 0.49 6.57
CA LEU A 81 -9.58 0.64 5.98
C LEU A 81 -9.63 0.52 4.46
N VAL A 82 -10.43 -0.41 3.95
CA VAL A 82 -10.56 -0.60 2.52
C VAL A 82 -11.16 0.63 1.84
N GLY A 83 -11.98 1.36 2.59
CA GLY A 83 -12.61 2.54 2.05
C GLY A 83 -11.61 3.65 1.77
N ALA A 84 -10.61 3.78 2.64
CA ALA A 84 -9.58 4.79 2.47
C ALA A 84 -8.77 4.54 1.21
N LEU A 85 -8.36 3.28 1.03
CA LEU A 85 -7.60 2.89 -0.15
C LEU A 85 -8.33 3.29 -1.42
N MET A 86 -9.61 2.93 -1.49
CA MET A 86 -10.44 3.26 -2.64
C MET A 86 -10.34 4.74 -2.97
N HIS A 87 -10.13 5.56 -1.94
CA HIS A 87 -9.98 6.99 -2.12
C HIS A 87 -8.57 7.32 -2.61
N VAL A 88 -7.60 6.62 -2.05
CA VAL A 88 -6.20 6.80 -2.45
C VAL A 88 -6.06 6.58 -3.95
N MET A 89 -6.75 5.57 -4.46
CA MET A 89 -6.73 5.27 -5.89
C MET A 89 -7.33 6.43 -6.68
N GLN A 90 -8.39 7.01 -6.13
CA GLN A 90 -9.04 8.15 -6.77
C GLN A 90 -8.06 9.31 -6.96
N LYS A 91 -6.99 9.29 -6.16
CA LYS A 91 -5.98 10.32 -6.21
C LYS A 91 -5.19 10.25 -7.51
N ARG A 92 -4.61 9.10 -7.76
CA ARG A 92 -3.82 8.87 -8.95
C ARG A 92 -4.72 8.83 -10.19
N SER A 93 -5.98 8.49 -9.98
CA SER A 93 -6.95 8.44 -11.07
C SER A 93 -7.33 9.85 -11.49
N ARG A 94 -7.30 10.77 -10.53
CA ARG A 94 -7.61 12.17 -10.80
C ARG A 94 -6.38 13.04 -10.55
N ALA A 95 -5.20 12.44 -10.64
CA ALA A 95 -3.96 13.15 -10.42
C ALA A 95 -3.62 14.07 -11.59
N ILE A 96 -3.06 15.23 -11.28
CA ILE A 96 -2.67 16.18 -12.32
C ILE A 96 -1.17 16.20 -12.49
N HIS A 97 -0.70 15.50 -13.52
CA HIS A 97 0.74 15.41 -13.81
C HIS A 97 1.43 16.75 -13.61
N SER A 98 1.97 16.95 -12.42
CA SER A 98 2.66 18.19 -12.09
C SER A 98 4.13 18.14 -12.49
N SER A 99 4.46 18.85 -13.56
CA SER A 99 5.83 18.88 -14.05
C SER A 99 6.61 20.05 -13.45
N ASP A 100 7.71 20.42 -14.08
CA ASP A 100 8.54 21.53 -13.60
C ASP A 100 9.18 21.18 -12.26
N GLU A 101 9.47 19.90 -12.06
CA GLU A 101 10.08 19.44 -10.82
C GLU A 101 10.83 18.13 -11.04
N GLY A 102 12.16 18.22 -11.08
CA GLY A 102 12.98 17.04 -11.29
C GLY A 102 14.30 17.10 -10.55
N GLU A 103 15.38 17.37 -11.28
CA GLU A 103 16.70 17.45 -10.67
C GLU A 103 17.07 18.90 -10.35
N ASP A 104 16.86 19.29 -9.10
CA ASP A 104 17.17 20.65 -8.66
C ASP A 104 17.13 20.75 -7.14
N GLN A 105 17.89 19.90 -6.48
CA GLN A 105 17.94 19.89 -5.02
C GLN A 105 18.80 21.04 -4.51
N ALA A 106 18.19 22.23 -4.41
CA ALA A 106 18.90 23.41 -3.92
C ALA A 106 18.96 23.42 -2.39
N GLY A 107 20.09 22.98 -1.85
CA GLY A 107 20.25 22.96 -0.40
C GLY A 107 19.23 22.05 0.27
N SER A 1 -8.28 -26.65 -7.63
CA SER A 1 -7.05 -26.56 -6.79
C SER A 1 -5.83 -26.22 -7.63
N GLY A 2 -5.07 -25.23 -7.17
CA GLY A 2 -3.88 -24.82 -7.89
C GLY A 2 -4.19 -23.89 -9.05
N PHE A 3 -5.26 -23.12 -8.92
CA PHE A 3 -5.65 -22.18 -9.96
C PHE A 3 -5.24 -20.76 -9.61
N LYS A 4 -5.51 -19.82 -10.51
CA LYS A 4 -5.17 -18.42 -10.30
C LYS A 4 -6.27 -17.71 -9.53
N HIS A 5 -5.99 -17.34 -8.28
CA HIS A 5 -6.95 -16.65 -7.45
C HIS A 5 -6.50 -15.22 -7.16
N VAL A 6 -6.85 -14.30 -8.05
CA VAL A 6 -6.48 -12.90 -7.90
C VAL A 6 -7.27 -12.25 -6.78
N SER A 7 -6.60 -11.39 -6.00
CA SER A 7 -7.24 -10.69 -4.89
C SER A 7 -7.83 -9.37 -5.35
N HIS A 8 -9.04 -9.07 -4.88
CA HIS A 8 -9.72 -7.83 -5.26
C HIS A 8 -9.74 -6.85 -4.11
N VAL A 9 -9.05 -5.73 -4.27
CA VAL A 9 -9.01 -4.68 -3.26
C VAL A 9 -10.34 -3.96 -3.18
N GLY A 10 -10.72 -3.30 -4.27
CA GLY A 10 -11.99 -2.60 -4.32
C GLY A 10 -11.85 -1.12 -4.01
N TRP A 11 -10.75 -0.52 -4.43
CA TRP A 11 -10.52 0.90 -4.19
C TRP A 11 -11.11 1.73 -5.34
N ASP A 12 -11.49 2.96 -5.04
CA ASP A 12 -12.05 3.84 -6.05
C ASP A 12 -10.96 4.70 -6.70
N PRO A 13 -10.99 4.84 -8.04
CA PRO A 13 -10.00 5.63 -8.76
C PRO A 13 -10.03 7.11 -8.38
N GLN A 14 -11.18 7.74 -8.58
CA GLN A 14 -11.34 9.16 -8.29
C GLN A 14 -11.59 9.42 -6.81
N ASN A 15 -12.30 8.51 -6.16
CA ASN A 15 -12.61 8.66 -4.75
C ASN A 15 -11.48 8.12 -3.87
N GLY A 16 -10.68 7.22 -4.43
CA GLY A 16 -9.58 6.64 -3.68
C GLY A 16 -9.98 5.41 -2.91
N PHE A 17 -9.30 5.17 -1.79
CA PHE A 17 -9.58 4.01 -0.95
C PHE A 17 -10.79 4.26 -0.06
N ASP A 18 -11.59 3.21 0.14
CA ASP A 18 -12.78 3.33 0.97
C ASP A 18 -12.43 3.19 2.45
N VAL A 19 -11.65 4.15 2.96
CA VAL A 19 -11.24 4.14 4.36
C VAL A 19 -12.44 4.04 5.29
N ASN A 20 -13.61 4.43 4.79
CA ASN A 20 -14.83 4.36 5.58
C ASN A 20 -15.29 2.92 5.77
N ASN A 21 -14.84 2.02 4.91
CA ASN A 21 -15.22 0.62 4.99
C ASN A 21 -14.01 -0.30 4.89
N LEU A 22 -12.83 0.24 5.17
CA LEU A 22 -11.60 -0.54 5.12
C LEU A 22 -11.55 -1.56 6.26
N ASP A 23 -10.72 -2.58 6.08
CA ASP A 23 -10.59 -3.62 7.09
C ASP A 23 -9.58 -3.21 8.16
N PRO A 24 -9.90 -3.48 9.46
CA PRO A 24 -9.02 -3.13 10.57
C PRO A 24 -7.62 -3.70 10.42
N ASP A 25 -7.49 -4.72 9.57
CA ASP A 25 -6.20 -5.35 9.35
C ASP A 25 -5.34 -4.55 8.38
N LEU A 26 -5.87 -4.31 7.18
CA LEU A 26 -5.14 -3.55 6.16
C LEU A 26 -5.02 -2.09 6.55
N ARG A 27 -6.12 -1.51 7.01
CA ARG A 27 -6.12 -0.11 7.42
C ARG A 27 -5.04 0.15 8.46
N SER A 28 -4.78 -0.85 9.29
CA SER A 28 -3.75 -0.75 10.32
C SER A 28 -2.37 -0.61 9.69
N LEU A 29 -2.15 -1.32 8.59
CA LEU A 29 -0.87 -1.27 7.89
C LEU A 29 -0.53 0.16 7.50
N PHE A 30 -1.43 0.82 6.79
CA PHE A 30 -1.23 2.20 6.36
C PHE A 30 -0.81 3.06 7.55
N SER A 31 -1.50 2.89 8.67
CA SER A 31 -1.19 3.66 9.87
C SER A 31 0.23 3.38 10.35
N ARG A 32 0.57 2.10 10.46
CA ARG A 32 1.90 1.69 10.92
C ARG A 32 2.98 2.30 10.04
N ALA A 33 2.68 2.44 8.75
CA ALA A 33 3.64 3.01 7.80
C ALA A 33 3.66 4.54 7.87
N GLY A 34 2.61 5.12 8.43
CA GLY A 34 2.52 6.57 8.55
C GLY A 34 1.65 7.19 7.49
N ILE A 35 0.89 6.36 6.76
CA ILE A 35 0.01 6.85 5.71
C ILE A 35 -1.34 7.26 6.27
N SER A 36 -1.68 8.54 6.14
CA SER A 36 -2.94 9.05 6.64
C SER A 36 -4.05 8.88 5.59
N GLU A 37 -5.29 8.95 6.05
CA GLU A 37 -6.44 8.80 5.15
C GLU A 37 -6.32 9.76 3.97
N ALA A 38 -5.62 10.88 4.18
CA ALA A 38 -5.44 11.87 3.13
C ALA A 38 -4.85 11.24 1.88
N GLN A 39 -3.85 10.38 2.07
CA GLN A 39 -3.20 9.70 0.96
C GLN A 39 -4.05 8.54 0.45
N LEU A 40 -4.84 7.96 1.36
CA LEU A 40 -5.71 6.85 1.01
C LEU A 40 -6.88 7.32 0.14
N THR A 41 -7.20 8.60 0.24
CA THR A 41 -8.29 9.18 -0.54
C THR A 41 -7.78 9.88 -1.79
N ASP A 42 -6.46 10.02 -1.92
CA ASP A 42 -5.87 10.67 -3.08
C ASP A 42 -5.77 9.70 -4.25
N ALA A 43 -6.38 10.06 -5.37
CA ALA A 43 -6.37 9.21 -6.56
C ALA A 43 -4.95 8.75 -6.91
N GLU A 44 -3.98 9.64 -6.74
CA GLU A 44 -2.60 9.33 -7.06
C GLU A 44 -1.98 8.37 -6.04
N THR A 45 -1.94 8.79 -4.77
CA THR A 45 -1.36 7.98 -3.72
C THR A 45 -2.17 6.72 -3.47
N SER A 46 -3.49 6.83 -3.60
CA SER A 46 -4.36 5.69 -3.40
C SER A 46 -4.02 4.57 -4.37
N LYS A 47 -3.75 4.95 -5.62
CA LYS A 47 -3.40 4.00 -6.66
C LYS A 47 -2.14 3.22 -6.30
N LEU A 48 -1.05 3.94 -6.02
CA LEU A 48 0.22 3.31 -5.69
C LEU A 48 0.14 2.51 -4.40
N ILE A 49 -0.70 2.97 -3.47
CA ILE A 49 -0.85 2.30 -2.19
C ILE A 49 -1.51 0.92 -2.36
N TYR A 50 -2.76 0.90 -2.82
CA TYR A 50 -3.47 -0.36 -3.00
C TYR A 50 -2.63 -1.33 -3.83
N ASP A 51 -1.91 -0.79 -4.81
CA ASP A 51 -1.04 -1.59 -5.65
C ASP A 51 -0.05 -2.39 -4.80
N PHE A 52 0.35 -1.80 -3.67
CA PHE A 52 1.27 -2.46 -2.77
C PHE A 52 0.63 -3.71 -2.18
N ILE A 53 -0.65 -3.60 -1.83
CA ILE A 53 -1.39 -4.73 -1.29
C ILE A 53 -1.34 -5.90 -2.27
N GLU A 54 -1.20 -5.59 -3.55
CA GLU A 54 -1.11 -6.61 -4.58
C GLU A 54 0.22 -7.35 -4.50
N ASP A 55 1.28 -6.61 -4.15
CA ASP A 55 2.61 -7.20 -4.02
C ASP A 55 2.70 -8.04 -2.75
N GLN A 56 1.88 -7.70 -1.77
CA GLN A 56 1.85 -8.41 -0.50
C GLN A 56 0.94 -9.63 -0.55
N GLY A 57 0.52 -10.01 -1.75
CA GLY A 57 -0.37 -11.16 -1.89
C GLY A 57 -1.82 -10.77 -2.03
N GLY A 58 -2.07 -9.49 -2.32
CA GLY A 58 -3.42 -9.01 -2.48
C GLY A 58 -4.10 -8.71 -1.16
N LEU A 59 -5.27 -8.09 -1.23
CA LEU A 59 -6.04 -7.73 -0.04
C LEU A 59 -6.16 -8.93 0.91
N GLU A 60 -6.33 -10.12 0.34
CA GLU A 60 -6.47 -11.33 1.14
C GLU A 60 -5.20 -11.63 1.93
N ALA A 61 -4.05 -11.34 1.33
CA ALA A 61 -2.77 -11.60 1.98
C ALA A 61 -2.50 -10.61 3.10
N VAL A 62 -2.92 -9.37 2.92
CA VAL A 62 -2.70 -8.34 3.93
C VAL A 62 -3.47 -8.65 5.19
N ARG A 63 -4.79 -8.68 5.10
CA ARG A 63 -5.63 -9.02 6.26
C ARG A 63 -5.16 -10.33 6.87
N GLN A 64 -4.75 -11.26 6.01
CA GLN A 64 -4.27 -12.57 6.45
C GLN A 64 -3.00 -12.43 7.29
N GLU A 65 -2.00 -11.73 6.76
CA GLU A 65 -0.73 -11.56 7.46
C GLU A 65 -0.90 -10.68 8.70
N MET A 66 -1.76 -9.66 8.59
CA MET A 66 -2.02 -8.75 9.69
C MET A 66 -2.72 -9.47 10.83
N ARG A 67 -3.48 -10.50 10.49
CA ARG A 67 -4.20 -11.30 11.48
C ARG A 67 -3.27 -12.26 12.19
N ARG A 68 -2.31 -12.80 11.45
CA ARG A 68 -1.35 -13.75 11.99
C ARG A 68 -0.36 -13.05 12.94
N GLN A 69 -0.27 -11.73 12.83
CA GLN A 69 0.64 -10.95 13.67
C GLN A 69 -0.04 -10.50 14.96
N GLY A 70 -1.38 -10.58 14.99
CA GLY A 70 -2.11 -10.16 16.16
C GLY A 70 -1.78 -10.99 17.38
N GLY A 71 -2.04 -12.30 17.31
CA GLY A 71 -1.76 -13.17 18.42
C GLY A 71 -0.56 -14.07 18.18
N SER A 72 -0.79 -15.38 18.18
CA SER A 72 0.28 -16.34 17.95
C SER A 72 0.98 -16.09 16.62
N GLY A 73 2.26 -16.41 16.57
CA GLY A 73 3.02 -16.22 15.34
C GLY A 73 4.43 -15.73 15.61
N GLY A 74 4.56 -14.49 16.04
CA GLY A 74 5.87 -13.93 16.33
C GLY A 74 5.79 -12.63 17.11
N SER A 75 6.94 -11.99 17.33
CA SER A 75 6.99 -10.75 18.07
C SER A 75 7.09 -9.54 17.14
N GLN A 76 7.09 -9.79 15.83
CA GLN A 76 7.18 -8.71 14.85
C GLN A 76 5.85 -7.96 14.74
N SER A 77 5.88 -6.67 15.05
CA SER A 77 4.69 -5.84 14.98
C SER A 77 4.89 -4.67 14.02
N SER A 78 4.55 -4.88 12.74
CA SER A 78 4.70 -3.86 11.70
C SER A 78 6.08 -3.91 11.06
N GLU A 79 7.06 -4.47 11.77
CA GLU A 79 8.42 -4.56 11.27
C GLU A 79 8.53 -5.64 10.20
N GLY A 80 8.27 -5.25 8.95
CA GLY A 80 8.34 -6.20 7.85
C GLY A 80 7.59 -5.70 6.62
N LEU A 81 6.33 -6.08 6.52
CA LEU A 81 5.50 -5.65 5.40
C LEU A 81 5.32 -4.14 5.40
N VAL A 82 5.16 -3.56 6.58
CA VAL A 82 4.98 -2.12 6.71
C VAL A 82 6.21 -1.37 6.22
N GLY A 83 7.37 -2.02 6.30
CA GLY A 83 8.59 -1.39 5.85
C GLY A 83 8.64 -1.22 4.35
N ALA A 84 8.17 -2.24 3.62
CA ALA A 84 8.14 -2.19 2.17
C ALA A 84 7.20 -1.10 1.68
N LEU A 85 6.07 -0.96 2.35
CA LEU A 85 5.09 0.06 2.01
C LEU A 85 5.67 1.45 2.21
N MET A 86 6.41 1.62 3.30
CA MET A 86 7.05 2.90 3.58
C MET A 86 7.89 3.35 2.40
N HIS A 87 8.61 2.41 1.81
CA HIS A 87 9.44 2.70 0.64
C HIS A 87 8.57 3.13 -0.53
N VAL A 88 7.48 2.40 -0.74
CA VAL A 88 6.56 2.72 -1.82
C VAL A 88 6.13 4.18 -1.75
N MET A 89 5.87 4.65 -0.53
CA MET A 89 5.47 6.03 -0.31
C MET A 89 6.60 6.99 -0.68
N GLN A 90 7.83 6.54 -0.45
CA GLN A 90 9.01 7.36 -0.75
C GLN A 90 9.07 7.73 -2.23
N LYS A 91 8.35 6.97 -3.05
CA LYS A 91 8.33 7.21 -4.49
C LYS A 91 7.64 8.53 -4.81
N ARG A 92 6.61 8.85 -4.04
CA ARG A 92 5.87 10.09 -4.23
C ARG A 92 6.67 11.27 -3.71
N SER A 93 7.55 11.01 -2.75
CA SER A 93 8.39 12.04 -2.16
C SER A 93 9.55 12.40 -3.08
N ARG A 94 10.02 11.41 -3.83
CA ARG A 94 11.14 11.62 -4.74
C ARG A 94 10.70 11.48 -6.20
N ALA A 95 9.41 11.57 -6.45
CA ALA A 95 8.87 11.47 -7.79
C ALA A 95 9.13 12.74 -8.59
N ILE A 96 9.92 12.61 -9.66
CA ILE A 96 10.24 13.75 -10.50
C ILE A 96 10.06 13.40 -11.98
N HIS A 97 8.98 13.89 -12.57
CA HIS A 97 8.68 13.62 -13.97
C HIS A 97 9.90 13.88 -14.85
N SER A 98 10.69 12.84 -15.08
CA SER A 98 11.89 12.96 -15.91
C SER A 98 11.93 11.86 -16.97
N SER A 99 12.71 12.10 -18.02
CA SER A 99 12.84 11.13 -19.10
C SER A 99 14.27 10.61 -19.21
N ASP A 100 14.94 10.51 -18.07
CA ASP A 100 16.32 10.03 -18.04
C ASP A 100 17.24 10.94 -18.85
N GLU A 101 17.51 12.13 -18.32
CA GLU A 101 18.36 13.09 -18.99
C GLU A 101 18.78 14.21 -18.04
N GLY A 102 19.48 15.21 -18.58
CA GLY A 102 19.94 16.32 -17.76
C GLY A 102 20.94 15.90 -16.72
N GLU A 103 22.17 15.65 -17.15
CA GLU A 103 23.23 15.23 -16.24
C GLU A 103 24.29 16.33 -16.11
N ASP A 104 25.10 16.23 -15.05
CA ASP A 104 26.16 17.20 -14.79
C ASP A 104 25.72 18.63 -15.10
N GLN A 105 25.17 19.30 -14.10
CA GLN A 105 24.69 20.67 -14.26
C GLN A 105 25.24 21.57 -13.16
N ALA A 106 25.82 22.70 -13.57
CA ALA A 106 26.39 23.64 -12.61
C ALA A 106 25.31 24.53 -12.01
N GLY A 107 25.28 24.61 -10.69
CA GLY A 107 24.29 25.43 -10.01
C GLY A 107 22.86 25.00 -10.33
N SER A 1 -11.92 22.82 -10.71
CA SER A 1 -11.04 23.99 -10.96
C SER A 1 -10.75 24.15 -12.45
N GLY A 2 -11.63 23.61 -13.29
CA GLY A 2 -11.44 23.70 -14.72
C GLY A 2 -10.78 22.48 -15.30
N PHE A 3 -10.03 21.76 -14.47
CA PHE A 3 -9.34 20.55 -14.91
C PHE A 3 -9.34 19.50 -13.82
N LYS A 4 -9.26 18.23 -14.22
CA LYS A 4 -9.26 17.12 -13.28
C LYS A 4 -7.84 16.81 -12.81
N HIS A 5 -7.71 16.35 -11.56
CA HIS A 5 -6.41 16.03 -11.00
C HIS A 5 -6.55 14.97 -9.90
N VAL A 6 -7.15 13.83 -10.25
CA VAL A 6 -7.35 12.75 -9.29
C VAL A 6 -6.32 11.64 -9.49
N SER A 7 -5.84 11.07 -8.39
CA SER A 7 -4.87 9.99 -8.45
C SER A 7 -5.57 8.64 -8.49
N HIS A 8 -5.43 7.95 -9.62
CA HIS A 8 -6.06 6.64 -9.80
C HIS A 8 -5.05 5.52 -9.60
N VAL A 9 -5.25 4.74 -8.53
CA VAL A 9 -4.36 3.62 -8.23
C VAL A 9 -4.65 2.45 -9.15
N GLY A 10 -5.93 2.28 -9.50
CA GLY A 10 -6.32 1.21 -10.39
C GLY A 10 -6.26 -0.16 -9.75
N TRP A 11 -6.53 -0.22 -8.44
CA TRP A 11 -6.49 -1.49 -7.73
C TRP A 11 -7.87 -2.17 -7.78
N ASP A 12 -7.89 -3.48 -7.68
CA ASP A 12 -9.14 -4.22 -7.71
C ASP A 12 -9.71 -4.39 -6.30
N PRO A 13 -11.03 -4.23 -6.13
CA PRO A 13 -11.69 -4.34 -4.83
C PRO A 13 -11.89 -5.80 -4.42
N GLN A 14 -12.14 -6.65 -5.40
CA GLN A 14 -12.35 -8.08 -5.14
C GLN A 14 -11.05 -8.85 -5.24
N ASN A 15 -10.24 -8.50 -6.24
CA ASN A 15 -8.96 -9.18 -6.45
C ASN A 15 -7.86 -8.52 -5.63
N GLY A 16 -8.04 -7.24 -5.31
CA GLY A 16 -7.06 -6.52 -4.53
C GLY A 16 -6.12 -5.71 -5.40
N PHE A 17 -4.87 -5.59 -4.97
CA PHE A 17 -3.87 -4.84 -5.71
C PHE A 17 -3.28 -5.68 -6.84
N ASP A 18 -3.06 -5.05 -7.98
CA ASP A 18 -2.52 -5.74 -9.15
C ASP A 18 -1.02 -6.02 -8.97
N VAL A 19 -0.68 -6.77 -7.94
CA VAL A 19 0.71 -7.11 -7.67
C VAL A 19 1.40 -7.65 -8.92
N ASN A 20 0.61 -8.21 -9.83
CA ASN A 20 1.14 -8.77 -11.07
C ASN A 20 1.56 -7.66 -12.03
N ASN A 21 1.00 -6.46 -11.84
CA ASN A 21 1.33 -5.33 -12.70
C ASN A 21 1.72 -4.10 -11.88
N LEU A 22 2.10 -4.33 -10.63
CA LEU A 22 2.52 -3.23 -9.75
C LEU A 22 3.86 -2.65 -10.19
N ASP A 23 4.14 -1.43 -9.77
CA ASP A 23 5.38 -0.76 -10.11
C ASP A 23 6.51 -1.15 -9.17
N PRO A 24 7.73 -1.37 -9.71
CA PRO A 24 8.89 -1.74 -8.90
C PRO A 24 9.17 -0.75 -7.77
N ASP A 25 8.62 0.46 -7.91
CA ASP A 25 8.80 1.50 -6.90
C ASP A 25 7.85 1.30 -5.73
N LEU A 26 6.56 1.28 -6.02
CA LEU A 26 5.55 1.09 -4.99
C LEU A 26 5.58 -0.32 -4.44
N ARG A 27 5.68 -1.31 -5.32
CA ARG A 27 5.73 -2.70 -4.91
C ARG A 27 6.84 -2.92 -3.89
N SER A 28 7.95 -2.20 -4.08
CA SER A 28 9.09 -2.29 -3.17
C SER A 28 8.70 -1.83 -1.77
N LEU A 29 7.89 -0.77 -1.71
CA LEU A 29 7.44 -0.22 -0.44
C LEU A 29 6.75 -1.30 0.39
N PHE A 30 5.74 -1.94 -0.20
CA PHE A 30 5.01 -2.99 0.49
C PHE A 30 5.97 -4.05 1.04
N SER A 31 6.92 -4.46 0.21
CA SER A 31 7.92 -5.43 0.62
C SER A 31 8.78 -4.89 1.77
N ARG A 32 9.29 -3.68 1.58
CA ARG A 32 10.12 -3.05 2.60
C ARG A 32 9.38 -2.98 3.93
N ALA A 33 8.07 -2.84 3.86
CA ALA A 33 7.24 -2.77 5.06
C ALA A 33 6.93 -4.16 5.61
N GLY A 34 7.18 -5.19 4.80
CA GLY A 34 6.90 -6.54 5.23
C GLY A 34 5.55 -7.05 4.76
N ILE A 35 4.95 -6.32 3.83
CA ILE A 35 3.64 -6.72 3.29
C ILE A 35 3.79 -7.69 2.13
N SER A 36 3.25 -8.90 2.30
CA SER A 36 3.33 -9.92 1.26
C SER A 36 2.18 -9.77 0.26
N GLU A 37 2.34 -10.42 -0.89
CA GLU A 37 1.32 -10.36 -1.94
C GLU A 37 -0.05 -10.76 -1.39
N ALA A 38 -0.04 -11.64 -0.39
CA ALA A 38 -1.27 -12.11 0.22
C ALA A 38 -2.13 -10.94 0.71
N GLN A 39 -1.47 -9.95 1.32
CA GLN A 39 -2.17 -8.78 1.83
C GLN A 39 -2.50 -7.81 0.71
N LEU A 40 -1.65 -7.78 -0.32
CA LEU A 40 -1.86 -6.91 -1.47
C LEU A 40 -3.03 -7.41 -2.30
N THR A 41 -3.28 -8.71 -2.25
CA THR A 41 -4.37 -9.32 -2.99
C THR A 41 -5.61 -9.52 -2.11
N ASP A 42 -5.49 -9.20 -0.82
CA ASP A 42 -6.60 -9.35 0.12
C ASP A 42 -7.54 -8.16 0.01
N ALA A 43 -8.81 -8.43 -0.29
CA ALA A 43 -9.80 -7.37 -0.44
C ALA A 43 -9.79 -6.43 0.77
N GLU A 44 -9.58 -6.99 1.96
CA GLU A 44 -9.56 -6.21 3.19
C GLU A 44 -8.31 -5.35 3.29
N THR A 45 -7.15 -5.99 3.30
CA THR A 45 -5.88 -5.29 3.42
C THR A 45 -5.59 -4.44 2.18
N SER A 46 -5.98 -4.94 1.02
CA SER A 46 -5.76 -4.21 -0.22
C SER A 46 -6.43 -2.84 -0.14
N LYS A 47 -7.58 -2.79 0.50
CA LYS A 47 -8.33 -1.54 0.67
C LYS A 47 -7.53 -0.53 1.48
N LEU A 48 -7.11 -0.93 2.68
CA LEU A 48 -6.37 -0.04 3.56
C LEU A 48 -4.99 0.29 2.97
N ILE A 49 -4.43 -0.64 2.20
CA ILE A 49 -3.11 -0.44 1.60
C ILE A 49 -3.15 0.66 0.53
N TYR A 50 -3.90 0.41 -0.55
CA TYR A 50 -3.97 1.40 -1.64
C TYR A 50 -4.35 2.76 -1.08
N ASP A 51 -5.26 2.77 -0.10
CA ASP A 51 -5.68 4.01 0.53
C ASP A 51 -4.48 4.77 1.09
N PHE A 52 -3.48 4.03 1.56
CA PHE A 52 -2.28 4.65 2.11
C PHE A 52 -1.53 5.41 1.02
N ILE A 53 -1.50 4.84 -0.17
CA ILE A 53 -0.85 5.49 -1.30
C ILE A 53 -1.47 6.86 -1.55
N GLU A 54 -2.75 6.99 -1.22
CA GLU A 54 -3.46 8.25 -1.38
C GLU A 54 -2.93 9.28 -0.39
N ASP A 55 -2.58 8.83 0.80
CA ASP A 55 -2.03 9.71 1.83
C ASP A 55 -0.61 10.13 1.48
N GLN A 56 0.07 9.29 0.69
CA GLN A 56 1.43 9.57 0.27
C GLN A 56 1.47 10.43 -1.00
N GLY A 57 0.32 11.00 -1.36
CA GLY A 57 0.26 11.83 -2.55
C GLY A 57 -0.22 11.07 -3.78
N GLY A 58 -0.84 9.91 -3.54
CA GLY A 58 -1.33 9.11 -4.64
C GLY A 58 -0.26 8.22 -5.26
N LEU A 59 -0.69 7.27 -6.08
CA LEU A 59 0.24 6.36 -6.74
C LEU A 59 1.38 7.12 -7.40
N GLU A 60 1.06 8.28 -7.97
CA GLU A 60 2.05 9.11 -8.64
C GLU A 60 3.09 9.64 -7.66
N ALA A 61 2.65 9.92 -6.44
CA ALA A 61 3.55 10.45 -5.41
C ALA A 61 4.48 9.36 -4.89
N VAL A 62 3.98 8.13 -4.81
CA VAL A 62 4.77 7.02 -4.32
C VAL A 62 5.92 6.70 -5.28
N ARG A 63 5.59 6.61 -6.56
CA ARG A 63 6.61 6.37 -7.58
C ARG A 63 7.71 7.43 -7.46
N GLN A 64 7.30 8.69 -7.34
CA GLN A 64 8.22 9.80 -7.21
C GLN A 64 9.07 9.73 -5.94
N GLU A 65 8.41 9.49 -4.81
CA GLU A 65 9.11 9.45 -3.52
C GLU A 65 10.03 8.24 -3.42
N MET A 66 9.76 7.23 -4.23
CA MET A 66 10.59 6.02 -4.22
C MET A 66 11.80 6.19 -5.13
N ARG A 67 11.61 6.92 -6.22
CA ARG A 67 12.68 7.16 -7.19
C ARG A 67 13.65 8.23 -6.69
N ARG A 68 13.11 9.26 -6.04
CA ARG A 68 13.92 10.36 -5.54
C ARG A 68 14.76 9.90 -4.33
N GLN A 69 14.34 8.83 -3.68
CA GLN A 69 15.06 8.31 -2.52
C GLN A 69 16.26 7.44 -2.93
N GLY A 70 16.37 7.15 -4.22
CA GLY A 70 17.48 6.34 -4.69
C GLY A 70 18.79 7.09 -4.69
N GLY A 71 18.76 8.33 -5.15
CA GLY A 71 19.97 9.14 -5.20
C GLY A 71 19.89 10.37 -4.31
N SER A 72 19.19 10.23 -3.17
CA SER A 72 19.05 11.34 -2.23
C SER A 72 20.36 11.64 -1.53
N GLY A 73 20.40 12.75 -0.80
CA GLY A 73 21.60 13.13 -0.09
C GLY A 73 22.11 12.03 0.82
N GLY A 74 21.32 11.70 1.85
CA GLY A 74 21.71 10.67 2.78
C GLY A 74 21.48 9.27 2.23
N SER A 75 21.85 8.26 3.01
CA SER A 75 21.67 6.87 2.59
C SER A 75 20.42 6.28 3.22
N GLN A 76 19.43 7.13 3.49
CA GLN A 76 18.18 6.68 4.08
C GLN A 76 17.32 5.95 3.06
N SER A 77 17.24 4.62 3.19
CA SER A 77 16.45 3.80 2.28
C SER A 77 15.40 3.01 3.03
N SER A 78 14.13 3.32 2.77
CA SER A 78 12.99 2.64 3.41
C SER A 78 12.60 3.32 4.73
N GLU A 79 13.55 3.99 5.37
CA GLU A 79 13.28 4.66 6.62
C GLU A 79 12.48 5.94 6.41
N GLY A 80 11.16 5.81 6.47
CA GLY A 80 10.28 6.95 6.27
C GLY A 80 8.90 6.52 5.85
N LEU A 81 8.67 6.45 4.54
CA LEU A 81 7.37 6.04 4.01
C LEU A 81 7.05 4.60 4.40
N VAL A 82 8.06 3.74 4.36
CA VAL A 82 7.88 2.33 4.70
C VAL A 82 7.47 2.17 6.16
N GLY A 83 7.92 3.09 7.01
CA GLY A 83 7.58 3.04 8.41
C GLY A 83 6.11 3.35 8.67
N ALA A 84 5.59 4.33 7.95
CA ALA A 84 4.20 4.72 8.10
C ALA A 84 3.27 3.60 7.66
N LEU A 85 3.59 3.00 6.52
CA LEU A 85 2.79 1.89 5.99
C LEU A 85 2.80 0.71 6.96
N MET A 86 3.98 0.40 7.48
CA MET A 86 4.12 -0.68 8.45
C MET A 86 3.15 -0.50 9.61
N HIS A 87 3.05 0.75 10.08
CA HIS A 87 2.15 1.08 11.18
C HIS A 87 0.71 0.82 10.78
N VAL A 88 0.39 1.10 9.51
CA VAL A 88 -0.95 0.89 9.00
C VAL A 88 -1.31 -0.60 8.99
N MET A 89 -0.33 -1.42 8.62
CA MET A 89 -0.54 -2.87 8.58
C MET A 89 -0.86 -3.41 9.96
N GLN A 90 -0.18 -2.86 10.97
CA GLN A 90 -0.39 -3.29 12.35
C GLN A 90 -1.81 -3.02 12.83
N LYS A 91 -2.54 -2.20 12.07
CA LYS A 91 -3.90 -1.85 12.44
C LYS A 91 -4.85 -3.03 12.27
N ARG A 92 -4.78 -3.68 11.11
CA ARG A 92 -5.64 -4.81 10.80
C ARG A 92 -5.28 -6.05 11.62
N SER A 93 -4.05 -6.06 12.12
CA SER A 93 -3.57 -7.19 12.91
C SER A 93 -4.12 -7.15 14.32
N ARG A 94 -4.50 -5.95 14.77
CA ARG A 94 -5.02 -5.78 16.11
C ARG A 94 -6.26 -4.88 16.12
N ALA A 95 -6.83 -4.64 14.96
CA ALA A 95 -8.02 -3.80 14.85
C ALA A 95 -9.24 -4.51 15.40
N ILE A 96 -10.36 -3.78 15.46
CA ILE A 96 -11.60 -4.34 15.93
C ILE A 96 -11.99 -5.54 15.09
N HIS A 97 -11.91 -6.72 15.69
CA HIS A 97 -12.30 -7.94 15.01
C HIS A 97 -13.81 -7.93 14.76
N SER A 98 -14.24 -7.02 13.92
CA SER A 98 -15.65 -6.84 13.61
C SER A 98 -16.05 -7.66 12.38
N SER A 99 -15.12 -7.78 11.43
CA SER A 99 -15.37 -8.55 10.21
C SER A 99 -15.60 -10.02 10.55
N ASP A 100 -15.42 -10.88 9.54
CA ASP A 100 -15.61 -12.32 9.73
C ASP A 100 -14.35 -12.96 10.29
N GLU A 101 -14.52 -13.82 11.28
CA GLU A 101 -13.39 -14.51 11.90
C GLU A 101 -12.48 -15.13 10.85
N GLY A 102 -11.36 -14.46 10.57
CA GLY A 102 -10.43 -14.96 9.59
C GLY A 102 -9.04 -14.37 9.76
N GLU A 103 -8.46 -14.54 10.94
CA GLU A 103 -7.13 -14.01 11.23
C GLU A 103 -6.05 -15.07 10.94
N ASP A 104 -5.23 -14.81 9.92
CA ASP A 104 -4.15 -15.72 9.54
C ASP A 104 -4.69 -16.86 8.68
N GLN A 105 -5.59 -17.65 9.26
CA GLN A 105 -6.18 -18.78 8.55
C GLN A 105 -7.32 -18.31 7.64
N ALA A 106 -7.63 -19.13 6.63
CA ALA A 106 -8.71 -18.80 5.70
C ALA A 106 -10.07 -19.17 6.28
N GLY A 107 -10.83 -18.16 6.67
CA GLY A 107 -12.15 -18.40 7.24
C GLY A 107 -13.09 -17.23 7.02
N SER A 1 -15.51 4.11 -17.08
CA SER A 1 -15.98 5.08 -18.10
C SER A 1 -14.93 5.28 -19.19
N GLY A 2 -14.94 4.38 -20.18
CA GLY A 2 -13.99 4.46 -21.26
C GLY A 2 -12.80 3.54 -21.07
N PHE A 3 -12.52 3.19 -19.82
CA PHE A 3 -11.41 2.30 -19.50
C PHE A 3 -11.79 1.33 -18.39
N LYS A 4 -10.92 0.35 -18.15
CA LYS A 4 -11.16 -0.65 -17.12
C LYS A 4 -10.65 -0.16 -15.76
N HIS A 5 -11.57 0.08 -14.84
CA HIS A 5 -11.21 0.53 -13.50
C HIS A 5 -11.24 -0.63 -12.51
N VAL A 6 -10.05 -1.00 -12.01
CA VAL A 6 -9.93 -2.11 -11.08
C VAL A 6 -9.81 -1.61 -9.64
N SER A 7 -10.49 -2.30 -8.72
CA SER A 7 -10.45 -1.95 -7.32
C SER A 7 -10.96 -0.53 -7.10
N HIS A 8 -10.92 -0.06 -5.85
CA HIS A 8 -11.39 1.28 -5.52
C HIS A 8 -10.63 1.84 -4.32
N VAL A 9 -9.39 2.23 -4.55
CA VAL A 9 -8.56 2.81 -3.49
C VAL A 9 -9.04 4.22 -3.15
N GLY A 10 -9.48 4.95 -4.18
CA GLY A 10 -9.97 6.30 -3.98
C GLY A 10 -9.06 7.14 -3.10
N TRP A 11 -7.75 6.98 -3.27
CA TRP A 11 -6.80 7.74 -2.49
C TRP A 11 -6.46 9.07 -3.17
N ASP A 12 -6.08 10.07 -2.40
CA ASP A 12 -5.73 11.37 -2.96
C ASP A 12 -4.25 11.42 -3.31
N PRO A 13 -3.90 12.04 -4.45
CA PRO A 13 -2.52 12.14 -4.91
C PRO A 13 -1.74 13.21 -4.17
N GLN A 14 -2.44 14.24 -3.69
CA GLN A 14 -1.82 15.34 -2.97
C GLN A 14 -1.95 15.14 -1.46
N ASN A 15 -3.10 14.65 -1.04
CA ASN A 15 -3.37 14.42 0.39
C ASN A 15 -2.90 13.03 0.80
N GLY A 16 -2.76 12.14 -0.17
CA GLY A 16 -2.32 10.78 0.12
C GLY A 16 -3.50 9.82 0.30
N PHE A 17 -3.40 8.95 1.30
CA PHE A 17 -4.47 7.99 1.56
C PHE A 17 -5.59 8.64 2.36
N ASP A 18 -6.49 7.81 2.86
CA ASP A 18 -7.61 8.30 3.66
C ASP A 18 -7.65 7.58 5.01
N VAL A 19 -6.52 7.64 5.72
CA VAL A 19 -6.40 6.99 7.03
C VAL A 19 -7.61 7.28 7.91
N ASN A 20 -8.27 8.41 7.67
CA ASN A 20 -9.44 8.78 8.45
C ASN A 20 -10.62 7.86 8.16
N ASN A 21 -10.60 7.23 6.98
CA ASN A 21 -11.67 6.32 6.59
C ASN A 21 -11.13 5.03 5.99
N LEU A 22 -9.90 4.67 6.36
CA LEU A 22 -9.28 3.44 5.86
C LEU A 22 -9.96 2.21 6.45
N ASP A 23 -9.79 1.07 5.78
CA ASP A 23 -10.40 -0.17 6.23
C ASP A 23 -9.51 -0.85 7.28
N PRO A 24 -10.12 -1.40 8.35
CA PRO A 24 -9.37 -2.06 9.43
C PRO A 24 -8.46 -3.17 8.92
N ASP A 25 -8.73 -3.64 7.71
CA ASP A 25 -7.92 -4.72 7.13
C ASP A 25 -6.64 -4.17 6.51
N LEU A 26 -6.79 -3.25 5.56
CA LEU A 26 -5.63 -2.66 4.88
C LEU A 26 -4.85 -1.73 5.82
N ARG A 27 -5.58 -1.00 6.65
CA ARG A 27 -4.95 -0.08 7.60
C ARG A 27 -4.08 -0.86 8.59
N SER A 28 -4.53 -2.06 8.94
CA SER A 28 -3.77 -2.90 9.86
C SER A 28 -2.43 -3.30 9.24
N LEU A 29 -2.43 -3.51 7.92
CA LEU A 29 -1.22 -3.89 7.21
C LEU A 29 -0.12 -2.86 7.43
N PHE A 30 -0.46 -1.59 7.21
CA PHE A 30 0.50 -0.51 7.40
C PHE A 30 1.08 -0.54 8.81
N SER A 31 0.21 -0.75 9.79
CA SER A 31 0.64 -0.80 11.18
C SER A 31 1.63 -1.94 11.41
N ARG A 32 1.26 -3.14 10.95
CA ARG A 32 2.12 -4.30 11.08
C ARG A 32 3.46 -4.09 10.39
N ALA A 33 3.44 -3.29 9.33
CA ALA A 33 4.65 -3.00 8.57
C ALA A 33 5.48 -1.90 9.24
N GLY A 34 4.82 -1.11 10.08
CA GLY A 34 5.50 -0.03 10.76
C GLY A 34 5.31 1.31 10.09
N ILE A 35 4.34 1.39 9.18
CA ILE A 35 4.05 2.62 8.48
C ILE A 35 3.08 3.50 9.26
N SER A 36 3.52 4.72 9.58
CA SER A 36 2.69 5.65 10.33
C SER A 36 1.80 6.46 9.40
N GLU A 37 0.71 7.00 9.94
CA GLU A 37 -0.22 7.79 9.15
C GLU A 37 0.50 8.89 8.38
N ALA A 38 1.64 9.32 8.93
CA ALA A 38 2.43 10.37 8.29
C ALA A 38 2.78 9.99 6.85
N GLN A 39 3.15 8.74 6.65
CA GLN A 39 3.51 8.25 5.32
C GLN A 39 2.27 7.98 4.48
N LEU A 40 1.18 7.61 5.14
CA LEU A 40 -0.08 7.34 4.45
C LEU A 40 -0.69 8.62 3.89
N THR A 41 -0.35 9.74 4.50
CA THR A 41 -0.87 11.04 4.07
C THR A 41 0.14 11.78 3.18
N ASP A 42 1.34 11.23 3.04
CA ASP A 42 2.37 11.85 2.21
C ASP A 42 2.16 11.51 0.74
N ALA A 43 1.99 12.54 -0.08
CA ALA A 43 1.77 12.36 -1.52
C ALA A 43 2.83 11.43 -2.11
N GLU A 44 4.05 11.51 -1.60
CA GLU A 44 5.14 10.71 -2.10
C GLU A 44 5.00 9.24 -1.67
N THR A 45 4.98 9.02 -0.36
CA THR A 45 4.86 7.67 0.17
C THR A 45 3.50 7.06 -0.15
N SER A 46 2.47 7.91 -0.17
CA SER A 46 1.13 7.43 -0.48
C SER A 46 1.10 6.75 -1.84
N LYS A 47 1.82 7.32 -2.80
CA LYS A 47 1.89 6.77 -4.15
C LYS A 47 2.50 5.37 -4.15
N LEU A 48 3.69 5.24 -3.56
CA LEU A 48 4.36 3.96 -3.51
C LEU A 48 3.60 2.95 -2.65
N ILE A 49 2.91 3.45 -1.62
CA ILE A 49 2.15 2.60 -0.72
C ILE A 49 0.91 2.00 -1.41
N TYR A 50 -0.03 2.84 -1.79
CA TYR A 50 -1.26 2.35 -2.43
C TYR A 50 -0.92 1.48 -3.63
N ASP A 51 0.13 1.85 -4.36
CA ASP A 51 0.58 1.10 -5.52
C ASP A 51 0.84 -0.36 -5.15
N PHE A 52 1.30 -0.56 -3.92
CA PHE A 52 1.56 -1.91 -3.42
C PHE A 52 0.27 -2.71 -3.33
N ILE A 53 -0.80 -2.04 -2.90
CA ILE A 53 -2.11 -2.67 -2.80
C ILE A 53 -2.52 -3.24 -4.16
N GLU A 54 -2.05 -2.60 -5.22
CA GLU A 54 -2.35 -3.06 -6.57
C GLU A 54 -1.64 -4.37 -6.87
N ASP A 55 -0.42 -4.51 -6.35
CA ASP A 55 0.35 -5.73 -6.56
C ASP A 55 -0.25 -6.89 -5.77
N GLN A 56 -0.94 -6.56 -4.68
CA GLN A 56 -1.57 -7.57 -3.83
C GLN A 56 -2.95 -7.94 -4.34
N GLY A 57 -3.29 -7.50 -5.55
CA GLY A 57 -4.59 -7.81 -6.11
C GLY A 57 -5.58 -6.66 -5.92
N GLY A 58 -5.06 -5.47 -5.64
CA GLY A 58 -5.92 -4.31 -5.45
C GLY A 58 -6.49 -4.22 -4.05
N LEU A 59 -7.15 -3.10 -3.77
CA LEU A 59 -7.75 -2.86 -2.45
C LEU A 59 -8.56 -4.06 -2.00
N GLU A 60 -9.37 -4.61 -2.90
CA GLU A 60 -10.23 -5.74 -2.58
C GLU A 60 -9.41 -6.98 -2.19
N ALA A 61 -8.25 -7.15 -2.84
CA ALA A 61 -7.40 -8.29 -2.57
C ALA A 61 -6.71 -8.16 -1.21
N VAL A 62 -6.36 -6.94 -0.84
CA VAL A 62 -5.69 -6.69 0.43
C VAL A 62 -6.60 -7.07 1.60
N ARG A 63 -7.71 -6.37 1.72
CA ARG A 63 -8.67 -6.67 2.78
C ARG A 63 -9.04 -8.15 2.74
N GLN A 64 -9.16 -8.68 1.53
CA GLN A 64 -9.50 -10.10 1.32
C GLN A 64 -8.42 -11.03 1.86
N GLU A 65 -7.16 -10.74 1.51
CA GLU A 65 -6.05 -11.60 1.90
C GLU A 65 -5.80 -11.52 3.40
N MET A 66 -5.83 -10.31 3.95
CA MET A 66 -5.61 -10.11 5.38
C MET A 66 -6.58 -10.95 6.19
N ARG A 67 -7.77 -11.18 5.62
CA ARG A 67 -8.81 -11.96 6.28
C ARG A 67 -8.54 -13.45 6.18
N ARG A 68 -8.07 -13.90 5.02
CA ARG A 68 -7.80 -15.30 4.78
C ARG A 68 -6.61 -15.77 5.62
N GLN A 69 -5.72 -14.84 5.93
CA GLN A 69 -4.55 -15.15 6.73
C GLN A 69 -4.92 -15.47 8.17
N GLY A 70 -6.11 -15.05 8.59
CA GLY A 70 -6.56 -15.30 9.94
C GLY A 70 -7.28 -16.63 10.07
N GLY A 71 -6.53 -17.72 10.00
CA GLY A 71 -7.11 -19.04 10.12
C GLY A 71 -7.19 -19.76 8.79
N SER A 72 -7.43 -21.07 8.85
CA SER A 72 -7.53 -21.89 7.64
C SER A 72 -6.28 -21.72 6.76
N GLY A 73 -5.43 -22.75 6.77
CA GLY A 73 -4.22 -22.70 5.98
C GLY A 73 -3.38 -21.48 6.30
N GLY A 74 -2.48 -21.61 7.27
CA GLY A 74 -1.62 -20.52 7.66
C GLY A 74 -2.26 -19.64 8.72
N SER A 75 -2.44 -20.20 9.92
CA SER A 75 -3.04 -19.47 11.02
C SER A 75 -2.26 -18.21 11.34
N GLN A 76 -1.01 -18.15 10.89
CA GLN A 76 -0.16 -16.99 11.15
C GLN A 76 -0.58 -15.79 10.30
N SER A 77 -0.73 -14.64 10.95
CA SER A 77 -1.14 -13.43 10.27
C SER A 77 -0.04 -12.37 10.34
N SER A 78 0.04 -11.52 9.31
CA SER A 78 1.04 -10.45 9.23
C SER A 78 2.35 -10.94 8.63
N GLU A 79 2.77 -12.14 9.02
CA GLU A 79 4.01 -12.72 8.53
C GLU A 79 3.84 -13.20 7.09
N GLY A 80 3.79 -12.25 6.16
CA GLY A 80 3.64 -12.58 4.75
C GLY A 80 3.48 -11.35 3.89
N LEU A 81 2.23 -10.91 3.74
CA LEU A 81 1.94 -9.72 2.93
C LEU A 81 2.61 -8.48 3.54
N VAL A 82 2.59 -8.41 4.87
CA VAL A 82 3.20 -7.29 5.57
C VAL A 82 4.70 -7.23 5.32
N GLY A 83 5.29 -8.38 5.02
CA GLY A 83 6.72 -8.44 4.76
C GLY A 83 7.09 -7.76 3.45
N ALA A 84 6.23 -7.92 2.45
CA ALA A 84 6.47 -7.31 1.14
C ALA A 84 6.43 -5.78 1.24
N LEU A 85 5.37 -5.26 1.85
CA LEU A 85 5.21 -3.82 2.02
C LEU A 85 6.37 -3.25 2.84
N MET A 86 6.74 -3.96 3.90
CA MET A 86 7.84 -3.54 4.76
C MET A 86 9.10 -3.27 3.92
N HIS A 87 9.29 -4.10 2.91
CA HIS A 87 10.43 -3.94 2.01
C HIS A 87 10.25 -2.69 1.15
N VAL A 88 9.05 -2.55 0.59
CA VAL A 88 8.72 -1.40 -0.23
C VAL A 88 9.05 -0.10 0.50
N MET A 89 8.74 -0.07 1.80
CA MET A 89 9.02 1.10 2.61
C MET A 89 10.52 1.35 2.70
N GLN A 90 11.29 0.26 2.80
CA GLN A 90 12.74 0.34 2.87
C GLN A 90 13.30 0.96 1.59
N LYS A 91 12.51 0.91 0.52
CA LYS A 91 12.91 1.46 -0.76
C LYS A 91 13.02 2.98 -0.70
N ARG A 92 11.92 3.60 -0.32
CA ARG A 92 11.85 5.05 -0.21
C ARG A 92 12.69 5.54 0.96
N SER A 93 12.85 4.69 1.96
CA SER A 93 13.66 5.01 3.13
C SER A 93 15.14 4.95 2.80
N ARG A 94 15.51 3.97 1.97
CA ARG A 94 16.89 3.80 1.56
C ARG A 94 17.10 4.32 0.13
N ALA A 95 16.19 5.17 -0.33
CA ALA A 95 16.28 5.73 -1.67
C ALA A 95 17.40 6.78 -1.76
N ILE A 96 17.78 7.11 -3.00
CA ILE A 96 18.85 8.08 -3.22
C ILE A 96 18.32 9.51 -3.17
N HIS A 97 18.39 10.11 -2.00
CA HIS A 97 17.93 11.49 -1.80
C HIS A 97 16.40 11.58 -1.89
N SER A 98 15.85 11.19 -3.03
CA SER A 98 14.40 11.25 -3.23
C SER A 98 14.01 10.79 -4.62
N SER A 99 13.95 9.48 -4.81
CA SER A 99 13.59 8.91 -6.11
C SER A 99 12.13 9.19 -6.44
N ASP A 100 11.82 9.26 -7.74
CA ASP A 100 10.46 9.53 -8.18
C ASP A 100 10.23 8.93 -9.58
N GLU A 101 11.17 9.17 -10.48
CA GLU A 101 11.07 8.66 -11.84
C GLU A 101 12.42 8.15 -12.33
N GLY A 102 12.41 7.01 -13.02
CA GLY A 102 13.64 6.44 -13.53
C GLY A 102 13.52 6.02 -14.97
N GLU A 103 14.53 5.31 -15.47
CA GLU A 103 14.52 4.83 -16.85
C GLU A 103 14.20 3.34 -16.91
N ASP A 104 13.23 2.99 -17.75
CA ASP A 104 12.82 1.60 -17.90
C ASP A 104 11.92 1.42 -19.11
N GLN A 105 11.77 0.19 -19.56
CA GLN A 105 10.93 -0.12 -20.72
C GLN A 105 9.68 -0.88 -20.30
N ALA A 106 9.85 -2.17 -20.00
CA ALA A 106 8.72 -3.01 -19.60
C ALA A 106 8.39 -2.80 -18.12
N GLY A 107 7.34 -2.03 -17.85
CA GLY A 107 6.94 -1.77 -16.48
C GLY A 107 5.46 -1.47 -16.36
N SER A 1 28.71 -3.45 2.73
CA SER A 1 28.95 -4.86 2.36
C SER A 1 27.84 -5.40 1.45
N GLY A 2 27.52 -4.63 0.41
CA GLY A 2 26.47 -5.04 -0.51
C GLY A 2 25.16 -4.35 -0.24
N PHE A 3 25.23 -3.15 0.35
CA PHE A 3 24.03 -2.38 0.66
C PHE A 3 23.57 -1.59 -0.55
N LYS A 4 22.31 -1.18 -0.54
CA LYS A 4 21.73 -0.41 -1.65
C LYS A 4 20.96 0.80 -1.15
N HIS A 5 20.70 1.74 -2.05
CA HIS A 5 19.96 2.95 -1.70
C HIS A 5 18.79 3.16 -2.66
N VAL A 6 17.74 2.36 -2.47
CA VAL A 6 16.56 2.45 -3.33
C VAL A 6 15.35 2.93 -2.54
N SER A 7 14.79 4.06 -2.97
CA SER A 7 13.62 4.63 -2.31
C SER A 7 13.90 4.87 -0.82
N HIS A 8 12.83 5.06 -0.05
CA HIS A 8 12.96 5.28 1.38
C HIS A 8 11.62 5.17 2.08
N VAL A 9 11.05 3.97 2.10
CA VAL A 9 9.77 3.74 2.76
C VAL A 9 9.98 3.54 4.26
N GLY A 10 9.72 4.59 5.03
CA GLY A 10 9.91 4.52 6.47
C GLY A 10 8.62 4.24 7.20
N TRP A 11 7.97 3.13 6.86
CA TRP A 11 6.72 2.75 7.50
C TRP A 11 7.00 1.93 8.77
N ASP A 12 6.08 1.97 9.72
CA ASP A 12 6.25 1.23 10.96
C ASP A 12 5.70 -0.19 10.84
N PRO A 13 6.40 -1.17 11.43
CA PRO A 13 5.99 -2.58 11.38
C PRO A 13 4.81 -2.88 12.29
N GLN A 14 4.64 -2.06 13.32
CA GLN A 14 3.56 -2.26 14.28
C GLN A 14 2.54 -1.14 14.21
N ASN A 15 3.00 0.07 13.91
CA ASN A 15 2.12 1.22 13.80
C ASN A 15 1.56 1.33 12.38
N GLY A 16 2.30 0.80 11.41
CA GLY A 16 1.86 0.86 10.03
C GLY A 16 2.48 2.01 9.27
N PHE A 17 1.76 2.50 8.28
CA PHE A 17 2.24 3.61 7.45
C PHE A 17 2.01 4.95 8.15
N ASP A 18 2.91 5.89 7.90
CA ASP A 18 2.79 7.22 8.50
C ASP A 18 1.84 8.10 7.69
N VAL A 19 0.60 7.67 7.60
CA VAL A 19 -0.42 8.41 6.86
C VAL A 19 -0.41 9.89 7.24
N ASN A 20 0.05 10.18 8.45
CA ASN A 20 0.11 11.55 8.94
C ASN A 20 1.21 12.35 8.22
N ASN A 21 2.17 11.63 7.65
CA ASN A 21 3.27 12.28 6.95
C ASN A 21 3.47 11.69 5.55
N LEU A 22 2.44 11.02 5.04
CA LEU A 22 2.52 10.42 3.71
C LEU A 22 2.52 11.50 2.63
N ASP A 23 3.01 11.15 1.44
CA ASP A 23 3.08 12.08 0.33
C ASP A 23 1.74 12.14 -0.42
N PRO A 24 1.33 13.36 -0.85
CA PRO A 24 0.07 13.54 -1.58
C PRO A 24 -0.04 12.64 -2.80
N ASP A 25 1.11 12.17 -3.29
CA ASP A 25 1.13 11.30 -4.46
C ASP A 25 0.83 9.85 -4.08
N LEU A 26 1.62 9.31 -3.17
CA LEU A 26 1.43 7.92 -2.75
C LEU A 26 0.17 7.76 -1.91
N ARG A 27 -0.13 8.74 -1.07
CA ARG A 27 -1.32 8.70 -0.24
C ARG A 27 -2.57 8.57 -1.12
N SER A 28 -2.58 9.28 -2.23
CA SER A 28 -3.70 9.23 -3.16
C SER A 28 -3.86 7.83 -3.73
N LEU A 29 -2.74 7.17 -3.97
CA LEU A 29 -2.74 5.81 -4.52
C LEU A 29 -3.58 4.88 -3.64
N PHE A 30 -3.40 5.01 -2.32
CA PHE A 30 -4.14 4.18 -1.37
C PHE A 30 -5.62 4.54 -1.40
N SER A 31 -5.91 5.83 -1.32
CA SER A 31 -7.29 6.30 -1.35
C SER A 31 -7.96 5.91 -2.67
N ARG A 32 -7.28 6.22 -3.78
CA ARG A 32 -7.80 5.89 -5.10
C ARG A 32 -7.99 4.38 -5.23
N ALA A 33 -7.18 3.62 -4.51
CA ALA A 33 -7.27 2.17 -4.54
C ALA A 33 -8.35 1.66 -3.58
N GLY A 34 -9.08 2.58 -2.96
CA GLY A 34 -10.14 2.18 -2.03
C GLY A 34 -9.60 1.79 -0.67
N ILE A 35 -8.30 2.00 -0.45
CA ILE A 35 -7.68 1.66 0.83
C ILE A 35 -7.80 2.81 1.83
N SER A 36 -8.41 2.52 2.97
CA SER A 36 -8.58 3.53 4.02
C SER A 36 -7.36 3.57 4.93
N GLU A 37 -7.18 4.69 5.62
CA GLU A 37 -6.06 4.85 6.52
C GLU A 37 -5.99 3.69 7.52
N ALA A 38 -7.15 3.13 7.84
CA ALA A 38 -7.22 2.01 8.77
C ALA A 38 -6.32 0.86 8.31
N GLN A 39 -6.29 0.64 6.99
CA GLN A 39 -5.46 -0.42 6.42
C GLN A 39 -4.00 0.01 6.36
N LEU A 40 -3.78 1.31 6.15
CA LEU A 40 -2.44 1.85 6.08
C LEU A 40 -1.76 1.80 7.45
N THR A 41 -2.57 1.79 8.50
CA THR A 41 -2.05 1.74 9.86
C THR A 41 -2.03 0.31 10.41
N ASP A 42 -2.62 -0.63 9.66
CA ASP A 42 -2.65 -2.02 10.07
C ASP A 42 -1.34 -2.72 9.74
N ALA A 43 -0.61 -3.14 10.77
CA ALA A 43 0.68 -3.79 10.59
C ALA A 43 0.64 -4.85 9.48
N GLU A 44 -0.49 -5.54 9.36
CA GLU A 44 -0.65 -6.56 8.36
C GLU A 44 -0.78 -5.97 6.96
N THR A 45 -1.81 -5.15 6.76
CA THR A 45 -2.06 -4.53 5.48
C THR A 45 -0.97 -3.52 5.10
N SER A 46 -0.44 -2.83 6.10
CA SER A 46 0.62 -1.85 5.86
C SER A 46 1.79 -2.51 5.13
N LYS A 47 2.13 -3.72 5.56
CA LYS A 47 3.23 -4.47 4.97
C LYS A 47 2.99 -4.75 3.50
N LEU A 48 1.86 -5.39 3.20
CA LEU A 48 1.54 -5.74 1.82
C LEU A 48 1.36 -4.48 0.97
N ILE A 49 0.89 -3.40 1.60
CA ILE A 49 0.69 -2.14 0.89
C ILE A 49 2.04 -1.53 0.48
N TYR A 50 2.85 -1.15 1.46
CA TYR A 50 4.14 -0.52 1.15
C TYR A 50 4.95 -1.44 0.23
N ASP A 51 4.88 -2.74 0.48
CA ASP A 51 5.59 -3.71 -0.33
C ASP A 51 5.28 -3.51 -1.81
N PHE A 52 4.04 -3.11 -2.08
CA PHE A 52 3.64 -2.85 -3.47
C PHE A 52 4.43 -1.67 -4.03
N ILE A 53 4.66 -0.68 -3.18
CA ILE A 53 5.45 0.49 -3.58
C ILE A 53 6.82 0.05 -4.07
N GLU A 54 7.31 -1.05 -3.51
CA GLU A 54 8.62 -1.59 -3.88
C GLU A 54 8.56 -2.16 -5.29
N ASP A 55 7.42 -2.72 -5.67
CA ASP A 55 7.25 -3.29 -6.99
C ASP A 55 7.07 -2.19 -8.04
N GLN A 56 6.59 -1.03 -7.60
CA GLN A 56 6.38 0.10 -8.49
C GLN A 56 7.64 0.95 -8.64
N GLY A 57 8.77 0.42 -8.16
CA GLY A 57 10.02 1.16 -8.25
C GLY A 57 10.38 1.86 -6.95
N GLY A 58 9.74 1.46 -5.85
CA GLY A 58 10.02 2.05 -4.56
C GLY A 58 9.25 3.34 -4.33
N LEU A 59 9.29 3.82 -3.09
CA LEU A 59 8.59 5.04 -2.71
C LEU A 59 8.87 6.17 -3.71
N GLU A 60 10.11 6.25 -4.18
CA GLU A 60 10.50 7.29 -5.13
C GLU A 60 9.79 7.12 -6.46
N ALA A 61 9.57 5.87 -6.87
CA ALA A 61 8.92 5.58 -8.13
C ALA A 61 7.42 5.87 -8.09
N VAL A 62 6.80 5.62 -6.93
CA VAL A 62 5.37 5.85 -6.79
C VAL A 62 5.04 7.34 -6.90
N ARG A 63 5.57 8.14 -5.98
CA ARG A 63 5.35 9.58 -6.02
C ARG A 63 5.74 10.12 -7.40
N GLN A 64 6.82 9.57 -7.94
CA GLN A 64 7.32 9.98 -9.25
C GLN A 64 6.33 9.66 -10.36
N GLU A 65 5.84 8.42 -10.39
CA GLU A 65 4.91 7.99 -11.44
C GLU A 65 3.56 8.68 -11.29
N MET A 66 3.08 8.81 -10.05
CA MET A 66 1.81 9.45 -9.79
C MET A 66 1.81 10.86 -10.38
N ARG A 67 2.93 11.55 -10.19
CA ARG A 67 3.09 12.91 -10.71
C ARG A 67 3.44 12.90 -12.19
N ARG A 68 4.35 12.02 -12.57
CA ARG A 68 4.80 11.93 -13.96
C ARG A 68 3.72 11.36 -14.88
N GLN A 69 2.81 10.56 -14.32
CA GLN A 69 1.75 9.96 -15.11
C GLN A 69 0.75 11.01 -15.60
N GLY A 70 0.87 12.24 -15.12
CA GLY A 70 -0.03 13.30 -15.53
C GLY A 70 -1.48 12.87 -15.59
N GLY A 71 -1.97 12.59 -16.79
CA GLY A 71 -3.35 12.17 -16.96
C GLY A 71 -3.75 12.07 -18.41
N SER A 72 -4.12 10.87 -18.84
CA SER A 72 -4.52 10.64 -20.22
C SER A 72 -5.79 11.41 -20.55
N GLY A 73 -5.65 12.44 -21.39
CA GLY A 73 -6.80 13.25 -21.76
C GLY A 73 -6.91 14.51 -20.94
N GLY A 74 -6.40 14.47 -19.72
CA GLY A 74 -6.45 15.62 -18.83
C GLY A 74 -5.46 15.52 -17.69
N SER A 75 -5.92 15.84 -16.49
CA SER A 75 -5.07 15.78 -15.30
C SER A 75 -5.53 14.68 -14.35
N GLN A 76 -6.35 13.76 -14.85
CA GLN A 76 -6.85 12.66 -14.03
C GLN A 76 -5.78 11.60 -13.81
N SER A 77 -5.39 11.41 -12.55
CA SER A 77 -4.39 10.42 -12.20
C SER A 77 -4.98 9.37 -11.27
N SER A 78 -4.96 8.11 -11.71
CA SER A 78 -5.51 7.01 -10.91
C SER A 78 -5.62 5.72 -11.73
N GLU A 79 -6.06 5.84 -12.98
CA GLU A 79 -6.23 4.68 -13.84
C GLU A 79 -4.89 4.11 -14.27
N GLY A 80 -4.53 2.97 -13.67
CA GLY A 80 -3.26 2.33 -14.00
C GLY A 80 -2.59 1.73 -12.78
N LEU A 81 -1.69 2.49 -12.17
CA LEU A 81 -0.97 2.03 -10.99
C LEU A 81 -1.93 1.70 -9.85
N VAL A 82 -2.96 2.53 -9.69
CA VAL A 82 -3.95 2.32 -8.66
C VAL A 82 -4.70 1.01 -8.88
N GLY A 83 -4.74 0.56 -10.13
CA GLY A 83 -5.43 -0.67 -10.46
C GLY A 83 -4.73 -1.88 -9.89
N ALA A 84 -3.39 -1.84 -9.91
CA ALA A 84 -2.59 -2.95 -9.37
C ALA A 84 -2.83 -3.11 -7.87
N LEU A 85 -2.67 -2.00 -7.14
CA LEU A 85 -2.89 -2.01 -5.70
C LEU A 85 -4.24 -2.62 -5.36
N MET A 86 -5.27 -2.17 -6.06
CA MET A 86 -6.63 -2.68 -5.85
C MET A 86 -6.65 -4.20 -5.86
N HIS A 87 -5.89 -4.79 -6.79
CA HIS A 87 -5.80 -6.24 -6.89
C HIS A 87 -5.07 -6.81 -5.67
N VAL A 88 -3.98 -6.16 -5.29
CA VAL A 88 -3.20 -6.58 -4.13
C VAL A 88 -4.10 -6.62 -2.89
N MET A 89 -4.98 -5.64 -2.76
CA MET A 89 -5.90 -5.57 -1.64
C MET A 89 -6.83 -6.78 -1.64
N GLN A 90 -7.25 -7.19 -2.83
CA GLN A 90 -8.11 -8.35 -2.97
C GLN A 90 -7.43 -9.61 -2.44
N LYS A 91 -6.10 -9.56 -2.36
CA LYS A 91 -5.32 -10.68 -1.87
C LYS A 91 -5.55 -10.89 -0.38
N ARG A 92 -5.27 -9.86 0.40
CA ARG A 92 -5.43 -9.91 1.84
C ARG A 92 -6.91 -9.88 2.24
N SER A 93 -7.77 -9.50 1.30
CA SER A 93 -9.20 -9.43 1.58
C SER A 93 -9.82 -10.82 1.60
N ARG A 94 -9.33 -11.69 0.73
CA ARG A 94 -9.82 -13.06 0.66
C ARG A 94 -9.16 -13.94 1.71
N ALA A 95 -8.00 -13.51 2.20
CA ALA A 95 -7.26 -14.26 3.22
C ALA A 95 -7.93 -14.12 4.59
N ILE A 96 -8.33 -15.26 5.15
CA ILE A 96 -8.96 -15.26 6.47
C ILE A 96 -8.14 -16.07 7.46
N HIS A 97 -7.42 -15.37 8.33
CA HIS A 97 -6.59 -16.04 9.33
C HIS A 97 -7.42 -16.43 10.55
N SER A 98 -8.32 -17.38 10.35
CA SER A 98 -9.18 -17.85 11.43
C SER A 98 -10.17 -18.90 10.93
N SER A 99 -9.71 -19.74 10.01
CA SER A 99 -10.56 -20.78 9.44
C SER A 99 -10.33 -22.12 10.16
N ASP A 100 -10.77 -23.19 9.52
CA ASP A 100 -10.63 -24.52 10.10
C ASP A 100 -11.35 -24.62 11.43
N GLU A 101 -12.68 -24.48 11.38
CA GLU A 101 -13.50 -24.55 12.59
C GLU A 101 -14.97 -24.67 12.23
N GLY A 102 -15.80 -24.90 13.23
CA GLY A 102 -17.23 -25.04 13.01
C GLY A 102 -18.06 -24.39 14.10
N GLU A 103 -18.92 -23.46 13.70
CA GLU A 103 -19.78 -22.76 14.66
C GLU A 103 -21.10 -23.50 14.84
N ASP A 104 -21.20 -24.26 15.92
CA ASP A 104 -22.41 -25.02 16.21
C ASP A 104 -23.55 -24.09 16.64
N GLN A 105 -23.19 -23.02 17.35
CA GLN A 105 -24.17 -22.05 17.83
C GLN A 105 -24.97 -21.50 16.67
N ALA A 106 -26.26 -21.88 16.61
CA ALA A 106 -27.14 -21.40 15.55
C ALA A 106 -27.67 -20.01 15.86
N GLY A 107 -27.89 -19.21 14.81
CA GLY A 107 -28.38 -17.87 14.99
C GLY A 107 -27.46 -17.01 15.83
N SER A 1 -19.93 -9.30 -17.74
CA SER A 1 -19.17 -8.03 -17.85
C SER A 1 -20.09 -6.82 -17.73
N GLY A 2 -19.54 -5.63 -17.95
CA GLY A 2 -20.32 -4.41 -17.85
C GLY A 2 -20.14 -3.70 -16.53
N PHE A 3 -19.76 -4.46 -15.51
CA PHE A 3 -19.54 -3.91 -14.17
C PHE A 3 -18.20 -4.34 -13.61
N LYS A 4 -17.21 -3.44 -13.66
CA LYS A 4 -15.89 -3.74 -13.16
C LYS A 4 -15.77 -3.42 -11.66
N HIS A 5 -14.83 -4.07 -10.99
CA HIS A 5 -14.62 -3.85 -9.56
C HIS A 5 -13.31 -3.12 -9.32
N VAL A 6 -13.18 -1.95 -9.95
CA VAL A 6 -11.97 -1.13 -9.81
C VAL A 6 -11.77 -0.71 -8.36
N SER A 7 -10.64 -1.11 -7.78
CA SER A 7 -10.31 -0.76 -6.41
C SER A 7 -9.52 0.54 -6.35
N HIS A 8 -10.14 1.58 -5.82
CA HIS A 8 -9.50 2.89 -5.72
C HIS A 8 -8.78 3.05 -4.38
N VAL A 9 -9.23 2.29 -3.38
CA VAL A 9 -8.64 2.34 -2.05
C VAL A 9 -8.93 3.69 -1.36
N GLY A 10 -9.79 4.50 -1.96
CA GLY A 10 -10.14 5.78 -1.38
C GLY A 10 -8.93 6.56 -0.88
N TRP A 11 -7.76 6.30 -1.45
CA TRP A 11 -6.55 7.00 -1.04
C TRP A 11 -6.37 8.28 -1.87
N ASP A 12 -5.69 9.26 -1.30
CA ASP A 12 -5.45 10.52 -2.00
C ASP A 12 -4.17 10.46 -2.82
N PRO A 13 -4.17 11.04 -4.03
CA PRO A 13 -3.01 11.04 -4.92
C PRO A 13 -1.97 12.07 -4.53
N GLN A 14 -2.44 13.24 -4.08
CA GLN A 14 -1.55 14.32 -3.68
C GLN A 14 -1.22 14.23 -2.20
N ASN A 15 -2.20 13.82 -1.40
CA ASN A 15 -2.01 13.69 0.04
C ASN A 15 -1.45 12.31 0.39
N GLY A 16 -1.80 11.32 -0.42
CA GLY A 16 -1.32 9.97 -0.18
C GLY A 16 -2.39 9.08 0.44
N PHE A 17 -1.97 8.17 1.31
CA PHE A 17 -2.89 7.25 1.96
C PHE A 17 -3.57 7.91 3.16
N ASP A 18 -4.77 7.44 3.48
CA ASP A 18 -5.51 7.98 4.62
C ASP A 18 -5.16 7.24 5.90
N VAL A 19 -3.88 7.26 6.25
CA VAL A 19 -3.39 6.59 7.44
C VAL A 19 -4.24 6.96 8.66
N ASN A 20 -4.87 8.12 8.61
CA ASN A 20 -5.71 8.59 9.70
C ASN A 20 -7.04 7.82 9.73
N ASN A 21 -7.39 7.21 8.61
CA ASN A 21 -8.65 6.46 8.53
C ASN A 21 -8.42 5.08 7.94
N LEU A 22 -7.18 4.59 8.01
CA LEU A 22 -6.85 3.27 7.49
C LEU A 22 -7.45 2.17 8.36
N ASP A 23 -7.61 0.98 7.78
CA ASP A 23 -8.18 -0.15 8.50
C ASP A 23 -7.12 -0.88 9.32
N PRO A 24 -7.49 -1.37 10.52
CA PRO A 24 -6.57 -2.09 11.41
C PRO A 24 -5.95 -3.30 10.73
N ASP A 25 -6.57 -3.76 9.64
CA ASP A 25 -6.07 -4.92 8.92
C ASP A 25 -4.93 -4.52 7.97
N LEU A 26 -5.22 -3.60 7.06
CA LEU A 26 -4.23 -3.15 6.10
C LEU A 26 -3.18 -2.26 6.77
N ARG A 27 -3.62 -1.40 7.68
CA ARG A 27 -2.70 -0.52 8.38
C ARG A 27 -1.65 -1.35 9.12
N SER A 28 -2.05 -2.52 9.60
CA SER A 28 -1.15 -3.43 10.28
C SER A 28 -0.06 -3.92 9.33
N LEU A 29 -0.44 -4.17 8.08
CA LEU A 29 0.50 -4.64 7.06
C LEU A 29 1.66 -3.67 6.93
N PHE A 30 1.35 -2.41 6.61
CA PHE A 30 2.37 -1.37 6.47
C PHE A 30 3.28 -1.36 7.70
N SER A 31 2.68 -1.48 8.87
CA SER A 31 3.42 -1.51 10.12
C SER A 31 4.35 -2.71 10.17
N ARG A 32 3.79 -3.90 10.01
CA ARG A 32 4.56 -5.13 10.03
C ARG A 32 5.61 -5.12 8.92
N ALA A 33 5.35 -4.35 7.87
CA ALA A 33 6.28 -4.24 6.75
C ALA A 33 7.40 -3.24 7.06
N GLY A 34 7.17 -2.37 8.03
CA GLY A 34 8.16 -1.38 8.38
C GLY A 34 7.94 -0.05 7.67
N ILE A 35 6.77 0.12 7.07
CA ILE A 35 6.44 1.35 6.35
C ILE A 35 5.85 2.39 7.28
N SER A 36 6.50 3.55 7.34
CA SER A 36 6.04 4.64 8.20
C SER A 36 5.02 5.51 7.46
N GLU A 37 4.22 6.25 8.23
CA GLU A 37 3.20 7.13 7.65
C GLU A 37 3.82 8.06 6.62
N ALA A 38 5.07 8.43 6.84
CA ALA A 38 5.78 9.32 5.93
C ALA A 38 5.73 8.78 4.50
N GLN A 39 5.92 7.48 4.37
CA GLN A 39 5.89 6.83 3.06
C GLN A 39 4.46 6.66 2.58
N LEU A 40 3.56 6.40 3.52
CA LEU A 40 2.14 6.21 3.19
C LEU A 40 1.51 7.53 2.75
N THR A 41 2.10 8.64 3.18
CA THR A 41 1.58 9.97 2.84
C THR A 41 2.30 10.56 1.63
N ASP A 42 3.33 9.87 1.14
CA ASP A 42 4.08 10.36 -0.02
C ASP A 42 3.36 10.01 -1.31
N ALA A 43 3.10 11.03 -2.13
CA ALA A 43 2.40 10.84 -3.39
C ALA A 43 3.05 9.75 -4.24
N GLU A 44 4.37 9.67 -4.19
CA GLU A 44 5.12 8.69 -4.97
C GLU A 44 4.93 7.28 -4.41
N THR A 45 5.33 7.10 -3.16
CA THR A 45 5.22 5.80 -2.49
C THR A 45 3.77 5.40 -2.30
N SER A 46 2.90 6.39 -2.09
CA SER A 46 1.49 6.13 -1.90
C SER A 46 0.91 5.41 -3.12
N LYS A 47 1.34 5.83 -4.30
CA LYS A 47 0.88 5.23 -5.54
C LYS A 47 1.25 3.76 -5.63
N LEU A 48 2.53 3.46 -5.43
CA LEU A 48 3.01 2.09 -5.51
C LEU A 48 2.44 1.25 -4.37
N ILE A 49 2.22 1.88 -3.22
CA ILE A 49 1.70 1.17 -2.05
C ILE A 49 0.26 0.70 -2.26
N TYR A 50 -0.67 1.65 -2.40
CA TYR A 50 -2.07 1.28 -2.59
C TYR A 50 -2.20 0.35 -3.80
N ASP A 51 -1.37 0.59 -4.81
CA ASP A 51 -1.36 -0.24 -6.00
C ASP A 51 -1.10 -1.69 -5.64
N PHE A 52 -0.29 -1.90 -4.60
CA PHE A 52 0.01 -3.25 -4.13
C PHE A 52 -1.26 -3.93 -3.61
N ILE A 53 -2.12 -3.13 -3.00
CA ILE A 53 -3.38 -3.65 -2.49
C ILE A 53 -4.24 -4.16 -3.64
N GLU A 54 -4.03 -3.60 -4.82
CA GLU A 54 -4.75 -4.01 -6.01
C GLU A 54 -4.28 -5.40 -6.47
N ASP A 55 -2.99 -5.67 -6.26
CA ASP A 55 -2.42 -6.97 -6.63
C ASP A 55 -2.89 -8.05 -5.67
N GLN A 56 -3.23 -7.65 -4.45
CA GLN A 56 -3.70 -8.57 -3.44
C GLN A 56 -5.21 -8.81 -3.55
N GLY A 57 -5.83 -8.20 -4.57
CA GLY A 57 -7.26 -8.37 -4.76
C GLY A 57 -8.03 -7.14 -4.31
N GLY A 58 -7.34 -6.00 -4.23
CA GLY A 58 -7.99 -4.77 -3.81
C GLY A 58 -8.10 -4.66 -2.30
N LEU A 59 -8.45 -3.47 -1.83
CA LEU A 59 -8.59 -3.22 -0.40
C LEU A 59 -9.46 -4.30 0.27
N GLU A 60 -10.49 -4.74 -0.44
CA GLU A 60 -11.39 -5.75 0.07
C GLU A 60 -10.68 -7.09 0.26
N ALA A 61 -9.73 -7.37 -0.62
CA ALA A 61 -8.98 -8.62 -0.56
C ALA A 61 -7.99 -8.61 0.60
N VAL A 62 -7.40 -7.45 0.88
CA VAL A 62 -6.43 -7.33 1.95
C VAL A 62 -7.10 -7.57 3.31
N ARG A 63 -8.16 -6.82 3.59
CA ARG A 63 -8.90 -6.98 4.83
C ARG A 63 -9.32 -8.44 5.00
N GLN A 64 -9.85 -9.01 3.92
CA GLN A 64 -10.31 -10.40 3.92
C GLN A 64 -9.16 -11.37 4.15
N GLU A 65 -8.08 -11.20 3.39
CA GLU A 65 -6.93 -12.11 3.50
C GLU A 65 -6.20 -11.92 4.81
N MET A 66 -6.10 -10.67 5.26
CA MET A 66 -5.44 -10.37 6.53
C MET A 66 -6.09 -11.13 7.67
N ARG A 67 -7.40 -11.34 7.55
CA ARG A 67 -8.15 -12.07 8.57
C ARG A 67 -7.93 -13.57 8.46
N ARG A 68 -7.92 -14.07 7.23
CA ARG A 68 -7.73 -15.49 6.98
C ARG A 68 -6.29 -15.91 7.28
N GLN A 69 -5.37 -14.96 7.16
CA GLN A 69 -3.96 -15.23 7.42
C GLN A 69 -3.69 -15.33 8.92
N GLY A 70 -4.58 -14.76 9.73
CA GLY A 70 -4.42 -14.81 11.16
C GLY A 70 -5.72 -15.18 11.87
N GLY A 71 -5.87 -16.46 12.18
CA GLY A 71 -7.07 -16.93 12.86
C GLY A 71 -7.43 -16.06 14.06
N SER A 72 -8.73 -15.81 14.21
CA SER A 72 -9.22 -14.99 15.32
C SER A 72 -8.50 -13.64 15.36
N GLY A 73 -8.84 -12.83 16.36
CA GLY A 73 -8.21 -11.52 16.48
C GLY A 73 -7.07 -11.52 17.47
N GLY A 74 -5.96 -10.89 17.08
CA GLY A 74 -4.80 -10.83 17.95
C GLY A 74 -3.69 -11.76 17.48
N SER A 75 -4.05 -12.78 16.72
CA SER A 75 -3.07 -13.73 16.21
C SER A 75 -2.82 -13.51 14.73
N GLN A 76 -2.55 -12.26 14.35
CA GLN A 76 -2.30 -11.92 12.96
C GLN A 76 -0.90 -12.38 12.54
N SER A 77 -0.81 -12.90 11.32
CA SER A 77 0.46 -13.40 10.79
C SER A 77 0.95 -12.54 9.63
N SER A 78 2.02 -11.79 9.86
CA SER A 78 2.59 -10.94 8.82
C SER A 78 3.19 -11.77 7.69
N GLU A 79 3.33 -13.07 7.91
CA GLU A 79 3.91 -13.95 6.91
C GLU A 79 2.95 -14.14 5.74
N GLY A 80 3.16 -13.35 4.70
CA GLY A 80 2.31 -13.43 3.52
C GLY A 80 2.33 -12.13 2.72
N LEU A 81 1.30 -11.32 2.88
CA LEU A 81 1.20 -10.05 2.18
C LEU A 81 2.30 -9.09 2.62
N VAL A 82 2.67 -9.15 3.90
CA VAL A 82 3.71 -8.27 4.43
C VAL A 82 5.06 -8.56 3.78
N GLY A 83 5.29 -9.81 3.42
CA GLY A 83 6.53 -10.18 2.78
C GLY A 83 6.63 -9.63 1.37
N ALA A 84 5.54 -9.73 0.62
CA ALA A 84 5.50 -9.22 -0.74
C ALA A 84 5.64 -7.70 -0.75
N LEU A 85 4.85 -7.03 0.09
CA LEU A 85 4.91 -5.58 0.17
C LEU A 85 6.33 -5.11 0.44
N MET A 86 6.99 -5.77 1.39
CA MET A 86 8.37 -5.44 1.73
C MET A 86 9.24 -5.47 0.48
N HIS A 87 8.93 -6.40 -0.42
CA HIS A 87 9.66 -6.52 -1.68
C HIS A 87 9.37 -5.31 -2.57
N VAL A 88 8.15 -4.77 -2.46
CA VAL A 88 7.76 -3.61 -3.23
C VAL A 88 8.51 -2.36 -2.74
N MET A 89 8.62 -2.23 -1.43
CA MET A 89 9.33 -1.11 -0.84
C MET A 89 10.80 -1.14 -1.25
N GLN A 90 11.36 -2.34 -1.32
CA GLN A 90 12.74 -2.53 -1.72
C GLN A 90 13.00 -1.89 -3.09
N LYS A 91 11.93 -1.70 -3.85
CA LYS A 91 12.03 -1.09 -5.17
C LYS A 91 12.37 0.39 -5.05
N ARG A 92 11.70 1.07 -4.12
CA ARG A 92 11.95 2.49 -3.88
C ARG A 92 13.26 2.69 -3.13
N SER A 93 13.61 1.72 -2.30
CA SER A 93 14.83 1.78 -1.52
C SER A 93 16.05 1.45 -2.37
N ARG A 94 15.85 0.60 -3.37
CA ARG A 94 16.93 0.20 -4.26
C ARG A 94 16.81 0.87 -5.63
N ALA A 95 15.85 1.77 -5.78
CA ALA A 95 15.66 2.47 -7.05
C ALA A 95 16.71 3.55 -7.24
N ILE A 96 16.68 4.16 -8.42
CA ILE A 96 17.60 5.23 -8.72
C ILE A 96 16.82 6.53 -8.86
N HIS A 97 16.76 7.30 -7.78
CA HIS A 97 16.08 8.58 -7.81
C HIS A 97 16.66 9.46 -8.91
N SER A 98 16.09 9.35 -10.10
CA SER A 98 16.56 10.09 -11.26
C SER A 98 15.41 10.81 -11.94
N SER A 99 15.74 11.82 -12.75
CA SER A 99 14.73 12.60 -13.45
C SER A 99 15.34 13.40 -14.59
N ASP A 100 15.87 14.56 -14.26
CA ASP A 100 16.50 15.42 -15.25
C ASP A 100 15.56 15.69 -16.42
N GLU A 101 14.79 16.77 -16.32
CA GLU A 101 13.85 17.14 -17.38
C GLU A 101 13.21 18.49 -17.10
N GLY A 102 14.02 19.55 -17.16
CA GLY A 102 13.51 20.88 -16.91
C GLY A 102 12.85 21.01 -15.56
N GLU A 103 11.53 21.23 -15.55
CA GLU A 103 10.78 21.37 -14.32
C GLU A 103 11.00 20.18 -13.40
N ASP A 104 11.57 20.42 -12.22
CA ASP A 104 11.83 19.37 -11.27
C ASP A 104 10.54 18.85 -10.65
N GLN A 105 9.70 18.22 -11.47
CA GLN A 105 8.43 17.68 -11.00
C GLN A 105 8.46 16.15 -10.97
N ALA A 106 8.27 15.60 -9.77
CA ALA A 106 8.28 14.16 -9.60
C ALA A 106 6.94 13.54 -9.99
N GLY A 107 6.91 12.91 -11.15
CA GLY A 107 5.68 12.30 -11.64
C GLY A 107 5.95 11.13 -12.57
N SER A 1 -8.17 -11.36 -17.55
CA SER A 1 -9.13 -11.81 -18.59
C SER A 1 -10.56 -11.70 -18.11
N GLY A 2 -10.81 -10.75 -17.21
CA GLY A 2 -12.15 -10.57 -16.69
C GLY A 2 -12.29 -11.13 -15.28
N PHE A 3 -11.21 -11.08 -14.51
CA PHE A 3 -11.22 -11.57 -13.14
C PHE A 3 -11.76 -10.51 -12.19
N LYS A 4 -12.59 -10.95 -11.24
CA LYS A 4 -13.17 -10.03 -10.26
C LYS A 4 -12.24 -9.86 -9.05
N HIS A 5 -12.40 -8.74 -8.35
CA HIS A 5 -11.58 -8.46 -7.19
C HIS A 5 -12.21 -7.38 -6.31
N VAL A 6 -13.40 -7.68 -5.79
CA VAL A 6 -14.12 -6.73 -4.95
C VAL A 6 -13.29 -6.34 -3.73
N SER A 7 -13.29 -5.04 -3.41
CA SER A 7 -12.54 -4.54 -2.26
C SER A 7 -13.24 -3.33 -1.65
N HIS A 8 -13.34 -3.33 -0.32
CA HIS A 8 -13.98 -2.23 0.39
C HIS A 8 -12.96 -1.39 1.15
N VAL A 9 -12.03 -0.81 0.42
CA VAL A 9 -10.99 0.02 1.02
C VAL A 9 -11.56 1.34 1.52
N GLY A 10 -12.01 2.17 0.59
CA GLY A 10 -12.59 3.46 0.95
C GLY A 10 -11.53 4.50 1.28
N TRP A 11 -10.49 4.56 0.45
CA TRP A 11 -9.41 5.52 0.66
C TRP A 11 -9.74 6.85 -0.02
N ASP A 12 -9.17 7.93 0.49
CA ASP A 12 -9.42 9.25 -0.07
C ASP A 12 -8.43 9.56 -1.19
N PRO A 13 -8.90 10.18 -2.28
CA PRO A 13 -8.04 10.52 -3.42
C PRO A 13 -7.19 11.76 -3.18
N GLN A 14 -7.75 12.74 -2.47
CA GLN A 14 -7.04 13.97 -2.17
C GLN A 14 -6.26 13.84 -0.86
N ASN A 15 -6.88 13.22 0.14
CA ASN A 15 -6.24 13.03 1.44
C ASN A 15 -5.40 11.76 1.45
N GLY A 16 -5.77 10.79 0.62
CA GLY A 16 -5.04 9.54 0.57
C GLY A 16 -5.68 8.46 1.42
N PHE A 17 -4.85 7.62 2.02
CA PHE A 17 -5.34 6.53 2.87
C PHE A 17 -5.68 7.05 4.26
N ASP A 18 -6.79 6.57 4.82
CA ASP A 18 -7.22 6.98 6.14
C ASP A 18 -6.39 6.33 7.22
N VAL A 19 -5.10 6.66 7.26
CA VAL A 19 -4.19 6.10 8.25
C VAL A 19 -4.73 6.28 9.67
N ASN A 20 -5.57 7.31 9.84
CA ASN A 20 -6.16 7.59 11.14
C ASN A 20 -7.24 6.57 11.49
N ASN A 21 -7.75 5.87 10.49
CA ASN A 21 -8.79 4.87 10.71
C ASN A 21 -8.45 3.54 10.04
N LEU A 22 -7.17 3.34 9.75
CA LEU A 22 -6.71 2.10 9.13
C LEU A 22 -6.82 0.92 10.10
N ASP A 23 -6.85 -0.29 9.54
CA ASP A 23 -6.96 -1.50 10.35
C ASP A 23 -5.58 -1.96 10.82
N PRO A 24 -5.49 -2.46 12.06
CA PRO A 24 -4.23 -2.93 12.64
C PRO A 24 -3.55 -3.99 11.78
N ASP A 25 -4.33 -4.62 10.91
CA ASP A 25 -3.81 -5.67 10.04
C ASP A 25 -3.13 -5.07 8.81
N LEU A 26 -3.88 -4.28 8.06
CA LEU A 26 -3.36 -3.66 6.85
C LEU A 26 -2.34 -2.57 7.18
N ARG A 27 -2.54 -1.89 8.30
CA ARG A 27 -1.62 -0.84 8.72
C ARG A 27 -0.25 -1.44 9.04
N SER A 28 -0.25 -2.65 9.58
CA SER A 28 0.99 -3.35 9.91
C SER A 28 1.80 -3.63 8.64
N LEU A 29 1.09 -3.91 7.55
CA LEU A 29 1.74 -4.18 6.27
C LEU A 29 2.63 -3.01 5.87
N PHE A 30 2.02 -1.83 5.75
CA PHE A 30 2.76 -0.62 5.39
C PHE A 30 3.99 -0.46 6.26
N SER A 31 3.84 -0.74 7.55
CA SER A 31 4.94 -0.65 8.50
C SER A 31 6.04 -1.64 8.14
N ARG A 32 5.68 -2.91 8.02
CA ARG A 32 6.64 -3.96 7.67
C ARG A 32 7.30 -3.66 6.34
N ALA A 33 6.58 -2.97 5.46
CA ALA A 33 7.10 -2.61 4.15
C ALA A 33 7.97 -1.36 4.22
N GLY A 34 7.78 -0.57 5.28
CA GLY A 34 8.55 0.64 5.44
C GLY A 34 7.85 1.86 4.87
N ILE A 35 6.55 1.74 4.65
CA ILE A 35 5.76 2.84 4.11
C ILE A 35 5.25 3.76 5.21
N SER A 36 5.67 5.03 5.15
CA SER A 36 5.25 6.02 6.14
C SER A 36 3.94 6.68 5.74
N GLU A 37 3.26 7.28 6.71
CA GLU A 37 1.99 7.95 6.45
C GLU A 37 2.12 8.94 5.29
N ALA A 38 3.33 9.48 5.11
CA ALA A 38 3.58 10.42 4.03
C ALA A 38 3.15 9.84 2.68
N GLN A 39 3.51 8.57 2.46
CA GLN A 39 3.14 7.89 1.23
C GLN A 39 1.69 7.41 1.28
N LEU A 40 1.24 7.07 2.48
CA LEU A 40 -0.14 6.60 2.67
C LEU A 40 -1.12 7.75 2.47
N THR A 41 -0.67 8.98 2.74
CA THR A 41 -1.51 10.16 2.57
C THR A 41 -1.25 10.85 1.24
N ASP A 42 -0.28 10.34 0.47
CA ASP A 42 0.05 10.93 -0.83
C ASP A 42 -0.92 10.42 -1.89
N ALA A 43 -1.64 11.35 -2.51
CA ALA A 43 -2.61 11.00 -3.55
C ALA A 43 -2.01 10.07 -4.60
N GLU A 44 -0.72 10.28 -4.90
CA GLU A 44 -0.03 9.47 -5.90
C GLU A 44 0.23 8.06 -5.39
N THR A 45 1.00 7.96 -4.30
CA THR A 45 1.33 6.67 -3.73
C THR A 45 0.11 5.97 -3.15
N SER A 46 -0.79 6.75 -2.54
CA SER A 46 -1.99 6.20 -1.95
C SER A 46 -2.76 5.40 -3.00
N LYS A 47 -2.81 5.92 -4.22
CA LYS A 47 -3.51 5.26 -5.32
C LYS A 47 -2.91 3.88 -5.60
N LEU A 48 -1.61 3.85 -5.86
CA LEU A 48 -0.93 2.59 -6.18
C LEU A 48 -0.93 1.63 -4.99
N ILE A 49 -0.91 2.19 -3.79
CA ILE A 49 -0.89 1.37 -2.57
C ILE A 49 -2.21 0.60 -2.39
N TYR A 50 -3.31 1.33 -2.21
CA TYR A 50 -4.61 0.69 -2.01
C TYR A 50 -4.88 -0.32 -3.12
N ASP A 51 -4.45 0.02 -4.34
CA ASP A 51 -4.62 -0.87 -5.48
C ASP A 51 -4.04 -2.24 -5.19
N PHE A 52 -2.96 -2.26 -4.41
CA PHE A 52 -2.31 -3.51 -4.04
C PHE A 52 -3.26 -4.36 -3.19
N ILE A 53 -3.95 -3.70 -2.25
CA ILE A 53 -4.90 -4.40 -1.41
C ILE A 53 -5.93 -5.14 -2.25
N GLU A 54 -6.21 -4.60 -3.43
CA GLU A 54 -7.16 -5.19 -4.35
C GLU A 54 -6.61 -6.50 -4.92
N ASP A 55 -5.30 -6.53 -5.17
CA ASP A 55 -4.66 -7.73 -5.71
C ASP A 55 -4.60 -8.83 -4.64
N GLN A 56 -4.60 -8.43 -3.38
CA GLN A 56 -4.56 -9.37 -2.27
C GLN A 56 -5.96 -9.86 -1.89
N GLY A 57 -6.95 -9.53 -2.72
CA GLY A 57 -8.32 -9.94 -2.43
C GLY A 57 -9.13 -8.84 -1.78
N GLY A 58 -8.66 -7.61 -1.90
CA GLY A 58 -9.37 -6.48 -1.33
C GLY A 58 -9.06 -6.27 0.14
N LEU A 59 -9.50 -5.14 0.68
CA LEU A 59 -9.27 -4.82 2.09
C LEU A 59 -9.64 -6.00 2.99
N GLU A 60 -10.76 -6.64 2.69
CA GLU A 60 -11.22 -7.77 3.49
C GLU A 60 -10.24 -8.93 3.43
N ALA A 61 -9.61 -9.12 2.28
CA ALA A 61 -8.65 -10.20 2.11
C ALA A 61 -7.34 -9.92 2.85
N VAL A 62 -6.96 -8.64 2.92
CA VAL A 62 -5.72 -8.25 3.58
C VAL A 62 -5.81 -8.50 5.07
N ARG A 63 -6.71 -7.80 5.75
CA ARG A 63 -6.89 -7.99 7.19
C ARG A 63 -7.07 -9.46 7.52
N GLN A 64 -7.84 -10.15 6.68
CA GLN A 64 -8.09 -11.57 6.86
C GLN A 64 -6.79 -12.38 6.73
N GLU A 65 -6.08 -12.18 5.62
CA GLU A 65 -4.83 -12.90 5.38
C GLU A 65 -3.73 -12.44 6.32
N MET A 66 -3.80 -11.18 6.74
CA MET A 66 -2.81 -10.61 7.65
C MET A 66 -2.85 -11.33 8.99
N ARG A 67 -4.04 -11.74 9.40
CA ARG A 67 -4.21 -12.44 10.67
C ARG A 67 -3.75 -13.89 10.53
N ARG A 68 -4.01 -14.48 9.38
CA ARG A 68 -3.62 -15.86 9.12
C ARG A 68 -2.10 -15.95 8.96
N GLN A 69 -1.47 -14.83 8.58
CA GLN A 69 -0.04 -14.79 8.41
C GLN A 69 0.67 -14.45 9.72
N GLY A 70 -0.06 -13.84 10.64
CA GLY A 70 0.51 -13.48 11.92
C GLY A 70 -0.16 -12.27 12.53
N GLY A 71 -0.40 -11.24 11.72
CA GLY A 71 -1.04 -10.04 12.21
C GLY A 71 -0.14 -9.25 13.15
N SER A 72 -0.76 -8.41 13.99
CA SER A 72 -0.02 -7.60 14.93
C SER A 72 0.03 -8.28 16.31
N GLY A 73 0.77 -9.37 16.40
CA GLY A 73 0.88 -10.09 17.65
C GLY A 73 1.20 -11.56 17.46
N GLY A 74 2.20 -12.04 18.20
CA GLY A 74 2.59 -13.44 18.09
C GLY A 74 3.55 -13.68 16.95
N SER A 75 3.27 -14.69 16.14
CA SER A 75 4.12 -15.03 15.01
C SER A 75 3.84 -14.12 13.82
N GLN A 76 4.13 -12.83 13.99
CA GLN A 76 3.91 -11.85 12.92
C GLN A 76 4.97 -12.00 11.84
N SER A 77 4.56 -12.48 10.67
CA SER A 77 5.48 -12.67 9.56
C SER A 77 5.09 -11.81 8.35
N SER A 78 5.99 -10.93 7.95
CA SER A 78 5.75 -10.06 6.80
C SER A 78 5.97 -10.81 5.48
N GLU A 79 6.34 -12.09 5.56
CA GLU A 79 6.61 -12.87 4.37
C GLU A 79 5.31 -13.18 3.62
N GLY A 80 5.04 -12.39 2.59
CA GLY A 80 3.84 -12.57 1.81
C GLY A 80 3.39 -11.27 1.17
N LEU A 81 2.37 -10.65 1.74
CA LEU A 81 1.84 -9.40 1.22
C LEU A 81 2.86 -8.27 1.32
N VAL A 82 3.66 -8.29 2.39
CA VAL A 82 4.67 -7.24 2.59
C VAL A 82 5.73 -7.27 1.49
N GLY A 83 6.05 -8.46 1.03
CA GLY A 83 7.07 -8.59 0.00
C GLY A 83 6.60 -8.05 -1.34
N ALA A 84 5.37 -8.37 -1.72
CA ALA A 84 4.81 -7.90 -2.98
C ALA A 84 4.65 -6.39 -2.97
N LEU A 85 4.07 -5.87 -1.91
CA LEU A 85 3.87 -4.43 -1.77
C LEU A 85 5.18 -3.68 -1.89
N MET A 86 6.20 -4.15 -1.18
CA MET A 86 7.51 -3.53 -1.22
C MET A 86 8.00 -3.38 -2.65
N HIS A 87 7.56 -4.28 -3.52
CA HIS A 87 7.95 -4.24 -4.93
C HIS A 87 7.13 -3.21 -5.68
N VAL A 88 5.83 -3.16 -5.40
CA VAL A 88 4.96 -2.19 -6.06
C VAL A 88 5.45 -0.77 -5.78
N MET A 89 5.86 -0.52 -4.55
CA MET A 89 6.38 0.78 -4.17
C MET A 89 7.66 1.09 -4.93
N GLN A 90 8.43 0.04 -5.21
CA GLN A 90 9.67 0.18 -5.98
C GLN A 90 9.38 0.64 -7.40
N LYS A 91 8.16 0.39 -7.85
CA LYS A 91 7.75 0.73 -9.21
C LYS A 91 7.66 2.24 -9.40
N ARG A 92 6.84 2.87 -8.58
CA ARG A 92 6.61 4.31 -8.68
C ARG A 92 7.85 5.09 -8.24
N SER A 93 8.69 4.46 -7.43
CA SER A 93 9.90 5.10 -6.96
C SER A 93 10.95 5.14 -8.07
N ARG A 94 10.84 4.22 -9.01
CA ARG A 94 11.76 4.16 -10.15
C ARG A 94 11.14 4.74 -11.41
N ALA A 95 9.91 5.24 -11.30
CA ALA A 95 9.22 5.81 -12.47
C ALA A 95 9.80 7.16 -12.84
N ILE A 96 9.37 7.66 -13.99
CA ILE A 96 9.80 8.95 -14.46
C ILE A 96 8.63 9.77 -14.98
N HIS A 97 7.90 10.41 -14.08
CA HIS A 97 6.77 11.24 -14.46
C HIS A 97 6.99 12.68 -13.98
N SER A 98 7.51 12.81 -12.78
CA SER A 98 7.80 14.12 -12.21
C SER A 98 9.25 14.17 -11.71
N SER A 99 10.10 13.34 -12.32
CA SER A 99 11.50 13.29 -11.94
C SER A 99 12.24 14.54 -12.38
N ASP A 100 13.52 14.62 -12.04
CA ASP A 100 14.34 15.79 -12.39
C ASP A 100 13.76 17.06 -11.79
N GLU A 101 14.25 17.44 -10.62
CA GLU A 101 13.78 18.65 -9.95
C GLU A 101 13.98 19.88 -10.82
N GLY A 102 14.92 19.79 -11.76
CA GLY A 102 15.20 20.90 -12.65
C GLY A 102 16.48 20.70 -13.44
N GLU A 103 17.58 21.23 -12.92
CA GLU A 103 18.86 21.12 -13.59
C GLU A 103 19.27 19.65 -13.73
N ASP A 104 19.74 19.28 -14.91
CA ASP A 104 20.16 17.92 -15.18
C ASP A 104 21.44 17.58 -14.43
N GLN A 105 22.24 18.61 -14.12
CA GLN A 105 23.49 18.42 -13.41
C GLN A 105 23.29 18.54 -11.91
N ALA A 106 24.38 18.56 -11.16
CA ALA A 106 24.33 18.68 -9.71
C ALA A 106 24.13 20.13 -9.28
N GLY A 107 23.16 20.35 -8.40
CA GLY A 107 22.89 21.70 -7.92
C GLY A 107 22.27 21.71 -6.54
#